data_6ZNQ
#
_entry.id   6ZNQ
#
_cell.length_a   140.570
_cell.length_b   140.570
_cell.length_c   210.066
_cell.angle_alpha   90.000
_cell.angle_beta   90.000
_cell.angle_gamma   90.000
#
_symmetry.space_group_name_H-M   'P 41 21 2'
#
loop_
_entity.id
_entity.type
_entity.pdbx_description
1 polymer 'Uncharacterized ATP-dependent helicase YprA'
2 polymer ssDNA
3 non-polymer 'ZINC ION'
4 non-polymer 'CITRIC ACID'
5 non-polymer 'PHOSPHOAMINOPHOSPHONIC ACID-ADENYLATE ESTER'
#
loop_
_entity_poly.entity_id
_entity_poly.type
_entity_poly.pdbx_seq_one_letter_code
_entity_poly.pdbx_strand_id
1 'polypeptide(L)'
;GAMKKKSLTELISDLKGNENVVNWHEIEPREAKTRPMPESIDERIKAALSKRGIDELYTHQYSAFQYVQKGESIVTVTPT
ASGKTLCYNLPVLQSIAQDETNRALYLFPTKALAQDQKSELNEIIDEMGIDIKSFTYDGDTSPAIRQKVRKAGHIVITNP
DMLHSAILPHHTKWVSLFENLKYIVIDELHTYRGVFGSHVANVIRRLKRICRFYGSDPVFICTSATIANPKELGEQLTGK
PMRLVDDNGAPSGRKHFVFYNPPIVNKPLNIRRSATAEVNELAKEFLKNKVQTIVFARSRVRVEIILSHIQELVKKEIGT
KSIRGYRGGYLPKERREIERGLREGDILGVVSTNALELGVDIGQLQVCVMTGYPGSVASAWQQAGRAGRRHGESLIIMVA
NSTPIDQYIVRHPEYFFNRSPESARINPENLIILVDHLKCAAYELPFRADEEFGAMEVSDILEYLQEEAVLHRNGERYHW
ASESFPASNISLRSASQENVVIVDQSDIANVRIIGEMDRFSAMTLLHDEAIYLHEGVQYQVEKLDWDHKKAYVRKVDVEY
YTDANLAVQLKVLEIDKTKEKSRTSLHYGDVTVNALPTIFKKIKMTTFENIGSGPIHLPEEELHTSAAWLEIKTADEDIG
EKTLEQLLLGISNVLQHIVPVYIMCDRNDVHVVSQIKAAHTGLPTIFLYDHYPGGIGLAEEVFKRFSDINEAAKQLITHC
PCHDGCPSCIGTEIEGIKAKERILQLLDQMS
;
A,B
2 'polydeoxyribonucleotide' (DT)(DA)(DT)(DA)(DA)(DA)(DC)(DC)(DA)(DG)(DA)(DC)(DC)(DG)(DT)(DC) C,D
#
# COMPACT_ATOMS: atom_id res chain seq x y z
N LYS A 4 18.84 -33.52 44.26
CA LYS A 4 18.80 -33.63 42.81
C LYS A 4 18.30 -32.33 42.19
N LYS A 5 17.77 -31.43 43.03
CA LYS A 5 17.26 -30.14 42.57
C LYS A 5 17.81 -29.05 43.48
N LYS A 6 18.48 -28.06 42.88
CA LYS A 6 19.08 -26.96 43.62
C LYS A 6 18.45 -25.64 43.19
N SER A 7 18.24 -24.74 44.15
CA SER A 7 17.71 -23.43 43.85
C SER A 7 18.81 -22.55 43.29
N LEU A 8 18.42 -21.35 42.82
CA LEU A 8 19.42 -20.42 42.33
C LEU A 8 20.36 -20.00 43.44
N THR A 9 19.81 -19.68 44.63
CA THR A 9 20.66 -19.28 45.74
C THR A 9 21.54 -20.43 46.19
N GLU A 10 21.01 -21.66 46.18
CA GLU A 10 21.82 -22.83 46.52
C GLU A 10 22.96 -23.02 45.53
N LEU A 11 22.69 -22.79 44.24
CA LEU A 11 23.72 -22.89 43.22
C LEU A 11 24.77 -21.78 43.39
N ILE A 12 24.32 -20.58 43.78
CA ILE A 12 25.26 -19.52 44.11
C ILE A 12 26.15 -19.93 45.27
N SER A 13 25.55 -20.56 46.30
CA SER A 13 26.34 -21.02 47.43
C SER A 13 27.40 -22.01 46.98
N ASP A 14 27.02 -22.94 46.11
CA ASP A 14 27.99 -23.92 45.62
C ASP A 14 29.12 -23.24 44.86
N LEU A 15 28.78 -22.25 44.02
CA LEU A 15 29.81 -21.51 43.30
C LEU A 15 30.73 -20.74 44.24
N LYS A 16 30.16 -20.13 45.29
CA LYS A 16 30.91 -19.23 46.16
C LYS A 16 32.10 -19.93 46.79
N GLY A 17 31.93 -21.17 47.19
CA GLY A 17 32.96 -21.91 47.87
C GLY A 17 33.78 -22.77 46.94
N ASN A 18 34.92 -23.25 47.47
CA ASN A 18 35.76 -24.29 46.88
C ASN A 18 35.67 -24.37 45.37
N GLU A 19 36.04 -23.32 44.65
CA GLU A 19 35.82 -23.30 43.21
C GLU A 19 37.06 -22.69 42.55
N ASN A 20 37.01 -22.59 41.22
CA ASN A 20 37.95 -21.79 40.45
C ASN A 20 37.55 -20.33 40.37
N VAL A 21 36.68 -19.87 41.27
CA VAL A 21 36.34 -18.46 41.30
C VAL A 21 37.53 -17.67 41.84
N VAL A 22 37.81 -16.54 41.20
CA VAL A 22 38.90 -15.67 41.63
C VAL A 22 38.42 -14.31 42.11
N ASN A 23 37.18 -13.91 41.82
CA ASN A 23 36.69 -12.67 42.42
C ASN A 23 35.18 -12.73 42.58
N TRP A 24 34.70 -12.11 43.67
CA TRP A 24 33.28 -12.00 43.94
C TRP A 24 32.95 -10.55 44.24
N HIS A 25 31.99 -9.99 43.51
CA HIS A 25 31.63 -8.58 43.60
C HIS A 25 30.13 -8.47 43.85
N GLU A 26 29.74 -7.94 45.00
CA GLU A 26 28.33 -7.85 45.36
C GLU A 26 27.81 -6.45 45.06
N ILE A 27 26.84 -6.37 44.16
CA ILE A 27 26.13 -5.14 43.81
C ILE A 27 24.83 -5.13 44.60
N GLU A 28 24.69 -4.13 45.47
CA GLU A 28 23.61 -4.11 46.43
C GLU A 28 22.26 -3.92 45.75
N PRO A 29 21.19 -4.47 46.33
CA PRO A 29 19.86 -4.19 45.81
C PRO A 29 19.52 -2.72 46.03
N ARG A 30 18.68 -2.20 45.15
CA ARG A 30 18.25 -0.81 45.23
C ARG A 30 16.74 -0.77 45.13
N GLU A 31 16.09 -0.31 46.18
CA GLU A 31 14.64 -0.17 46.16
C GLU A 31 14.24 1.04 45.31
N ALA A 32 13.08 0.92 44.69
CA ALA A 32 12.60 1.94 43.77
C ALA A 32 12.53 3.30 44.44
N LYS A 33 12.83 4.34 43.67
CA LYS A 33 12.54 5.72 44.03
C LYS A 33 11.54 6.24 43.02
N THR A 34 10.52 6.95 43.49
CA THR A 34 9.32 7.12 42.69
C THR A 34 8.67 8.48 42.95
N ARG A 35 7.91 8.93 41.98
CA ARG A 35 7.02 10.09 42.08
C ARG A 35 5.66 9.72 41.50
N PRO A 36 4.61 10.47 41.84
CA PRO A 36 3.29 10.15 41.31
C PRO A 36 3.14 10.54 39.85
N MET A 37 2.20 9.86 39.20
CA MET A 37 1.87 10.18 37.82
C MET A 37 1.39 11.63 37.72
N PRO A 38 2.04 12.48 36.91
CA PRO A 38 1.58 13.88 36.80
C PRO A 38 0.15 13.94 36.30
N GLU A 39 -0.80 14.26 37.17
CA GLU A 39 -2.22 14.12 36.83
C GLU A 39 -2.70 15.20 35.86
N SER A 40 -1.79 15.98 35.28
CA SER A 40 -2.14 16.72 34.07
C SER A 40 -2.19 15.81 32.85
N ILE A 41 -1.82 14.54 33.00
CA ILE A 41 -1.83 13.58 31.90
C ILE A 41 -3.25 13.24 31.49
N ASP A 42 -3.43 12.93 30.20
CA ASP A 42 -4.73 12.49 29.71
C ASP A 42 -5.18 11.23 30.44
N GLU A 43 -6.48 11.19 30.76
CA GLU A 43 -7.00 10.12 31.60
C GLU A 43 -6.91 8.77 30.90
N ARG A 44 -7.18 8.74 29.59
CA ARG A 44 -7.03 7.50 28.84
C ARG A 44 -5.59 7.01 28.89
N ILE A 45 -4.63 7.93 28.87
CA ILE A 45 -3.23 7.52 28.95
C ILE A 45 -2.92 6.96 30.32
N LYS A 46 -3.45 7.60 31.38
CA LYS A 46 -3.26 7.06 32.73
C LYS A 46 -3.84 5.66 32.85
N ALA A 47 -5.02 5.44 32.27
CA ALA A 47 -5.66 4.14 32.34
C ALA A 47 -4.87 3.08 31.58
N ALA A 48 -4.41 3.42 30.38
CA ALA A 48 -3.63 2.48 29.60
C ALA A 48 -2.35 2.09 30.32
N LEU A 49 -1.72 3.06 31.00
CA LEU A 49 -0.52 2.75 31.77
C LEU A 49 -0.83 1.99 33.06
N SER A 50 -1.98 2.26 33.69
CA SER A 50 -2.37 1.50 34.87
C SER A 50 -2.60 0.03 34.53
N LYS A 51 -3.18 -0.24 33.36
CA LYS A 51 -3.31 -1.63 32.93
C LYS A 51 -1.94 -2.30 32.81
N ARG A 52 -0.91 -1.54 32.45
CA ARG A 52 0.45 -2.05 32.25
C ARG A 52 1.26 -2.05 33.54
N GLY A 53 0.61 -1.96 34.69
CA GLY A 53 1.31 -1.91 35.96
C GLY A 53 2.01 -0.61 36.25
N ILE A 54 1.74 0.43 35.48
CA ILE A 54 2.40 1.73 35.66
C ILE A 54 1.35 2.65 36.28
N ASP A 55 1.39 2.79 37.60
CA ASP A 55 0.57 3.75 38.31
C ASP A 55 1.34 4.97 38.78
N GLU A 56 2.54 4.75 39.32
CA GLU A 56 3.48 5.83 39.62
C GLU A 56 4.66 5.76 38.67
N LEU A 57 5.38 6.88 38.56
CA LEU A 57 6.53 6.98 37.68
C LEU A 57 7.81 6.88 38.49
N TYR A 58 8.88 6.48 37.81
CA TYR A 58 10.17 6.45 38.47
C TYR A 58 10.76 7.86 38.49
N THR A 59 11.81 8.04 39.30
CA THR A 59 12.44 9.36 39.38
C THR A 59 12.94 9.81 38.01
N HIS A 60 13.62 8.92 37.29
CA HIS A 60 14.15 9.30 35.99
C HIS A 60 13.04 9.51 34.97
N GLN A 61 11.98 8.70 35.01
CA GLN A 61 10.86 8.94 34.12
C GLN A 61 10.18 10.27 34.42
N TYR A 62 10.01 10.59 35.70
CA TYR A 62 9.40 11.86 36.09
C TYR A 62 10.28 13.04 35.67
N SER A 63 11.57 12.96 35.94
CA SER A 63 12.49 14.03 35.56
C SER A 63 12.47 14.23 34.05
N ALA A 64 12.49 13.12 33.30
CA ALA A 64 12.38 13.19 31.85
C ALA A 64 11.12 13.94 31.43
N PHE A 65 9.99 13.55 32.01
CA PHE A 65 8.73 14.19 31.61
C PHE A 65 8.77 15.69 31.88
N GLN A 66 9.19 16.10 33.08
CA GLN A 66 9.13 17.53 33.39
C GLN A 66 10.10 18.31 32.52
N TYR A 67 11.32 17.79 32.36
CA TYR A 67 12.33 18.43 31.52
C TYR A 67 11.80 18.64 30.11
N VAL A 68 11.17 17.60 29.55
CA VAL A 68 10.64 17.67 28.19
C VAL A 68 9.43 18.59 28.13
N GLN A 69 8.63 18.61 29.19
CA GLN A 69 7.45 19.48 29.23
C GLN A 69 7.85 20.95 29.17
N LYS A 70 9.02 21.30 29.71
CA LYS A 70 9.41 22.70 29.62
C LYS A 70 10.21 23.03 28.36
N GLY A 71 10.65 22.04 27.60
CA GLY A 71 11.39 22.31 26.38
C GLY A 71 12.88 22.13 26.46
N GLU A 72 13.38 21.51 27.52
CA GLU A 72 14.80 21.20 27.64
C GLU A 72 15.06 19.81 27.07
N SER A 73 16.10 19.69 26.25
CA SER A 73 16.44 18.42 25.65
C SER A 73 17.15 17.53 26.66
N ILE A 74 16.88 16.22 26.60
CA ILE A 74 17.39 15.33 27.64
C ILE A 74 18.12 14.16 27.00
N VAL A 75 19.07 13.62 27.76
CA VAL A 75 19.70 12.34 27.45
C VAL A 75 19.64 11.50 28.71
N THR A 76 18.90 10.40 28.64
CA THR A 76 18.61 9.57 29.80
C THR A 76 19.41 8.28 29.72
N VAL A 77 20.06 7.93 30.82
CA VAL A 77 20.80 6.66 30.88
C VAL A 77 19.94 5.63 31.60
N THR A 78 19.01 5.01 30.88
CA THR A 78 18.11 4.05 31.47
C THR A 78 18.65 2.65 31.22
N PRO A 79 19.08 1.93 32.26
CA PRO A 79 19.60 0.58 32.07
C PRO A 79 18.54 -0.38 31.54
N THR A 80 18.89 -1.66 31.49
CA THR A 80 17.95 -2.66 31.00
C THR A 80 16.79 -2.83 31.99
N ALA A 81 15.58 -2.95 31.44
CA ALA A 81 14.35 -3.15 32.21
C ALA A 81 14.18 -2.05 33.27
N SER A 82 14.50 -0.82 32.88
CA SER A 82 14.40 0.34 33.76
C SER A 82 13.36 1.34 33.27
N GLY A 83 12.37 0.88 32.49
CA GLY A 83 11.39 1.77 31.93
C GLY A 83 11.98 2.77 30.96
N LYS A 84 12.85 2.29 30.07
CA LYS A 84 13.46 3.14 29.06
C LYS A 84 12.39 3.79 28.17
N THR A 85 11.53 2.95 27.58
CA THR A 85 10.65 3.41 26.51
C THR A 85 9.71 4.51 27.00
N LEU A 86 9.18 4.37 28.21
CA LEU A 86 8.17 5.31 28.68
C LEU A 86 8.73 6.73 28.79
N CYS A 87 10.05 6.88 29.00
CA CYS A 87 10.65 8.20 29.11
C CYS A 87 10.35 9.08 27.91
N TYR A 88 10.35 8.50 26.70
CA TYR A 88 9.96 9.26 25.53
C TYR A 88 8.55 8.97 25.04
N ASN A 89 7.94 7.84 25.45
CA ASN A 89 6.57 7.58 25.04
C ASN A 89 5.56 8.45 25.77
N LEU A 90 5.82 8.77 27.05
CA LEU A 90 4.84 9.56 27.80
C LEU A 90 4.74 10.99 27.27
N PRO A 91 5.84 11.75 27.10
CA PRO A 91 5.69 13.09 26.50
C PRO A 91 5.03 13.07 25.13
N VAL A 92 5.43 12.12 24.27
CA VAL A 92 4.92 12.08 22.91
C VAL A 92 3.42 11.79 22.90
N LEU A 93 3.00 10.73 23.60
CA LEU A 93 1.58 10.38 23.60
C LEU A 93 0.75 11.46 24.27
N GLN A 94 1.27 12.05 25.35
CA GLN A 94 0.59 13.19 25.98
C GLN A 94 0.39 14.33 24.99
N SER A 95 1.47 14.76 24.33
CA SER A 95 1.38 15.93 23.45
C SER A 95 0.53 15.66 22.22
N ILE A 96 0.48 14.41 21.75
CA ILE A 96 -0.40 14.13 20.62
C ILE A 96 -1.86 14.05 21.07
N ALA A 97 -2.13 13.47 22.25
CA ALA A 97 -3.49 13.44 22.76
C ALA A 97 -4.01 14.85 23.06
N GLN A 98 -3.12 15.77 23.42
CA GLN A 98 -3.47 17.18 23.61
C GLN A 98 -3.96 17.77 22.29
N ASP A 99 -3.04 17.93 21.34
CA ASP A 99 -3.33 18.51 20.03
C ASP A 99 -2.97 17.44 19.01
N GLU A 100 -4.00 16.83 18.40
CA GLU A 100 -3.77 15.69 17.51
C GLU A 100 -3.05 16.07 16.22
N THR A 101 -2.77 17.35 15.99
CA THR A 101 -1.98 17.77 14.84
C THR A 101 -0.48 17.56 15.06
N ASN A 102 -0.06 17.21 16.26
CA ASN A 102 1.36 17.09 16.59
C ASN A 102 1.94 15.80 16.01
N ARG A 103 3.27 15.81 15.84
CA ARG A 103 3.98 14.71 15.20
C ARG A 103 5.31 14.48 15.90
N ALA A 104 5.91 13.30 15.64
CA ALA A 104 7.15 12.92 16.29
C ALA A 104 7.98 12.01 15.40
N LEU A 105 9.29 12.21 15.42
CA LEU A 105 10.28 11.33 14.79
C LEU A 105 10.92 10.42 15.83
N TYR A 106 10.99 9.14 15.51
CA TYR A 106 11.76 8.16 16.27
C TYR A 106 12.95 7.73 15.41
N LEU A 107 14.15 7.94 15.93
CA LEU A 107 15.37 7.54 15.24
C LEU A 107 15.92 6.27 15.90
N PHE A 108 15.86 5.16 15.18
CA PHE A 108 16.33 3.90 15.73
C PHE A 108 17.50 3.36 14.92
N PRO A 109 18.53 2.82 15.59
CA PRO A 109 19.73 2.37 14.86
C PRO A 109 19.48 1.21 13.92
N THR A 110 18.43 0.42 14.13
CA THR A 110 18.12 -0.68 13.24
C THR A 110 16.63 -0.67 12.90
N LYS A 111 16.29 -1.36 11.81
CA LYS A 111 14.89 -1.48 11.44
C LYS A 111 14.15 -2.42 12.40
N ALA A 112 14.84 -3.43 12.93
CA ALA A 112 14.20 -4.36 13.85
C ALA A 112 13.70 -3.63 15.10
N LEU A 113 14.55 -2.78 15.68
CA LEU A 113 14.13 -2.01 16.85
C LEU A 113 12.99 -1.06 16.50
N ALA A 114 13.00 -0.51 15.29
CA ALA A 114 11.90 0.33 14.84
C ALA A 114 10.59 -0.45 14.83
N GLN A 115 10.61 -1.67 14.28
CA GLN A 115 9.40 -2.48 14.24
C GLN A 115 8.92 -2.80 15.65
N ASP A 116 9.84 -3.15 16.54
CA ASP A 116 9.45 -3.49 17.92
C ASP A 116 8.83 -2.27 18.61
N GLN A 117 9.40 -1.08 18.39
CA GLN A 117 8.84 0.12 18.99
C GLN A 117 7.46 0.43 18.42
N LYS A 118 7.29 0.24 17.11
CA LYS A 118 5.97 0.42 16.53
C LYS A 118 4.96 -0.53 17.17
N SER A 119 5.38 -1.77 17.43
CA SER A 119 4.48 -2.73 18.04
C SER A 119 4.04 -2.29 19.43
N GLU A 120 5.02 -1.90 20.27
CA GLU A 120 4.68 -1.45 21.62
C GLU A 120 3.78 -0.22 21.59
N LEU A 121 4.11 0.75 20.72
CA LEU A 121 3.29 1.95 20.60
C LEU A 121 1.88 1.61 20.14
N ASN A 122 1.76 0.65 19.23
CA ASN A 122 0.44 0.25 18.75
C ASN A 122 -0.37 -0.39 19.87
N GLU A 123 0.28 -1.18 20.73
CA GLU A 123 -0.42 -1.77 21.87
C GLU A 123 -0.94 -0.69 22.82
N ILE A 124 -0.07 0.27 23.18
CA ILE A 124 -0.51 1.33 24.09
C ILE A 124 -1.56 2.22 23.44
N ILE A 125 -1.47 2.44 22.12
CA ILE A 125 -2.46 3.25 21.41
C ILE A 125 -3.81 2.55 21.41
N ASP A 126 -3.81 1.24 21.14
CA ASP A 126 -5.05 0.46 21.21
C ASP A 126 -5.67 0.53 22.59
N GLU A 127 -4.84 0.42 23.64
CA GLU A 127 -5.39 0.53 25.00
C GLU A 127 -5.88 1.93 25.31
N MET A 128 -5.29 2.96 24.70
CA MET A 128 -5.76 4.33 24.90
C MET A 128 -7.12 4.57 24.27
N GLY A 129 -7.30 4.13 23.01
CA GLY A 129 -8.54 4.31 22.30
C GLY A 129 -8.62 5.52 21.39
N ILE A 130 -7.55 6.29 21.23
CA ILE A 130 -7.53 7.45 20.34
C ILE A 130 -6.89 7.02 19.03
N ASP A 131 -7.41 7.54 17.91
CA ASP A 131 -6.88 7.21 16.59
C ASP A 131 -5.58 7.97 16.37
N ILE A 132 -4.50 7.42 16.93
CA ILE A 132 -3.14 7.91 16.72
C ILE A 132 -2.39 6.82 15.99
N LYS A 133 -1.83 7.17 14.84
CA LYS A 133 -1.18 6.21 13.96
C LYS A 133 0.33 6.35 14.10
N SER A 134 1.02 5.23 14.28
CA SER A 134 2.48 5.20 14.31
C SER A 134 2.95 4.23 13.24
N PHE A 135 3.79 4.74 12.33
CA PHE A 135 4.28 3.98 11.19
C PHE A 135 5.80 3.95 11.21
N THR A 136 6.36 2.90 10.61
CA THR A 136 7.78 2.87 10.33
C THR A 136 7.99 3.24 8.87
N TYR A 137 8.99 4.08 8.61
CA TYR A 137 9.32 4.49 7.26
C TYR A 137 10.78 4.18 7.00
N ASP A 138 11.17 2.92 7.18
CA ASP A 138 12.53 2.51 6.89
C ASP A 138 12.64 2.11 5.43
N GLY A 139 13.74 1.46 5.06
CA GLY A 139 13.90 1.01 3.69
C GLY A 139 12.93 -0.08 3.31
N ASP A 140 12.51 -0.89 4.29
CA ASP A 140 11.65 -2.05 4.04
C ASP A 140 10.20 -1.67 3.86
N THR A 141 9.84 -0.41 4.09
CA THR A 141 8.48 0.06 3.82
C THR A 141 8.19 0.00 2.33
N SER A 142 7.16 -0.76 1.95
CA SER A 142 6.86 -0.92 0.54
C SER A 142 6.49 0.43 -0.08
N PRO A 143 6.92 0.70 -1.30
CA PRO A 143 6.73 2.04 -1.87
C PRO A 143 5.28 2.50 -1.97
N ALA A 144 4.31 1.58 -1.90
CA ALA A 144 2.90 1.96 -1.98
C ALA A 144 2.46 2.69 -0.72
N ILE A 145 2.75 2.11 0.46
CA ILE A 145 2.27 2.67 1.71
C ILE A 145 3.01 3.96 2.08
N ARG A 146 4.16 4.22 1.45
CA ARG A 146 5.00 5.34 1.85
C ARG A 146 4.28 6.67 1.71
N GLN A 147 3.52 6.84 0.63
CA GLN A 147 2.79 8.09 0.42
C GLN A 147 1.76 8.31 1.52
N LYS A 148 1.02 7.25 1.88
CA LYS A 148 0.05 7.34 2.97
C LYS A 148 0.74 7.70 4.29
N VAL A 149 1.86 7.01 4.59
CA VAL A 149 2.57 7.23 5.85
C VAL A 149 3.01 8.69 5.98
N ARG A 150 3.49 9.26 4.88
CA ARG A 150 3.97 10.65 4.91
C ARG A 150 2.91 11.60 5.44
N LYS A 151 1.66 11.40 5.04
CA LYS A 151 0.60 12.36 5.36
C LYS A 151 -0.48 11.76 6.26
N ALA A 152 -0.18 10.67 6.97
CA ALA A 152 -1.13 10.13 7.92
C ALA A 152 -0.49 9.78 9.26
N GLY A 153 0.79 9.43 9.24
CA GLY A 153 1.46 8.95 10.43
C GLY A 153 1.75 10.07 11.40
N HIS A 154 1.21 9.98 12.62
CA HIS A 154 1.57 10.94 13.66
C HIS A 154 2.98 10.69 14.17
N ILE A 155 3.36 9.42 14.29
CA ILE A 155 4.68 9.03 14.73
C ILE A 155 5.35 8.31 13.57
N VAL A 156 6.55 8.77 13.19
CA VAL A 156 7.31 8.19 12.09
C VAL A 156 8.61 7.62 12.65
N ILE A 157 8.84 6.33 12.42
CA ILE A 157 9.94 5.60 13.03
C ILE A 157 10.88 5.17 11.91
N THR A 158 12.12 5.68 11.93
CA THR A 158 13.04 5.48 10.81
C THR A 158 14.44 5.23 11.35
N ASN A 159 15.42 5.39 10.48
CA ASN A 159 16.84 5.32 10.77
C ASN A 159 17.46 6.69 10.57
N PRO A 160 18.65 6.92 11.13
CA PRO A 160 19.45 8.05 10.61
C PRO A 160 19.73 7.86 9.14
N ASP A 161 19.95 6.61 8.74
CA ASP A 161 20.23 6.28 7.35
C ASP A 161 19.07 6.68 6.45
N MET A 162 17.86 6.30 6.81
CA MET A 162 16.68 6.59 6.00
C MET A 162 16.27 8.05 6.13
N LEU A 163 16.65 8.70 7.23
CA LEU A 163 16.48 10.14 7.35
C LEU A 163 17.37 10.87 6.36
N HIS A 164 18.63 10.45 6.27
CA HIS A 164 19.57 10.94 5.27
C HIS A 164 19.07 10.73 3.85
N SER A 165 18.72 9.49 3.50
CA SER A 165 18.56 9.15 2.09
C SER A 165 17.19 9.54 1.54
N ALA A 166 16.16 9.64 2.37
CA ALA A 166 14.85 9.83 1.76
C ALA A 166 13.98 10.92 2.37
N ILE A 167 13.96 11.04 3.70
CA ILE A 167 13.00 11.94 4.32
C ILE A 167 13.43 13.39 4.14
N LEU A 168 14.68 13.70 4.48
CA LEU A 168 15.12 15.10 4.36
C LEU A 168 15.11 15.57 2.91
N PRO A 169 15.70 14.85 1.94
CA PRO A 169 15.72 15.38 0.57
C PRO A 169 14.34 15.60 -0.01
N HIS A 170 13.33 14.87 0.45
CA HIS A 170 11.98 15.10 -0.04
C HIS A 170 11.13 15.73 1.05
N HIS A 171 11.67 16.75 1.72
CA HIS A 171 10.95 17.40 2.81
C HIS A 171 9.63 18.02 2.33
N THR A 172 9.55 18.39 1.05
CA THR A 172 8.28 18.92 0.53
C THR A 172 7.17 17.87 0.60
N LYS A 173 7.52 16.59 0.53
CA LYS A 173 6.53 15.53 0.67
C LYS A 173 6.29 15.18 2.13
N TRP A 174 7.02 15.80 3.06
CA TRP A 174 6.84 15.61 4.50
C TRP A 174 6.39 16.89 5.23
N VAL A 175 5.79 17.84 4.52
CA VAL A 175 5.28 19.09 5.10
C VAL A 175 4.52 18.84 6.40
N SER A 176 3.48 18.01 6.34
CA SER A 176 2.66 17.74 7.51
C SER A 176 3.50 17.36 8.72
N LEU A 177 4.52 16.52 8.52
CA LEU A 177 5.40 16.14 9.62
C LEU A 177 6.20 17.33 10.14
N PHE A 178 6.82 18.09 9.24
CA PHE A 178 7.82 19.05 9.68
C PHE A 178 7.23 20.31 10.32
N GLU A 179 6.04 20.73 9.88
CA GLU A 179 5.46 21.95 10.46
C GLU A 179 5.04 21.73 11.92
N ASN A 180 4.63 20.51 12.27
CA ASN A 180 4.24 20.21 13.64
C ASN A 180 5.15 19.16 14.26
N LEU A 181 6.44 19.42 14.33
CA LEU A 181 7.38 18.49 14.95
C LEU A 181 7.72 19.01 16.34
N LYS A 182 7.28 18.27 17.36
CA LYS A 182 7.50 18.66 18.74
C LYS A 182 8.58 17.84 19.42
N TYR A 183 8.68 16.56 19.08
CA TYR A 183 9.66 15.68 19.70
C TYR A 183 10.45 14.95 18.63
N ILE A 184 11.72 14.70 18.94
CA ILE A 184 12.58 13.85 18.15
C ILE A 184 13.26 12.90 19.11
N VAL A 185 13.06 11.60 18.91
CA VAL A 185 13.61 10.58 19.79
C VAL A 185 14.81 9.95 19.10
N ILE A 186 15.89 9.78 19.85
CA ILE A 186 17.10 9.13 19.39
C ILE A 186 17.39 8.03 20.41
N ASP A 187 17.28 6.77 19.98
CA ASP A 187 17.18 5.66 20.92
C ASP A 187 18.51 5.09 21.40
N GLU A 188 19.57 5.13 20.60
CA GLU A 188 20.83 4.53 21.03
C GLU A 188 21.99 5.46 20.69
N LEU A 189 22.02 6.59 21.38
CA LEU A 189 23.00 7.65 21.21
C LEU A 189 24.42 7.11 21.10
N HIS A 190 24.76 6.11 21.90
CA HIS A 190 26.11 5.59 21.93
C HIS A 190 26.50 4.92 20.61
N THR A 191 25.55 4.33 19.90
CA THR A 191 25.88 3.69 18.62
C THR A 191 26.23 4.68 17.53
N TYR A 192 25.84 5.94 17.69
CA TYR A 192 26.23 7.00 16.75
C TYR A 192 27.48 7.70 17.27
N ARG A 193 28.59 6.98 17.21
CA ARG A 193 29.89 7.49 17.60
C ARG A 193 30.89 7.23 16.47
N GLY A 194 32.10 7.76 16.64
CA GLY A 194 33.12 7.57 15.63
C GLY A 194 32.79 8.30 14.34
N VAL A 195 33.19 7.71 13.21
CA VAL A 195 32.90 8.31 11.91
C VAL A 195 31.41 8.22 11.59
N PHE A 196 30.79 7.10 11.94
CA PHE A 196 29.34 6.97 11.77
C PHE A 196 28.60 8.03 12.56
N GLY A 197 29.04 8.28 13.80
CA GLY A 197 28.44 9.36 14.58
C GLY A 197 28.71 10.72 13.97
N SER A 198 29.90 10.89 13.38
CA SER A 198 30.21 12.13 12.67
C SER A 198 29.23 12.37 11.53
N HIS A 199 28.90 11.33 10.77
CA HIS A 199 27.91 11.42 9.70
C HIS A 199 26.54 11.78 10.28
N VAL A 200 26.12 11.06 11.32
CA VAL A 200 24.78 11.27 11.88
C VAL A 200 24.65 12.68 12.44
N ALA A 201 25.74 13.25 12.97
CA ALA A 201 25.69 14.61 13.49
C ALA A 201 25.25 15.60 12.41
N ASN A 202 25.88 15.52 11.23
CA ASN A 202 25.50 16.40 10.14
C ASN A 202 24.11 16.07 9.60
N VAL A 203 23.71 14.80 9.66
CA VAL A 203 22.34 14.47 9.30
C VAL A 203 21.36 15.22 10.23
N ILE A 204 21.65 15.24 11.52
CA ILE A 204 20.79 15.96 12.47
C ILE A 204 20.86 17.47 12.24
N ARG A 205 22.02 17.98 11.81
CA ARG A 205 22.11 19.39 11.45
C ARG A 205 21.18 19.73 10.29
N ARG A 206 21.16 18.87 9.27
CA ARG A 206 20.24 19.08 8.16
C ARG A 206 18.79 18.98 8.62
N LEU A 207 18.51 18.04 9.53
CA LEU A 207 17.17 17.96 10.11
C LEU A 207 16.81 19.26 10.82
N LYS A 208 17.76 19.82 11.56
CA LYS A 208 17.55 21.08 12.25
C LYS A 208 17.19 22.20 11.27
N ARG A 209 17.93 22.30 10.17
CA ARG A 209 17.66 23.40 9.25
C ARG A 209 16.31 23.22 8.55
N ILE A 210 15.94 21.98 8.20
CA ILE A 210 14.61 21.76 7.64
C ILE A 210 13.53 22.14 8.64
N CYS A 211 13.74 21.78 9.92
CA CYS A 211 12.74 22.08 10.94
C CYS A 211 12.59 23.58 11.14
N ARG A 212 13.70 24.27 11.37
CA ARG A 212 13.67 25.72 11.52
C ARG A 212 13.14 26.42 10.28
N PHE A 213 13.18 25.77 9.11
CA PHE A 213 12.54 26.36 7.95
C PHE A 213 11.03 26.17 7.97
N TYR A 214 10.56 24.97 8.33
CA TYR A 214 9.12 24.70 8.28
C TYR A 214 8.37 25.24 9.49
N GLY A 215 9.06 25.89 10.42
CA GLY A 215 8.39 26.54 11.53
C GLY A 215 8.06 25.61 12.68
N SER A 216 9.08 24.95 13.22
CA SER A 216 8.93 24.13 14.41
C SER A 216 10.30 23.78 14.99
N ASP A 217 10.52 24.13 16.26
CA ASP A 217 11.75 23.78 16.95
C ASP A 217 11.42 22.62 17.88
N PRO A 218 11.75 21.39 17.53
CA PRO A 218 11.41 20.24 18.38
C PRO A 218 12.48 20.04 19.44
N VAL A 219 12.15 19.16 20.40
CA VAL A 219 13.04 18.88 21.51
C VAL A 219 13.48 17.42 21.43
N PHE A 220 14.72 17.17 21.80
CA PHE A 220 15.36 15.88 21.60
C PHE A 220 15.30 15.07 22.88
N ILE A 221 14.81 13.84 22.77
CA ILE A 221 14.82 12.87 23.85
C ILE A 221 15.75 11.76 23.42
N CYS A 222 16.86 11.60 24.12
CA CYS A 222 17.85 10.61 23.76
C CYS A 222 17.96 9.54 24.85
N THR A 223 18.17 8.31 24.43
CA THR A 223 18.49 7.20 25.32
C THR A 223 19.92 6.76 25.07
N SER A 224 20.71 6.61 26.12
CA SER A 224 22.09 6.21 25.95
C SER A 224 22.41 5.00 26.81
N ALA A 225 23.44 4.27 26.39
CA ALA A 225 24.02 3.22 27.20
C ALA A 225 25.00 3.85 28.18
N THR A 226 25.73 3.02 28.93
CA THR A 226 26.66 3.53 29.94
C THR A 226 27.99 3.84 29.25
N ILE A 227 28.05 5.02 28.66
CA ILE A 227 29.31 5.58 28.19
C ILE A 227 29.65 6.75 29.10
N ALA A 228 30.95 7.01 29.24
CA ALA A 228 31.42 7.99 30.23
C ALA A 228 30.92 9.39 29.93
N ASN A 229 30.63 9.69 28.66
CA ASN A 229 30.26 11.04 28.23
C ASN A 229 28.93 10.98 27.49
N PRO A 230 27.84 10.73 28.21
CA PRO A 230 26.53 10.65 27.54
C PRO A 230 25.97 12.03 27.21
N LYS A 231 26.03 12.96 28.15
CA LYS A 231 25.61 14.33 27.85
C LYS A 231 26.51 14.95 26.80
N GLU A 232 27.81 14.66 26.86
CA GLU A 232 28.75 15.25 25.91
C GLU A 232 28.46 14.78 24.50
N LEU A 233 28.34 13.46 24.31
CA LEU A 233 27.99 12.93 23.00
C LEU A 233 26.62 13.43 22.56
N GLY A 234 25.68 13.53 23.49
CA GLY A 234 24.35 14.02 23.14
C GLY A 234 24.37 15.43 22.62
N GLU A 235 25.12 16.32 23.27
CA GLU A 235 25.21 17.69 22.79
C GLU A 235 25.95 17.77 21.47
N GLN A 236 27.10 17.06 21.37
CA GLN A 236 27.88 17.08 20.15
C GLN A 236 27.11 16.50 18.97
N LEU A 237 26.12 15.65 19.24
CA LEU A 237 25.37 14.96 18.19
C LEU A 237 24.09 15.69 17.83
N THR A 238 23.41 16.27 18.80
CA THR A 238 22.17 16.99 18.54
C THR A 238 22.42 18.47 18.27
N GLY A 239 23.44 19.04 18.88
CA GLY A 239 23.68 20.47 18.77
C GLY A 239 22.80 21.34 19.61
N LYS A 240 22.02 20.77 20.51
CA LYS A 240 21.18 21.50 21.43
C LYS A 240 21.70 21.30 22.85
N PRO A 241 21.33 22.19 23.78
CA PRO A 241 21.80 22.01 25.17
C PRO A 241 21.11 20.78 25.75
N MET A 242 21.92 19.83 26.20
CA MET A 242 21.39 18.56 26.66
C MET A 242 21.46 18.52 28.18
N ARG A 243 20.36 18.12 28.80
CA ARG A 243 20.30 17.97 30.23
C ARG A 243 20.14 16.48 30.51
N LEU A 244 20.97 15.96 31.41
CA LEU A 244 21.14 14.53 31.55
C LEU A 244 20.24 13.99 32.65
N VAL A 245 19.71 12.80 32.41
CA VAL A 245 18.87 12.10 33.37
C VAL A 245 19.66 10.88 33.81
N ASP A 246 20.29 11.00 34.98
CA ASP A 246 21.20 10.02 35.54
C ASP A 246 20.51 9.11 36.55
N ASP A 247 19.79 9.70 37.51
CA ASP A 247 19.27 8.97 38.66
C ASP A 247 18.30 7.86 38.27
N ASN A 248 18.78 6.62 38.30
CA ASN A 248 17.92 5.47 38.03
C ASN A 248 17.07 5.17 39.26
N GLY A 249 15.76 5.35 39.13
CA GLY A 249 14.86 5.07 40.24
C GLY A 249 14.15 3.74 40.12
N ALA A 250 14.72 2.81 39.38
CA ALA A 250 14.06 1.53 39.17
C ALA A 250 14.45 0.54 40.26
N PRO A 251 13.58 -0.46 40.53
CA PRO A 251 13.89 -1.46 41.55
C PRO A 251 14.94 -2.44 41.08
N SER A 252 15.93 -2.69 41.93
CA SER A 252 17.05 -3.57 41.63
C SER A 252 17.16 -4.64 42.72
N GLY A 253 17.80 -5.75 42.34
CA GLY A 253 18.03 -6.86 43.24
C GLY A 253 19.50 -7.05 43.52
N ARG A 254 19.77 -7.94 44.49
CA ARG A 254 21.13 -8.37 44.77
C ARG A 254 21.76 -8.92 43.51
N LYS A 255 23.01 -8.52 43.24
CA LYS A 255 23.68 -8.95 42.02
C LYS A 255 25.10 -9.41 42.34
N HIS A 256 25.39 -10.66 42.03
CA HIS A 256 26.74 -11.20 42.19
C HIS A 256 27.44 -11.14 40.84
N PHE A 257 28.65 -10.61 40.84
CA PHE A 257 29.45 -10.44 39.63
C PHE A 257 30.77 -11.14 39.93
N VAL A 258 30.99 -12.29 39.33
CA VAL A 258 32.05 -13.19 39.76
C VAL A 258 33.02 -13.41 38.62
N PHE A 259 34.32 -13.38 38.96
CA PHE A 259 35.40 -13.67 38.02
C PHE A 259 35.83 -15.11 38.25
N TYR A 260 35.78 -15.91 37.18
CA TYR A 260 36.08 -17.34 37.17
C TYR A 260 37.25 -17.59 36.24
N ASN A 261 38.13 -18.51 36.62
CA ASN A 261 39.35 -18.79 35.84
C ASN A 261 39.50 -20.31 35.72
N PRO A 262 39.50 -20.86 34.51
CA PRO A 262 39.55 -22.32 34.35
C PRO A 262 40.75 -22.91 35.07
N PRO A 263 40.66 -24.16 35.50
CA PRO A 263 41.79 -24.78 36.21
C PRO A 263 42.93 -25.06 35.24
N ILE A 264 44.08 -25.37 35.82
CA ILE A 264 45.29 -25.64 35.04
C ILE A 264 45.35 -27.13 34.77
N VAL A 265 45.71 -27.50 33.55
CA VAL A 265 45.80 -28.90 33.15
C VAL A 265 47.23 -29.34 32.89
N ASN A 266 48.18 -28.42 32.74
CA ASN A 266 49.58 -28.77 32.54
C ASN A 266 50.40 -27.58 33.04
N LYS A 267 50.81 -27.62 34.31
CA LYS A 267 51.50 -26.47 34.89
C LYS A 267 52.84 -26.17 34.22
N PRO A 268 53.70 -27.14 33.89
CA PRO A 268 54.96 -26.79 33.20
C PRO A 268 54.77 -25.90 31.99
N LEU A 269 53.88 -26.30 31.09
CA LEU A 269 53.59 -25.53 29.89
C LEU A 269 52.56 -24.43 30.13
N ASN A 270 51.95 -24.41 31.32
CA ASN A 270 51.01 -23.36 31.74
C ASN A 270 49.86 -23.19 30.74
N ILE A 271 49.14 -24.29 30.51
CA ILE A 271 47.94 -24.28 29.68
C ILE A 271 46.75 -24.53 30.59
N ARG A 272 45.78 -23.61 30.56
CA ARG A 272 44.56 -23.73 31.33
C ARG A 272 43.48 -24.42 30.50
N ARG A 273 42.40 -24.83 31.18
CA ARG A 273 41.30 -25.45 30.48
C ARG A 273 40.60 -24.44 29.57
N SER A 274 39.95 -24.95 28.53
CA SER A 274 39.17 -24.10 27.66
C SER A 274 38.10 -23.38 28.47
N ALA A 275 37.99 -22.06 28.27
CA ALA A 275 36.85 -21.36 28.85
C ALA A 275 35.55 -21.94 28.30
N THR A 276 35.60 -22.51 27.09
CA THR A 276 34.42 -23.12 26.49
C THR A 276 33.90 -24.27 27.35
N ALA A 277 34.80 -25.17 27.79
CA ALA A 277 34.39 -26.33 28.57
C ALA A 277 33.79 -25.91 29.91
N GLU A 278 34.48 -24.99 30.60
CA GLU A 278 33.97 -24.53 31.90
C GLU A 278 32.62 -23.86 31.74
N VAL A 279 32.45 -23.06 30.69
CA VAL A 279 31.17 -22.41 30.46
C VAL A 279 30.09 -23.44 30.17
N ASN A 280 30.40 -24.44 29.32
CA ASN A 280 29.43 -25.49 29.03
C ASN A 280 28.95 -26.14 30.33
N GLU A 281 29.86 -26.47 31.23
CA GLU A 281 29.47 -27.15 32.47
C GLU A 281 28.74 -26.21 33.44
N LEU A 282 29.13 -24.94 33.51
CA LEU A 282 28.43 -24.02 34.41
C LEU A 282 27.00 -23.78 33.93
N ALA A 283 26.84 -23.48 32.64
CA ALA A 283 25.49 -23.35 32.09
C ALA A 283 24.74 -24.66 32.20
N LYS A 284 25.45 -25.79 32.16
CA LYS A 284 24.84 -27.08 32.43
C LYS A 284 24.17 -27.09 33.79
N GLU A 285 24.94 -26.77 34.83
CA GLU A 285 24.40 -26.80 36.18
C GLU A 285 23.25 -25.81 36.35
N PHE A 286 23.34 -24.66 35.70
CA PHE A 286 22.28 -23.66 35.88
C PHE A 286 21.02 -24.00 35.10
N LEU A 287 21.16 -24.50 33.88
CA LEU A 287 20.00 -24.79 33.05
C LEU A 287 19.32 -26.09 33.45
N LYS A 288 20.09 -27.07 33.94
CA LYS A 288 19.48 -28.30 34.45
C LYS A 288 18.53 -28.00 35.61
N ASN A 289 18.84 -27.00 36.43
CA ASN A 289 17.95 -26.56 37.48
C ASN A 289 16.96 -25.50 37.01
N LYS A 290 16.75 -25.39 35.70
CA LYS A 290 15.74 -24.52 35.10
C LYS A 290 15.90 -23.06 35.56
N VAL A 291 17.11 -22.52 35.40
CA VAL A 291 17.43 -21.13 35.68
C VAL A 291 17.64 -20.42 34.36
N GLN A 292 16.90 -19.35 34.12
CA GLN A 292 16.96 -18.65 32.84
C GLN A 292 18.34 -18.03 32.69
N THR A 293 19.05 -18.39 31.61
CA THR A 293 20.46 -18.09 31.47
C THR A 293 20.82 -17.54 30.10
N ILE A 294 21.60 -16.45 30.09
CA ILE A 294 22.24 -15.92 28.89
C ILE A 294 23.71 -16.28 28.94
N VAL A 295 24.24 -16.78 27.82
CA VAL A 295 25.64 -17.14 27.70
C VAL A 295 26.20 -16.44 26.47
N PHE A 296 27.05 -15.44 26.68
CA PHE A 296 27.66 -14.69 25.60
C PHE A 296 28.95 -15.35 25.14
N ALA A 297 29.18 -15.36 23.83
CA ALA A 297 30.39 -15.90 23.24
C ALA A 297 31.01 -14.86 22.31
N ARG A 298 32.34 -14.90 22.20
CA ARG A 298 33.05 -13.82 21.52
C ARG A 298 32.87 -13.86 20.01
N SER A 299 32.75 -15.04 19.42
CA SER A 299 32.60 -15.18 17.96
C SER A 299 31.36 -16.01 17.64
N ARG A 300 30.98 -15.98 16.36
CA ARG A 300 29.82 -16.74 15.89
C ARG A 300 30.06 -18.25 16.05
N VAL A 301 31.24 -18.71 15.66
CA VAL A 301 31.52 -20.13 15.71
C VAL A 301 31.46 -20.64 17.15
N ARG A 302 32.03 -19.89 18.08
CA ARG A 302 31.96 -20.30 19.49
C ARG A 302 30.52 -20.31 19.99
N VAL A 303 29.69 -19.39 19.50
CA VAL A 303 28.26 -19.43 19.81
C VAL A 303 27.68 -20.77 19.39
N GLU A 304 27.95 -21.19 18.15
CA GLU A 304 27.38 -22.46 17.69
C GLU A 304 27.97 -23.66 18.43
N ILE A 305 29.27 -23.62 18.73
CA ILE A 305 29.90 -24.72 19.46
C ILE A 305 29.28 -24.89 20.83
N ILE A 306 29.19 -23.78 21.57
CA ILE A 306 28.62 -23.82 22.91
C ILE A 306 27.16 -24.24 22.85
N LEU A 307 26.42 -23.79 21.83
CA LEU A 307 25.05 -24.24 21.66
C LEU A 307 24.99 -25.77 21.54
N SER A 308 25.82 -26.32 20.65
CA SER A 308 25.80 -27.77 20.44
C SER A 308 26.12 -28.52 21.72
N HIS A 309 27.19 -28.10 22.39
CA HIS A 309 27.62 -28.81 23.60
C HIS A 309 26.58 -28.70 24.71
N ILE A 310 26.06 -27.49 24.95
CA ILE A 310 25.08 -27.28 26.00
C ILE A 310 23.82 -28.10 25.74
N GLN A 311 23.33 -28.06 24.50
CA GLN A 311 22.12 -28.82 24.19
C GLN A 311 22.35 -30.31 24.37
N GLU A 312 23.49 -30.82 23.91
CA GLU A 312 23.75 -32.25 24.05
C GLU A 312 23.84 -32.66 25.51
N LEU A 313 24.46 -31.83 26.35
CA LEU A 313 24.61 -32.22 27.75
C LEU A 313 23.32 -32.03 28.57
N VAL A 314 22.44 -31.10 28.18
CA VAL A 314 21.27 -30.80 29.01
C VAL A 314 19.98 -31.45 28.51
N LYS A 315 19.95 -31.94 27.25
CA LYS A 315 18.71 -32.51 26.71
C LYS A 315 18.20 -33.69 27.53
N LYS A 316 19.07 -34.39 28.26
CA LYS A 316 18.63 -35.56 29.00
C LYS A 316 17.65 -35.18 30.10
N GLU A 317 17.83 -34.03 30.72
CA GLU A 317 17.03 -33.62 31.86
C GLU A 317 16.06 -32.49 31.56
N ILE A 318 16.36 -31.62 30.60
CA ILE A 318 15.53 -30.44 30.41
C ILE A 318 14.64 -30.57 29.17
N GLY A 319 15.14 -31.22 28.13
CA GLY A 319 14.41 -31.38 26.89
C GLY A 319 15.15 -30.73 25.73
N THR A 320 14.54 -30.86 24.55
CA THR A 320 15.21 -30.41 23.32
C THR A 320 15.04 -28.92 23.07
N LYS A 321 13.82 -28.40 23.24
CA LYS A 321 13.45 -27.09 22.71
C LYS A 321 13.55 -25.95 23.72
N SER A 322 14.24 -26.17 24.85
CA SER A 322 14.37 -25.14 25.87
C SER A 322 15.56 -24.21 25.69
N ILE A 323 16.52 -24.53 24.82
CA ILE A 323 17.74 -23.75 24.67
C ILE A 323 17.94 -23.37 23.20
N ARG A 324 18.04 -22.07 22.94
CA ARG A 324 18.17 -21.52 21.60
C ARG A 324 19.47 -20.73 21.48
N GLY A 325 19.90 -20.53 20.23
CA GLY A 325 21.04 -19.69 19.94
C GLY A 325 20.62 -18.36 19.34
N TYR A 326 21.55 -17.42 19.31
CA TYR A 326 21.25 -16.10 18.76
C TYR A 326 22.51 -15.52 18.13
N ARG A 327 22.44 -15.25 16.83
CA ARG A 327 23.45 -14.45 16.17
C ARG A 327 22.80 -13.71 15.01
N GLY A 328 23.44 -12.63 14.57
CA GLY A 328 22.82 -11.72 13.62
C GLY A 328 22.58 -12.31 12.24
N GLY A 329 23.36 -13.32 11.86
CA GLY A 329 23.17 -13.94 10.56
C GLY A 329 21.88 -14.73 10.43
N TYR A 330 21.16 -14.90 11.54
CA TYR A 330 19.89 -15.63 11.54
C TYR A 330 18.85 -14.90 10.72
N LEU A 331 17.81 -15.64 10.34
CA LEU A 331 16.69 -15.04 9.62
C LEU A 331 15.92 -14.10 10.54
N PRO A 332 15.30 -13.06 9.98
CA PRO A 332 14.48 -12.16 10.79
C PRO A 332 13.40 -12.86 11.60
N LYS A 333 12.54 -13.66 10.96
CA LYS A 333 11.49 -14.35 11.71
C LYS A 333 12.09 -15.16 12.86
N GLU A 334 13.23 -15.82 12.60
CA GLU A 334 13.90 -16.59 13.64
C GLU A 334 14.26 -15.72 14.83
N ARG A 335 14.89 -14.57 14.58
CA ARG A 335 15.36 -13.72 15.66
C ARG A 335 14.22 -13.05 16.40
N ARG A 336 13.14 -12.70 15.70
CA ARG A 336 11.97 -12.16 16.38
C ARG A 336 11.37 -13.22 17.29
N GLU A 337 11.32 -14.48 16.84
CA GLU A 337 10.76 -15.51 17.71
C GLU A 337 11.64 -15.78 18.93
N ILE A 338 12.96 -15.78 18.75
CA ILE A 338 13.86 -15.99 19.87
C ILE A 338 13.76 -14.85 20.89
N GLU A 339 13.65 -13.60 20.39
CA GLU A 339 13.43 -12.48 21.30
C GLU A 339 12.12 -12.64 22.06
N ARG A 340 11.04 -12.98 21.35
CA ARG A 340 9.75 -13.19 21.99
C ARG A 340 9.81 -14.31 23.03
N GLY A 341 10.55 -15.38 22.73
CA GLY A 341 10.60 -16.51 23.64
C GLY A 341 11.41 -16.20 24.87
N LEU A 342 12.54 -15.52 24.71
CA LEU A 342 13.27 -15.05 25.88
C LEU A 342 12.43 -14.10 26.72
N ARG A 343 11.61 -13.27 26.05
CA ARG A 343 10.77 -12.32 26.77
C ARG A 343 9.68 -13.02 27.56
N GLU A 344 8.88 -13.85 26.90
CA GLU A 344 7.71 -14.48 27.49
C GLU A 344 8.05 -15.63 28.42
N GLY A 345 9.28 -16.13 28.38
CA GLY A 345 9.72 -17.11 29.35
C GLY A 345 9.60 -18.56 28.94
N ASP A 346 9.44 -18.86 27.65
CA ASP A 346 9.43 -20.24 27.19
C ASP A 346 10.75 -20.67 26.57
N ILE A 347 11.78 -19.84 26.60
CA ILE A 347 13.13 -20.21 26.21
C ILE A 347 14.00 -20.12 27.46
N LEU A 348 14.49 -21.26 27.92
CA LEU A 348 15.23 -21.29 29.19
C LEU A 348 16.63 -20.71 29.03
N GLY A 349 17.34 -21.10 27.98
CA GLY A 349 18.70 -20.66 27.77
C GLY A 349 18.91 -20.13 26.37
N VAL A 350 19.79 -19.14 26.25
CA VAL A 350 20.19 -18.59 24.96
C VAL A 350 21.70 -18.38 24.93
N VAL A 351 22.34 -18.82 23.85
CA VAL A 351 23.77 -18.60 23.63
C VAL A 351 23.91 -17.67 22.44
N SER A 352 24.47 -16.49 22.68
CA SER A 352 24.39 -15.39 21.73
C SER A 352 25.75 -14.77 21.46
N THR A 353 25.86 -14.11 20.30
CA THR A 353 26.97 -13.21 20.02
C THR A 353 26.74 -11.91 20.79
N ASN A 354 27.58 -10.91 20.54
CA ASN A 354 27.34 -9.60 21.13
C ASN A 354 26.10 -8.93 20.57
N ALA A 355 25.43 -9.56 19.60
CA ALA A 355 24.21 -9.00 19.03
C ALA A 355 23.16 -8.72 20.10
N LEU A 356 23.27 -9.36 21.27
CA LEU A 356 22.33 -9.16 22.35
C LEU A 356 22.85 -8.17 23.38
N GLU A 357 24.00 -7.54 23.13
CA GLU A 357 24.32 -6.32 23.87
C GLU A 357 23.39 -5.19 23.43
N LEU A 358 23.07 -5.15 22.13
CA LEU A 358 22.07 -4.23 21.61
C LEU A 358 20.78 -4.34 22.42
N GLY A 359 20.19 -3.19 22.74
CA GLY A 359 19.07 -3.14 23.64
C GLY A 359 17.74 -3.58 23.06
N VAL A 360 17.68 -4.80 22.52
CA VAL A 360 16.40 -5.41 22.19
C VAL A 360 15.77 -5.92 23.46
N ASP A 361 14.45 -5.98 23.48
CA ASP A 361 13.73 -6.40 24.68
C ASP A 361 13.66 -7.93 24.68
N ILE A 362 14.61 -8.56 25.38
CA ILE A 362 14.52 -9.98 25.71
C ILE A 362 14.22 -10.18 27.18
N GLY A 363 13.77 -9.13 27.86
CA GLY A 363 13.49 -9.24 29.27
C GLY A 363 14.75 -9.30 30.12
N GLN A 364 14.61 -9.90 31.29
CA GLN A 364 15.68 -10.03 32.25
C GLN A 364 16.03 -11.51 32.41
N LEU A 365 17.32 -11.79 32.48
CA LEU A 365 17.80 -13.13 32.74
C LEU A 365 18.10 -13.29 34.22
N GLN A 366 18.31 -14.55 34.63
CA GLN A 366 18.70 -14.84 36.00
C GLN A 366 20.21 -15.02 36.15
N VAL A 367 20.84 -15.70 35.20
CA VAL A 367 22.29 -15.87 35.18
C VAL A 367 22.82 -15.42 33.84
N CYS A 368 23.96 -14.73 33.88
CA CYS A 368 24.71 -14.39 32.68
C CYS A 368 26.10 -15.00 32.76
N VAL A 369 26.55 -15.62 31.67
CA VAL A 369 27.86 -16.23 31.60
C VAL A 369 28.62 -15.62 30.45
N MET A 370 29.84 -15.16 30.73
CA MET A 370 30.69 -14.49 29.73
C MET A 370 31.84 -15.44 29.42
N THR A 371 31.86 -15.97 28.19
CA THR A 371 32.94 -16.86 27.76
C THR A 371 34.13 -16.00 27.33
N GLY A 372 34.74 -15.36 28.31
CA GLY A 372 35.86 -14.48 28.05
C GLY A 372 35.45 -13.02 28.16
N TYR A 373 36.43 -12.18 28.49
CA TYR A 373 36.20 -10.75 28.56
C TYR A 373 35.73 -10.24 27.20
N PRO A 374 34.64 -9.48 27.13
CA PRO A 374 34.12 -9.02 25.83
C PRO A 374 35.10 -8.19 25.02
N GLY A 375 36.06 -7.54 25.65
CA GLY A 375 37.03 -6.71 24.95
C GLY A 375 36.99 -5.26 25.36
N SER A 376 35.88 -4.79 25.92
CA SER A 376 35.77 -3.42 26.43
C SER A 376 34.95 -3.44 27.70
N VAL A 377 35.24 -2.50 28.60
CA VAL A 377 34.51 -2.41 29.86
C VAL A 377 33.03 -2.23 29.59
N ALA A 378 32.69 -1.31 28.67
CA ALA A 378 31.28 -1.05 28.37
C ALA A 378 30.58 -2.29 27.87
N SER A 379 31.24 -3.07 27.00
CA SER A 379 30.63 -4.29 26.50
C SER A 379 30.45 -5.30 27.63
N ALA A 380 31.42 -5.40 28.54
CA ALA A 380 31.28 -6.29 29.67
C ALA A 380 30.08 -5.92 30.52
N TRP A 381 29.93 -4.63 30.81
CA TRP A 381 28.82 -4.19 31.66
C TRP A 381 27.49 -4.35 30.94
N GLN A 382 27.49 -4.22 29.60
CA GLN A 382 26.28 -4.46 28.82
C GLN A 382 25.88 -5.93 28.91
N GLN A 383 26.84 -6.83 28.72
CA GLN A 383 26.56 -8.26 28.82
C GLN A 383 26.05 -8.59 30.22
N ALA A 384 26.58 -7.91 31.23
CA ALA A 384 26.16 -8.15 32.61
C ALA A 384 24.73 -7.66 32.85
N GLY A 385 24.39 -6.47 32.36
CA GLY A 385 23.06 -5.94 32.55
C GLY A 385 21.95 -6.76 31.91
N ARG A 386 22.30 -7.80 31.14
CA ARG A 386 21.30 -8.67 30.55
C ARG A 386 20.70 -9.67 31.54
N ALA A 387 21.23 -9.76 32.75
CA ALA A 387 20.70 -10.61 33.80
C ALA A 387 20.29 -9.75 35.00
N GLY A 388 19.24 -10.18 35.70
CA GLY A 388 18.84 -9.47 36.89
C GLY A 388 17.35 -9.31 37.11
N ARG A 389 16.83 -9.91 38.18
CA ARG A 389 15.42 -9.76 38.48
C ARG A 389 15.18 -8.42 39.18
N ARG A 390 13.93 -7.95 39.09
CA ARG A 390 13.55 -6.70 39.74
C ARG A 390 13.73 -6.77 41.26
N HIS A 391 13.53 -7.93 41.86
CA HIS A 391 13.58 -8.06 43.31
C HIS A 391 14.45 -9.23 43.75
N GLY A 392 14.45 -10.31 42.98
CA GLY A 392 15.26 -11.47 43.28
C GLY A 392 16.75 -11.21 43.11
N GLU A 393 17.50 -12.30 43.07
CA GLU A 393 18.95 -12.24 42.96
C GLU A 393 19.37 -12.56 41.53
N SER A 394 20.60 -12.18 41.20
CA SER A 394 21.15 -12.42 39.87
C SER A 394 22.63 -12.72 39.99
N LEU A 395 23.14 -13.42 38.97
CA LEU A 395 24.53 -13.87 38.98
C LEU A 395 25.12 -13.68 37.59
N ILE A 396 26.34 -13.14 37.53
CA ILE A 396 27.04 -12.88 36.28
C ILE A 396 28.44 -13.47 36.42
N ILE A 397 28.71 -14.54 35.71
CA ILE A 397 29.99 -15.23 35.77
C ILE A 397 30.78 -14.86 34.53
N MET A 398 31.97 -14.30 34.73
CA MET A 398 32.90 -14.01 33.63
C MET A 398 34.01 -15.04 33.70
N VAL A 399 33.93 -16.05 32.83
CA VAL A 399 34.92 -17.10 32.74
C VAL A 399 36.02 -16.60 31.82
N ALA A 400 37.10 -16.12 32.40
CA ALA A 400 38.22 -15.64 31.59
C ALA A 400 38.83 -16.79 30.79
N ASN A 401 39.46 -16.44 29.67
CA ASN A 401 40.12 -17.43 28.86
C ASN A 401 41.64 -17.23 28.97
N SER A 402 42.38 -17.72 27.96
CA SER A 402 43.83 -17.65 27.98
C SER A 402 44.38 -16.37 27.37
N THR A 403 43.54 -15.36 27.21
CA THR A 403 43.99 -14.09 26.65
C THR A 403 44.81 -13.34 27.69
N PRO A 404 45.90 -12.69 27.28
CA PRO A 404 46.65 -11.85 28.23
C PRO A 404 45.78 -10.82 28.93
N ILE A 405 44.84 -10.21 28.22
CA ILE A 405 43.96 -9.24 28.86
C ILE A 405 43.04 -9.91 29.87
N ASP A 406 42.48 -11.08 29.51
CA ASP A 406 41.56 -11.75 30.43
C ASP A 406 42.29 -12.24 31.68
N GLN A 407 43.45 -12.85 31.49
CA GLN A 407 44.25 -13.27 32.62
C GLN A 407 44.77 -12.09 33.42
N TYR A 408 44.89 -10.92 32.80
CA TYR A 408 45.23 -9.73 33.58
C TYR A 408 44.06 -9.30 34.46
N ILE A 409 42.85 -9.28 33.90
CA ILE A 409 41.67 -9.00 34.73
C ILE A 409 41.60 -9.99 35.90
N VAL A 410 41.95 -11.25 35.64
CA VAL A 410 41.89 -12.26 36.68
C VAL A 410 42.95 -12.02 37.75
N ARG A 411 44.19 -11.79 37.35
CA ARG A 411 45.24 -11.58 38.34
C ARG A 411 45.03 -10.27 39.10
N HIS A 412 44.38 -9.29 38.47
CA HIS A 412 44.19 -7.97 39.07
C HIS A 412 42.75 -7.52 38.82
N PRO A 413 41.79 -8.05 39.60
CA PRO A 413 40.38 -7.70 39.38
C PRO A 413 40.04 -6.24 39.66
N GLU A 414 40.82 -5.53 40.48
CA GLU A 414 40.55 -4.11 40.72
C GLU A 414 40.64 -3.29 39.43
N TYR A 415 41.49 -3.72 38.49
CA TYR A 415 41.71 -2.99 37.25
C TYR A 415 40.41 -2.82 36.46
N PHE A 416 39.59 -3.87 36.41
CA PHE A 416 38.33 -3.76 35.69
C PHE A 416 37.34 -2.86 36.44
N PHE A 417 37.19 -3.08 37.74
CA PHE A 417 36.15 -2.38 38.48
C PHE A 417 36.48 -0.93 38.77
N ASN A 418 37.68 -0.47 38.44
CA ASN A 418 37.96 0.95 38.60
C ASN A 418 37.86 1.74 37.30
N ARG A 419 38.07 1.08 36.16
CA ARG A 419 37.97 1.74 34.85
C ARG A 419 36.50 2.02 34.51
N SER A 420 36.14 3.30 34.43
CA SER A 420 34.82 3.69 33.96
C SER A 420 34.72 3.47 32.45
N PRO A 421 33.54 3.08 31.95
CA PRO A 421 33.40 2.70 30.54
C PRO A 421 33.81 3.80 29.56
N GLU A 422 34.04 3.38 28.31
CA GLU A 422 34.70 4.21 27.31
C GLU A 422 33.87 5.44 26.98
N SER A 423 34.55 6.43 26.41
CA SER A 423 33.91 7.66 25.94
C SER A 423 33.54 7.54 24.47
N ALA A 424 32.51 8.29 24.07
CA ALA A 424 32.09 8.37 22.68
C ALA A 424 32.68 9.62 22.03
N ARG A 425 33.42 9.44 20.95
CA ARG A 425 34.10 10.53 20.26
C ARG A 425 33.63 10.62 18.82
N ILE A 426 33.21 11.81 18.39
CA ILE A 426 32.89 12.06 16.99
C ILE A 426 33.63 13.30 16.54
N ASN A 427 33.90 13.39 15.24
CA ASN A 427 34.47 14.57 14.60
C ASN A 427 33.52 15.03 13.50
N PRO A 428 32.46 15.77 13.84
CA PRO A 428 31.49 16.18 12.82
C PRO A 428 32.07 17.12 11.79
N GLU A 429 33.27 17.64 12.02
CA GLU A 429 33.95 18.53 11.09
C GLU A 429 35.05 17.82 10.30
N ASN A 430 34.92 16.51 10.08
CA ASN A 430 35.75 15.84 9.11
C ASN A 430 35.44 16.42 7.72
N LEU A 431 36.50 16.73 6.97
CA LEU A 431 36.33 17.45 5.70
C LEU A 431 35.44 16.66 4.75
N ILE A 432 35.74 15.37 4.55
CA ILE A 432 34.96 14.55 3.63
C ILE A 432 33.49 14.52 4.06
N ILE A 433 33.26 14.20 5.34
CA ILE A 433 31.90 14.07 5.85
C ILE A 433 31.16 15.39 5.76
N LEU A 434 31.82 16.47 6.18
CA LEU A 434 31.16 17.77 6.21
C LEU A 434 30.84 18.25 4.80
N VAL A 435 31.73 17.98 3.84
CA VAL A 435 31.47 18.38 2.46
C VAL A 435 30.29 17.61 1.88
N ASP A 436 30.30 16.29 2.05
CA ASP A 436 29.17 15.47 1.59
C ASP A 436 27.85 16.00 2.12
N HIS A 437 27.81 16.29 3.42
CA HIS A 437 26.53 16.67 4.01
C HIS A 437 26.16 18.12 3.72
N LEU A 438 27.14 18.98 3.46
CA LEU A 438 26.83 20.30 2.94
C LEU A 438 26.17 20.20 1.58
N LYS A 439 26.68 19.33 0.71
CA LYS A 439 26.08 19.17 -0.60
C LYS A 439 24.63 18.69 -0.47
N CYS A 440 24.40 17.70 0.41
CA CYS A 440 23.03 17.24 0.61
C CYS A 440 22.13 18.35 1.17
N ALA A 441 22.63 19.10 2.16
CA ALA A 441 21.83 20.15 2.76
C ALA A 441 21.48 21.24 1.76
N ALA A 442 22.44 21.62 0.92
CA ALA A 442 22.18 22.62 -0.11
C ALA A 442 21.16 22.10 -1.13
N TYR A 443 21.22 20.82 -1.46
CA TYR A 443 20.20 20.26 -2.34
C TYR A 443 18.82 20.37 -1.70
N GLU A 444 18.72 20.11 -0.40
CA GLU A 444 17.42 20.19 0.27
C GLU A 444 16.89 21.62 0.31
N LEU A 445 17.70 22.56 0.80
CA LEU A 445 17.36 23.98 0.87
C LEU A 445 18.57 24.81 0.49
N PRO A 446 18.39 25.91 -0.23
CA PRO A 446 19.54 26.77 -0.54
C PRO A 446 20.08 27.35 0.76
N PHE A 447 21.40 27.28 0.91
CA PHE A 447 22.05 27.65 2.15
C PHE A 447 22.64 29.05 2.05
N ARG A 448 22.13 29.95 2.90
CA ARG A 448 22.72 31.27 3.06
C ARG A 448 24.15 31.17 3.57
N ALA A 449 25.04 31.98 2.99
CA ALA A 449 26.47 31.85 3.27
C ALA A 449 26.80 32.24 4.71
N ASP A 450 26.20 33.33 5.21
CA ASP A 450 26.52 33.81 6.55
C ASP A 450 25.92 32.95 7.66
N GLU A 451 24.95 32.09 7.34
CA GLU A 451 24.29 31.29 8.36
C GLU A 451 25.15 30.07 8.71
N GLU A 452 25.18 29.76 10.01
CA GLU A 452 26.08 28.73 10.52
C GLU A 452 25.56 27.33 10.23
N PHE A 453 26.48 26.38 10.17
CA PHE A 453 26.19 24.96 10.00
C PHE A 453 26.85 24.26 11.17
N GLY A 454 26.09 24.06 12.24
CA GLY A 454 26.62 23.53 13.46
C GLY A 454 27.46 24.56 14.19
N ALA A 455 28.78 24.39 14.16
CA ALA A 455 29.64 25.22 14.99
C ALA A 455 29.63 26.67 14.51
N MET A 456 30.15 26.92 13.31
CA MET A 456 30.34 28.28 12.83
C MET A 456 30.21 28.31 11.32
N GLU A 457 30.36 29.51 10.75
CA GLU A 457 30.19 29.74 9.32
C GLU A 457 31.04 28.81 8.47
N VAL A 458 30.47 28.40 7.34
CA VAL A 458 31.08 27.42 6.44
C VAL A 458 31.25 27.99 5.03
N SER A 459 31.32 29.31 4.91
CA SER A 459 31.33 29.96 3.59
C SER A 459 32.52 29.54 2.72
N ASP A 460 33.66 29.21 3.32
CA ASP A 460 34.82 28.81 2.52
C ASP A 460 34.54 27.52 1.76
N ILE A 461 33.94 26.53 2.43
CA ILE A 461 33.59 25.29 1.77
C ILE A 461 32.53 25.54 0.71
N LEU A 462 31.66 26.54 0.91
CA LEU A 462 30.67 26.87 -0.10
C LEU A 462 31.32 27.50 -1.33
N GLU A 463 32.36 28.30 -1.14
CA GLU A 463 33.13 28.80 -2.28
C GLU A 463 33.78 27.64 -3.03
N TYR A 464 34.37 26.70 -2.27
CA TYR A 464 34.94 25.52 -2.89
C TYR A 464 33.90 24.74 -3.68
N LEU A 465 32.68 24.64 -3.15
CA LEU A 465 31.64 23.87 -3.82
C LEU A 465 31.13 24.59 -5.07
N GLN A 466 31.02 25.92 -5.03
CA GLN A 466 30.65 26.63 -6.24
C GLN A 466 31.72 26.47 -7.31
N GLU A 467 33.00 26.55 -6.92
CA GLU A 467 34.09 26.26 -7.85
C GLU A 467 33.94 24.90 -8.53
N GLU A 468 33.35 23.91 -7.84
CA GLU A 468 33.27 22.55 -8.37
C GLU A 468 32.01 22.28 -9.17
N ALA A 469 31.40 23.30 -9.78
CA ALA A 469 30.19 23.18 -10.60
C ALA A 469 28.99 22.62 -9.86
N VAL A 470 29.06 22.45 -8.54
CA VAL A 470 27.98 21.74 -7.86
C VAL A 470 26.97 22.72 -7.27
N LEU A 471 27.42 23.90 -6.84
CA LEU A 471 26.55 24.92 -6.27
C LEU A 471 26.69 26.20 -7.10
N HIS A 472 25.59 26.96 -7.17
CA HIS A 472 25.61 28.27 -7.80
C HIS A 472 25.25 29.29 -6.75
N ARG A 473 25.91 30.45 -6.75
CA ARG A 473 25.65 31.45 -5.72
C ARG A 473 24.78 32.56 -6.29
N ASN A 474 23.58 32.69 -5.75
CA ASN A 474 22.66 33.77 -6.09
C ASN A 474 22.43 34.61 -4.83
N GLY A 475 22.76 35.89 -4.91
CA GLY A 475 22.62 36.75 -3.74
C GLY A 475 23.58 36.32 -2.66
N GLU A 476 23.02 35.92 -1.53
CA GLU A 476 23.79 35.39 -0.40
C GLU A 476 23.52 33.91 -0.15
N ARG A 477 22.81 33.25 -1.05
CA ARG A 477 22.45 31.85 -0.87
C ARG A 477 22.99 31.01 -2.03
N TYR A 478 23.51 29.83 -1.70
CA TYR A 478 24.00 28.89 -2.68
C TYR A 478 22.90 27.88 -2.98
N HIS A 479 22.54 27.75 -4.25
CA HIS A 479 21.50 26.86 -4.72
C HIS A 479 22.15 25.63 -5.36
N TRP A 480 21.39 24.55 -5.38
CA TRP A 480 21.88 23.33 -5.99
C TRP A 480 21.98 23.52 -7.51
N ALA A 481 23.18 23.29 -8.04
CA ALA A 481 23.52 23.57 -9.43
C ALA A 481 23.93 22.30 -10.16
N SER A 482 23.18 21.21 -9.97
CA SER A 482 23.48 19.96 -10.63
C SER A 482 22.23 19.10 -10.69
N GLU A 483 22.06 18.39 -11.82
CA GLU A 483 20.91 17.50 -11.95
C GLU A 483 21.03 16.27 -11.05
N SER A 484 22.17 16.09 -10.39
CA SER A 484 22.41 14.89 -9.61
C SER A 484 21.64 14.93 -8.30
N PHE A 485 21.54 13.76 -7.67
CA PHE A 485 20.89 13.61 -6.37
C PHE A 485 21.96 13.19 -5.39
N PRO A 486 22.41 14.08 -4.51
CA PRO A 486 23.63 13.75 -3.73
C PRO A 486 23.42 12.69 -2.67
N ALA A 487 22.29 12.71 -1.97
CA ALA A 487 22.12 11.82 -0.81
C ALA A 487 22.04 10.35 -1.21
N SER A 488 21.80 10.03 -2.48
CA SER A 488 21.63 8.64 -2.86
C SER A 488 22.98 7.93 -3.00
N ASN A 489 24.04 8.66 -3.30
CA ASN A 489 25.37 8.08 -3.45
C ASN A 489 26.22 8.20 -2.19
N ILE A 490 25.66 8.72 -1.11
CA ILE A 490 26.36 8.90 0.16
C ILE A 490 25.80 7.90 1.15
N SER A 491 26.68 7.10 1.75
CA SER A 491 26.31 6.11 2.75
C SER A 491 26.81 6.58 4.11
N LEU A 492 25.88 6.71 5.07
CA LEU A 492 26.23 7.15 6.41
C LEU A 492 27.17 6.18 7.10
N ARG A 493 27.21 4.94 6.64
CA ARG A 493 28.10 3.97 7.21
C ARG A 493 28.79 3.24 6.07
N SER A 494 29.59 3.99 5.33
CA SER A 494 30.19 3.51 4.09
C SER A 494 31.12 2.31 4.30
N ALA A 495 31.46 1.98 5.55
CA ALA A 495 32.12 0.72 5.84
C ALA A 495 31.07 -0.38 5.88
N SER A 496 30.26 -0.46 4.83
CA SER A 496 29.18 -1.42 4.67
C SER A 496 29.46 -2.29 3.45
N GLN A 497 28.51 -3.17 3.13
CA GLN A 497 28.78 -4.20 2.13
C GLN A 497 27.48 -4.90 1.76
N GLU A 498 27.49 -5.48 0.56
CA GLU A 498 26.54 -6.55 0.24
C GLU A 498 26.86 -7.80 1.05
N ASN A 499 25.83 -8.49 1.51
CA ASN A 499 26.00 -9.70 2.29
C ASN A 499 25.81 -10.93 1.42
N VAL A 500 26.57 -11.98 1.73
CA VAL A 500 26.46 -13.25 1.01
C VAL A 500 25.21 -13.99 1.48
N VAL A 501 24.30 -14.27 0.55
CA VAL A 501 23.07 -14.96 0.87
C VAL A 501 23.31 -16.47 0.87
N ILE A 502 22.93 -17.13 1.97
CA ILE A 502 23.12 -18.57 2.11
C ILE A 502 21.86 -19.29 1.64
N VAL A 503 22.00 -20.06 0.56
CA VAL A 503 20.88 -20.73 -0.11
C VAL A 503 21.06 -22.23 0.05
N ASP A 504 19.98 -22.94 0.34
CA ASP A 504 20.01 -24.38 0.55
C ASP A 504 19.28 -25.06 -0.61
N GLN A 505 20.04 -25.45 -1.63
CA GLN A 505 19.53 -26.35 -2.66
C GLN A 505 19.81 -27.78 -2.19
N SER A 506 18.88 -28.33 -1.42
CA SER A 506 18.91 -29.75 -1.08
C SER A 506 17.94 -30.53 -1.94
N ASP A 507 16.65 -30.27 -1.82
CA ASP A 507 15.68 -30.59 -2.86
C ASP A 507 15.41 -29.34 -3.68
N ILE A 508 15.42 -29.50 -5.01
CA ILE A 508 15.14 -28.36 -5.88
C ILE A 508 13.67 -27.98 -5.84
N ALA A 509 12.82 -28.80 -5.20
CA ALA A 509 11.41 -28.46 -5.06
C ALA A 509 11.22 -27.31 -4.07
N ASN A 510 11.90 -27.37 -2.92
CA ASN A 510 11.80 -26.34 -1.88
C ASN A 510 13.21 -25.85 -1.54
N VAL A 511 13.70 -24.93 -2.35
CA VAL A 511 14.99 -24.28 -2.12
C VAL A 511 14.71 -23.01 -1.32
N ARG A 512 15.35 -22.87 -0.16
CA ARG A 512 15.10 -21.72 0.69
C ARG A 512 16.40 -21.06 1.13
N ILE A 513 16.28 -19.77 1.44
CA ILE A 513 17.37 -18.99 2.02
C ILE A 513 17.35 -19.23 3.52
N ILE A 514 18.50 -19.65 4.06
CA ILE A 514 18.57 -20.02 5.47
C ILE A 514 19.26 -18.98 6.33
N GLY A 515 19.92 -18.00 5.74
CA GLY A 515 20.62 -17.01 6.53
C GLY A 515 21.51 -16.15 5.65
N GLU A 516 22.20 -15.23 6.31
CA GLU A 516 23.07 -14.28 5.64
C GLU A 516 24.39 -14.19 6.38
N MET A 517 25.38 -13.59 5.70
CA MET A 517 26.72 -13.44 6.25
C MET A 517 27.55 -12.44 5.48
N ASP A 518 28.15 -11.47 6.18
CA ASP A 518 28.87 -10.39 5.51
C ASP A 518 29.93 -10.96 4.56
N ARG A 519 30.09 -10.31 3.41
CA ARG A 519 30.94 -10.82 2.34
C ARG A 519 32.34 -11.20 2.85
N PHE A 520 32.94 -10.32 3.66
CA PHE A 520 34.30 -10.56 4.13
C PHE A 520 34.40 -11.82 4.98
N SER A 521 33.39 -12.08 5.81
CA SER A 521 33.43 -13.26 6.66
C SER A 521 33.24 -14.55 5.86
N ALA A 522 32.48 -14.48 4.77
CA ALA A 522 32.23 -15.68 3.97
C ALA A 522 33.51 -16.29 3.44
N MET A 523 34.59 -15.52 3.32
CA MET A 523 35.86 -16.08 2.87
C MET A 523 36.33 -17.21 3.77
N THR A 524 36.10 -17.10 5.08
CA THR A 524 36.55 -18.13 6.00
C THR A 524 35.42 -18.96 6.60
N LEU A 525 34.17 -18.50 6.53
CA LEU A 525 33.08 -19.29 7.09
C LEU A 525 32.20 -19.94 6.05
N LEU A 526 32.28 -19.51 4.78
CA LEU A 526 31.47 -20.07 3.72
C LEU A 526 32.31 -20.36 2.49
N HIS A 527 33.52 -20.89 2.67
CA HIS A 527 34.34 -21.26 1.53
C HIS A 527 33.78 -22.54 0.90
N ASP A 528 34.40 -22.98 -0.19
CA ASP A 528 33.78 -23.95 -1.09
C ASP A 528 33.62 -25.33 -0.47
N GLU A 529 34.17 -25.60 0.71
CA GLU A 529 33.78 -26.82 1.42
C GLU A 529 33.59 -26.56 2.91
N ALA A 530 33.26 -25.33 3.27
CA ALA A 530 33.05 -24.98 4.66
C ALA A 530 31.86 -25.74 5.22
N ILE A 531 31.79 -25.80 6.55
CA ILE A 531 30.62 -26.25 7.28
C ILE A 531 30.00 -25.05 7.98
N TYR A 532 28.75 -24.77 7.65
CA TYR A 532 28.01 -23.67 8.26
C TYR A 532 27.03 -24.24 9.26
N LEU A 533 27.07 -23.72 10.48
CA LEU A 533 26.21 -24.19 11.56
C LEU A 533 25.17 -23.11 11.85
N HIS A 534 23.92 -23.41 11.59
CA HIS A 534 22.81 -22.48 11.79
C HIS A 534 21.95 -23.02 12.93
N GLU A 535 22.14 -22.45 14.11
CA GLU A 535 21.49 -22.91 15.34
C GLU A 535 21.55 -24.44 15.45
N GLY A 536 22.78 -24.95 15.49
CA GLY A 536 23.02 -26.37 15.58
C GLY A 536 22.74 -27.18 14.34
N VAL A 537 22.09 -26.60 13.33
CA VAL A 537 21.79 -27.33 12.10
C VAL A 537 23.01 -27.29 11.18
N GLN A 538 23.42 -28.45 10.68
CA GLN A 538 24.64 -28.59 9.89
C GLN A 538 24.37 -28.43 8.40
N TYR A 539 25.16 -27.58 7.75
CA TYR A 539 25.15 -27.43 6.30
C TYR A 539 26.59 -27.49 5.81
N GLN A 540 26.77 -27.98 4.59
CA GLN A 540 28.06 -27.92 3.93
C GLN A 540 27.94 -27.05 2.68
N VAL A 541 28.79 -26.04 2.59
CA VAL A 541 28.79 -25.17 1.41
C VAL A 541 29.20 -26.02 0.22
N GLU A 542 28.28 -26.22 -0.72
CA GLU A 542 28.66 -26.86 -1.96
C GLU A 542 29.51 -25.93 -2.81
N LYS A 543 29.10 -24.66 -2.92
CA LYS A 543 29.88 -23.72 -3.73
C LYS A 543 29.59 -22.28 -3.33
N LEU A 544 30.64 -21.47 -3.30
CA LEU A 544 30.54 -20.05 -3.02
C LEU A 544 30.69 -19.27 -4.33
N ASP A 545 29.58 -18.66 -4.77
CA ASP A 545 29.61 -17.73 -5.89
C ASP A 545 29.98 -16.37 -5.31
N TRP A 546 31.27 -16.03 -5.42
CA TRP A 546 31.76 -14.79 -4.82
C TRP A 546 31.25 -13.57 -5.55
N ASP A 547 31.24 -13.61 -6.88
CA ASP A 547 30.87 -12.44 -7.67
C ASP A 547 29.41 -12.05 -7.40
N HIS A 548 28.53 -13.03 -7.22
CA HIS A 548 27.11 -12.79 -7.07
C HIS A 548 26.64 -12.88 -5.63
N LYS A 549 27.57 -12.96 -4.67
CA LYS A 549 27.27 -13.01 -3.24
C LYS A 549 26.24 -14.10 -2.92
N LYS A 550 26.61 -15.34 -3.23
CA LYS A 550 25.73 -16.46 -2.90
C LYS A 550 26.57 -17.64 -2.41
N ALA A 551 25.97 -18.43 -1.51
CA ALA A 551 26.63 -19.61 -0.95
C ALA A 551 25.64 -20.76 -0.96
N TYR A 552 25.81 -21.70 -1.90
CA TYR A 552 24.92 -22.84 -2.05
C TYR A 552 25.41 -23.99 -1.18
N VAL A 553 24.53 -24.48 -0.31
CA VAL A 553 24.85 -25.46 0.72
C VAL A 553 23.85 -26.61 0.68
N ARG A 554 24.23 -27.72 1.33
CA ARG A 554 23.34 -28.87 1.51
C ARG A 554 23.40 -29.29 2.98
N LYS A 555 22.34 -29.97 3.43
CA LYS A 555 22.13 -30.26 4.86
C LYS A 555 22.73 -31.58 5.34
N VAL A 556 23.95 -31.94 4.94
CA VAL A 556 24.49 -33.23 5.37
C VAL A 556 24.90 -33.16 6.85
N ASP A 557 25.01 -34.34 7.47
CA ASP A 557 25.32 -34.53 8.89
C ASP A 557 26.69 -35.18 9.04
N VAL A 558 27.66 -34.42 9.54
CA VAL A 558 29.00 -34.93 9.79
C VAL A 558 29.38 -34.73 11.25
N GLU A 559 30.63 -35.08 11.59
CA GLU A 559 31.11 -35.07 12.97
C GLU A 559 31.90 -33.82 13.34
N TYR A 560 32.27 -33.00 12.35
CA TYR A 560 33.28 -31.97 12.54
C TYR A 560 32.75 -30.61 12.10
N TYR A 561 33.59 -29.59 12.28
CA TYR A 561 33.31 -28.22 11.88
C TYR A 561 34.58 -27.58 11.38
N THR A 562 34.43 -26.59 10.52
CA THR A 562 35.57 -25.99 9.83
C THR A 562 35.93 -24.65 10.45
N ASP A 563 37.22 -24.34 10.41
CA ASP A 563 37.71 -23.04 10.84
C ASP A 563 38.88 -22.65 9.95
N ALA A 564 38.85 -21.41 9.46
CA ALA A 564 39.91 -20.90 8.61
C ALA A 564 40.33 -19.53 9.12
N ASN A 565 41.59 -19.18 8.86
CA ASN A 565 42.14 -17.92 9.31
C ASN A 565 42.76 -17.18 8.13
N LEU A 566 42.78 -15.86 8.24
CA LEU A 566 43.18 -14.96 7.17
C LEU A 566 44.55 -14.40 7.46
N ALA A 567 45.51 -14.68 6.57
CA ALA A 567 46.82 -14.06 6.67
C ALA A 567 46.73 -12.64 6.13
N VAL A 568 47.03 -11.67 6.98
CA VAL A 568 46.86 -10.26 6.62
C VAL A 568 48.24 -9.69 6.30
N GLN A 569 48.29 -8.88 5.25
CA GLN A 569 49.50 -8.19 4.82
C GLN A 569 49.21 -6.71 4.67
N LEU A 570 50.29 -5.94 4.56
CA LEU A 570 50.21 -4.49 4.38
C LEU A 570 51.41 -4.12 3.52
N LYS A 571 51.13 -3.49 2.38
CA LYS A 571 52.18 -3.09 1.46
C LYS A 571 51.97 -1.63 1.08
N VAL A 572 53.01 -0.81 1.25
CA VAL A 572 52.92 0.58 0.82
C VAL A 572 53.03 0.64 -0.70
N LEU A 573 52.08 1.32 -1.32
CA LEU A 573 52.08 1.45 -2.77
C LEU A 573 52.99 2.59 -3.20
N GLU A 574 52.70 3.80 -2.74
CA GLU A 574 53.61 4.93 -2.91
C GLU A 574 53.55 5.84 -1.69
N ILE A 575 54.70 6.35 -1.31
CA ILE A 575 54.81 7.43 -0.34
C ILE A 575 54.65 8.75 -1.07
N ASP A 576 53.86 9.65 -0.50
CA ASP A 576 53.64 10.96 -1.10
C ASP A 576 54.01 12.11 -0.19
N LYS A 577 53.97 11.92 1.13
CA LYS A 577 54.44 12.94 2.05
C LYS A 577 55.36 12.24 3.03
N THR A 578 56.43 12.92 3.45
CA THR A 578 57.37 12.29 4.36
C THR A 578 58.19 13.35 5.08
N LYS A 579 58.68 12.97 6.27
CA LYS A 579 59.48 13.86 7.10
C LYS A 579 60.47 13.01 7.87
N GLU A 580 61.75 13.13 7.53
CA GLU A 580 62.82 12.42 8.20
C GLU A 580 63.18 13.13 9.50
N LYS A 581 63.84 12.39 10.39
CA LYS A 581 64.22 12.93 11.69
C LYS A 581 65.54 12.30 12.10
N SER A 582 65.96 12.55 13.35
CA SER A 582 67.26 12.11 13.80
C SER A 582 67.33 10.59 13.91
N ARG A 583 66.30 9.96 14.47
CA ARG A 583 66.30 8.52 14.69
C ARG A 583 65.16 7.78 14.00
N THR A 584 64.13 8.48 13.53
CA THR A 584 62.99 7.85 12.88
C THR A 584 62.63 8.64 11.62
N SER A 585 61.63 8.16 10.90
CA SER A 585 61.09 8.88 9.76
C SER A 585 59.60 8.63 9.67
N LEU A 586 58.81 9.68 9.50
CA LEU A 586 57.36 9.56 9.47
C LEU A 586 56.85 9.84 8.07
N HIS A 587 56.17 8.86 7.48
CA HIS A 587 55.59 8.97 6.14
C HIS A 587 54.07 8.96 6.20
N TYR A 588 53.47 9.57 5.19
CA TYR A 588 52.04 9.42 4.89
C TYR A 588 51.91 9.04 3.43
N GLY A 589 51.15 7.99 3.15
CA GLY A 589 50.98 7.55 1.80
C GLY A 589 49.81 6.60 1.63
N ASP A 590 49.85 5.86 0.53
CA ASP A 590 48.82 4.89 0.17
C ASP A 590 49.33 3.49 0.48
N VAL A 591 48.48 2.68 1.13
CA VAL A 591 48.83 1.31 1.46
C VAL A 591 47.68 0.41 1.04
N THR A 592 47.98 -0.89 0.97
CA THR A 592 46.98 -1.90 0.67
C THR A 592 47.11 -3.05 1.65
N VAL A 593 45.97 -3.44 2.23
CA VAL A 593 45.86 -4.58 3.14
C VAL A 593 45.35 -5.77 2.35
N ASN A 594 46.02 -6.92 2.50
CA ASN A 594 45.72 -8.10 1.70
C ASN A 594 45.28 -9.22 2.62
N ALA A 595 44.16 -9.85 2.30
CA ALA A 595 43.67 -10.99 3.05
C ALA A 595 43.68 -12.23 2.17
N LEU A 596 44.41 -13.26 2.62
CA LEU A 596 44.60 -14.54 1.94
C LEU A 596 43.83 -15.62 2.67
N PRO A 597 42.88 -16.32 2.03
CA PRO A 597 42.18 -17.40 2.73
C PRO A 597 43.05 -18.59 3.14
N THR A 598 44.11 -18.89 2.39
CA THR A 598 44.98 -20.04 2.64
C THR A 598 44.24 -21.36 2.80
N ILE A 599 44.29 -21.96 4.00
CA ILE A 599 43.74 -23.29 4.22
C ILE A 599 42.80 -23.26 5.42
N PHE A 600 41.83 -24.17 5.43
CA PHE A 600 40.95 -24.38 6.57
C PHE A 600 41.19 -25.73 7.22
N LYS A 601 40.82 -25.82 8.49
CA LYS A 601 41.02 -27.00 9.31
C LYS A 601 39.68 -27.58 9.73
N LYS A 602 39.60 -28.91 9.74
CA LYS A 602 38.45 -29.65 10.24
C LYS A 602 38.73 -30.08 11.68
N ILE A 603 37.79 -29.78 12.58
CA ILE A 603 37.95 -30.03 14.01
C ILE A 603 36.71 -30.77 14.50
N LYS A 604 36.92 -31.89 15.18
CA LYS A 604 35.77 -32.63 15.70
C LYS A 604 35.08 -31.82 16.79
N MET A 605 33.75 -31.76 16.72
CA MET A 605 32.98 -30.94 17.67
C MET A 605 33.10 -31.49 19.08
N THR A 606 33.12 -32.81 19.23
CA THR A 606 33.08 -33.41 20.56
C THR A 606 34.45 -33.38 21.23
N THR A 607 35.52 -33.67 20.49
CA THR A 607 36.85 -33.82 21.04
C THR A 607 37.75 -32.60 20.85
N PHE A 608 37.39 -31.69 19.94
CA PHE A 608 38.20 -30.50 19.66
C PHE A 608 39.58 -30.87 19.14
N GLU A 609 39.67 -31.90 18.31
CA GLU A 609 40.96 -32.32 17.76
C GLU A 609 40.95 -32.18 16.25
N ASN A 610 42.11 -31.82 15.70
CA ASN A 610 42.24 -31.57 14.27
C ASN A 610 42.22 -32.90 13.52
N ILE A 611 41.35 -33.01 12.51
CA ILE A 611 41.21 -34.28 11.82
C ILE A 611 41.39 -34.13 10.31
N GLY A 612 41.76 -32.93 9.86
CA GLY A 612 42.01 -32.75 8.44
C GLY A 612 42.18 -31.29 8.08
N SER A 613 42.57 -31.07 6.84
CA SER A 613 42.80 -29.73 6.32
C SER A 613 42.40 -29.69 4.85
N GLY A 614 42.18 -28.48 4.35
CA GLY A 614 41.80 -28.30 2.98
C GLY A 614 42.07 -26.91 2.42
N PRO A 615 42.11 -26.80 1.10
CA PRO A 615 42.40 -25.51 0.46
C PRO A 615 41.17 -24.64 0.28
N ILE A 616 41.43 -23.35 0.16
CA ILE A 616 40.39 -22.35 -0.12
C ILE A 616 40.87 -21.54 -1.31
N HIS A 617 40.19 -21.70 -2.45
CA HIS A 617 40.62 -21.06 -3.69
C HIS A 617 39.78 -19.80 -3.88
N LEU A 618 40.22 -18.73 -3.23
CA LEU A 618 39.55 -17.45 -3.31
C LEU A 618 40.58 -16.36 -3.57
N PRO A 619 40.15 -15.20 -4.05
CA PRO A 619 41.14 -14.16 -4.37
C PRO A 619 41.68 -13.49 -3.12
N GLU A 620 42.96 -13.09 -3.19
CA GLU A 620 43.53 -12.24 -2.16
C GLU A 620 42.74 -10.95 -2.13
N GLU A 621 41.80 -10.80 -1.21
CA GLU A 621 40.96 -9.61 -1.23
C GLU A 621 41.73 -8.46 -0.61
N GLU A 622 41.92 -7.37 -1.35
CA GLU A 622 42.71 -6.26 -0.85
C GLU A 622 41.87 -5.01 -0.64
N LEU A 623 42.15 -4.33 0.46
CA LEU A 623 41.57 -3.04 0.80
C LEU A 623 42.60 -1.96 0.52
N HIS A 624 42.24 -0.97 -0.28
CA HIS A 624 43.14 0.13 -0.62
C HIS A 624 42.78 1.32 0.26
N THR A 625 43.76 1.86 0.99
CA THR A 625 43.44 2.94 1.90
C THR A 625 44.69 3.76 2.14
N SER A 626 44.52 4.86 2.88
CA SER A 626 45.64 5.73 3.23
C SER A 626 46.17 5.35 4.60
N ALA A 627 47.46 5.66 4.82
CA ALA A 627 48.06 5.33 6.10
C ALA A 627 49.19 6.30 6.43
N ALA A 628 49.46 6.41 7.72
CA ALA A 628 50.64 7.07 8.26
C ALA A 628 51.52 6.00 8.88
N TRP A 629 52.83 6.18 8.83
CA TRP A 629 53.66 5.15 9.41
C TRP A 629 55.01 5.70 9.80
N LEU A 630 55.65 4.98 10.71
CA LEU A 630 56.86 5.45 11.38
C LEU A 630 57.91 4.36 11.26
N GLU A 631 59.03 4.71 10.63
CA GLU A 631 60.17 3.81 10.41
C GLU A 631 61.24 4.14 11.43
N ILE A 632 61.76 3.11 12.08
CA ILE A 632 62.87 3.27 13.03
C ILE A 632 64.18 3.12 12.28
N LYS A 633 65.03 4.14 12.36
CA LYS A 633 66.34 4.09 11.72
C LYS A 633 67.32 3.37 12.63
N THR A 634 67.92 2.30 12.13
CA THR A 634 68.84 1.46 12.88
C THR A 634 70.27 1.68 12.40
N ALA A 635 71.20 1.73 13.33
CA ALA A 635 72.61 1.72 13.02
C ALA A 635 73.14 0.30 13.24
N ASP A 636 74.47 0.16 13.40
CA ASP A 636 75.03 -1.15 13.68
C ASP A 636 74.71 -1.59 15.10
N GLU A 637 74.68 -0.65 16.04
CA GLU A 637 74.29 -0.92 17.42
C GLU A 637 72.77 -0.88 17.50
N ASP A 638 72.14 -2.05 17.39
CA ASP A 638 70.70 -2.15 17.30
C ASP A 638 70.17 -3.17 18.31
N ILE A 639 68.87 -3.04 18.62
CA ILE A 639 68.22 -3.94 19.56
C ILE A 639 68.10 -5.34 18.95
N GLY A 640 68.09 -6.35 19.81
CA GLY A 640 67.71 -7.68 19.36
C GLY A 640 66.33 -7.68 18.72
N GLU A 641 66.15 -8.56 17.74
CA GLU A 641 64.97 -8.49 16.87
C GLU A 641 63.68 -8.65 17.67
N LYS A 642 63.64 -9.64 18.56
CA LYS A 642 62.36 -9.98 19.19
C LYS A 642 62.06 -9.14 20.43
N THR A 643 63.07 -8.70 21.16
CA THR A 643 62.84 -7.64 22.13
C THR A 643 62.29 -6.40 21.43
N LEU A 644 62.88 -6.06 20.29
CA LEU A 644 62.37 -4.97 19.48
C LEU A 644 60.92 -5.21 19.08
N GLU A 645 60.58 -6.45 18.67
CA GLU A 645 59.23 -6.76 18.22
C GLU A 645 58.22 -6.60 19.34
N GLN A 646 58.58 -7.05 20.55
CA GLN A 646 57.71 -6.84 21.70
C GLN A 646 57.53 -5.35 22.00
N LEU A 647 58.60 -4.58 21.88
CA LEU A 647 58.49 -3.14 22.07
C LEU A 647 57.59 -2.51 21.01
N LEU A 648 57.68 -3.01 19.76
CA LEU A 648 56.78 -2.55 18.71
C LEU A 648 55.32 -2.82 19.06
N LEU A 649 55.04 -4.00 19.61
CA LEU A 649 53.67 -4.33 20.02
C LEU A 649 53.19 -3.41 21.14
N GLY A 650 54.06 -3.11 22.10
CA GLY A 650 53.69 -2.16 23.14
C GLY A 650 53.39 -0.78 22.58
N ILE A 651 54.24 -0.29 21.68
CA ILE A 651 54.00 1.02 21.08
C ILE A 651 52.70 1.00 20.28
N SER A 652 52.42 -0.12 19.61
CA SER A 652 51.16 -0.25 18.87
C SER A 652 49.97 -0.13 19.81
N ASN A 653 50.04 -0.79 20.96
CA ASN A 653 48.94 -0.69 21.92
C ASN A 653 48.77 0.75 22.41
N VAL A 654 49.88 1.41 22.75
CA VAL A 654 49.80 2.78 23.25
C VAL A 654 49.20 3.69 22.18
N LEU A 655 49.58 3.48 20.92
CA LEU A 655 49.03 4.26 19.83
C LEU A 655 47.53 4.01 19.64
N GLN A 656 47.11 2.74 19.69
CA GLN A 656 45.68 2.46 19.55
C GLN A 656 44.89 3.08 20.69
N HIS A 657 45.49 3.25 21.86
CA HIS A 657 44.78 3.97 22.91
C HIS A 657 44.75 5.48 22.65
N ILE A 658 45.89 6.07 22.27
CA ILE A 658 45.99 7.53 22.22
C ILE A 658 45.34 8.12 20.97
N VAL A 659 45.50 7.47 19.82
CA VAL A 659 45.05 8.07 18.56
C VAL A 659 43.55 8.38 18.53
N PRO A 660 42.65 7.43 18.82
CA PRO A 660 41.22 7.79 18.84
C PRO A 660 40.91 8.92 19.80
N VAL A 661 41.66 9.03 20.89
CA VAL A 661 41.45 10.12 21.82
C VAL A 661 41.80 11.45 21.15
N TYR A 662 42.96 11.51 20.50
CA TYR A 662 43.44 12.76 19.93
C TYR A 662 42.62 13.16 18.71
N ILE A 663 42.74 12.42 17.61
CA ILE A 663 41.79 12.59 16.51
C ILE A 663 40.48 11.94 16.96
N MET A 664 39.45 12.74 17.12
CA MET A 664 38.24 12.23 17.78
C MET A 664 37.45 11.27 16.90
N CYS A 665 37.81 9.99 16.97
CA CYS A 665 37.13 8.92 16.27
C CYS A 665 37.02 7.71 17.20
N ASP A 666 36.44 6.63 16.69
CA ASP A 666 36.29 5.42 17.48
C ASP A 666 37.53 4.53 17.36
N ARG A 667 37.68 3.64 18.34
CA ARG A 667 38.84 2.76 18.37
C ARG A 667 38.89 1.86 17.14
N ASN A 668 37.74 1.56 16.54
CA ASN A 668 37.67 0.73 15.35
C ASN A 668 37.77 1.54 14.06
N ASP A 669 37.82 2.86 14.15
CA ASP A 669 37.95 3.68 12.95
C ASP A 669 39.38 3.74 12.43
N VAL A 670 40.34 3.18 13.16
CA VAL A 670 41.74 3.22 12.75
C VAL A 670 42.48 2.06 13.40
N HIS A 671 43.22 1.32 12.59
CA HIS A 671 44.02 0.18 13.05
C HIS A 671 45.48 0.58 13.10
N VAL A 672 46.19 0.00 14.07
CA VAL A 672 47.61 0.23 14.27
C VAL A 672 48.29 -1.12 14.20
N VAL A 673 49.03 -1.35 13.11
CA VAL A 673 49.70 -2.62 12.85
C VAL A 673 51.21 -2.43 12.97
N SER A 674 51.87 -3.47 13.46
CA SER A 674 53.31 -3.47 13.70
C SER A 674 53.98 -4.41 12.71
N GLN A 675 55.15 -4.01 12.22
CA GLN A 675 55.92 -4.84 11.30
C GLN A 675 57.38 -4.75 11.71
N ILE A 676 58.06 -5.89 11.75
CA ILE A 676 59.45 -5.85 12.22
C ILE A 676 60.39 -5.51 11.07
N LYS A 677 60.07 -5.94 9.86
CA LYS A 677 60.89 -5.70 8.67
C LYS A 677 59.90 -5.40 7.53
N ALA A 678 59.53 -4.14 7.38
CA ALA A 678 58.64 -3.75 6.30
C ALA A 678 59.21 -4.20 4.96
N ALA A 679 58.31 -4.54 4.03
CA ALA A 679 58.76 -5.19 2.80
C ALA A 679 59.58 -4.25 1.92
N HIS A 680 59.21 -2.98 1.88
CA HIS A 680 59.85 -2.05 0.96
C HIS A 680 61.12 -1.42 1.52
N THR A 681 61.29 -1.40 2.84
CA THR A 681 62.50 -0.86 3.45
C THR A 681 63.29 -1.86 4.28
N GLY A 682 62.64 -2.83 4.91
CA GLY A 682 63.32 -3.76 5.77
C GLY A 682 63.41 -3.34 7.22
N LEU A 683 63.05 -2.10 7.54
CA LEU A 683 63.08 -1.34 8.78
C LEU A 683 61.81 -1.59 9.59
N PRO A 684 61.95 -1.71 10.91
CA PRO A 684 60.77 -1.83 11.78
C PRO A 684 59.85 -0.63 11.59
N THR A 685 58.56 -0.90 11.51
CA THR A 685 57.61 0.13 11.14
C THR A 685 56.31 -0.04 11.92
N ILE A 686 55.69 1.10 12.21
CA ILE A 686 54.36 1.15 12.81
C ILE A 686 53.43 1.85 11.84
N PHE A 687 52.39 1.15 11.39
CA PHE A 687 51.41 1.70 10.47
C PHE A 687 50.13 2.04 11.22
N LEU A 688 49.56 3.20 10.92
CA LEU A 688 48.24 3.59 11.38
C LEU A 688 47.41 3.89 10.14
N TYR A 689 46.43 3.03 9.88
CA TYR A 689 45.58 3.19 8.71
C TYR A 689 44.13 3.15 9.16
N ASP A 690 43.33 4.09 8.68
CA ASP A 690 41.90 4.01 8.93
C ASP A 690 41.29 2.97 7.99
N HIS A 691 40.36 2.18 8.50
CA HIS A 691 39.95 1.01 7.72
C HIS A 691 38.69 1.52 7.04
N TYR A 692 38.87 2.08 5.85
CA TYR A 692 37.72 2.66 5.27
C TYR A 692 38.15 2.56 3.81
N PRO A 693 37.24 2.27 2.88
CA PRO A 693 37.66 2.11 1.48
C PRO A 693 38.36 3.35 0.95
N GLY A 694 37.65 4.46 0.90
CA GLY A 694 38.30 5.74 0.68
C GLY A 694 39.04 6.19 1.93
N GLY A 695 40.28 6.63 1.74
CA GLY A 695 40.98 7.19 2.87
C GLY A 695 40.20 8.38 3.40
N ILE A 696 39.72 8.28 4.63
CA ILE A 696 38.81 9.26 5.19
C ILE A 696 39.54 10.27 6.09
N GLY A 697 40.86 10.38 5.95
CA GLY A 697 41.59 11.48 6.55
C GLY A 697 41.99 11.31 7.99
N LEU A 698 41.79 10.13 8.58
CA LEU A 698 42.27 9.90 9.94
C LEU A 698 43.79 9.78 9.97
N ALA A 699 44.35 8.97 9.07
CA ALA A 699 45.79 8.81 9.02
C ALA A 699 46.49 10.12 8.69
N GLU A 700 45.88 10.93 7.82
CA GLU A 700 46.44 12.24 7.51
C GLU A 700 46.59 13.09 8.77
N GLU A 701 45.54 13.16 9.59
CA GLU A 701 45.61 13.93 10.81
C GLU A 701 46.58 13.32 11.81
N VAL A 702 46.71 11.99 11.81
CA VAL A 702 47.71 11.35 12.66
C VAL A 702 49.11 11.82 12.26
N PHE A 703 49.39 11.82 10.95
CA PHE A 703 50.67 12.32 10.46
C PHE A 703 50.88 13.78 10.85
N LYS A 704 49.83 14.60 10.69
CA LYS A 704 49.98 16.04 10.92
C LYS A 704 50.28 16.32 12.39
N ARG A 705 49.45 15.80 13.29
CA ARG A 705 49.59 16.05 14.72
C ARG A 705 50.38 14.95 15.43
N PHE A 706 51.31 14.28 14.73
CA PHE A 706 51.91 13.08 15.29
C PHE A 706 52.78 13.37 16.52
N SER A 707 53.45 14.52 16.57
CA SER A 707 54.29 14.83 17.72
C SER A 707 53.48 14.93 19.00
N ASP A 708 52.32 15.61 18.92
CA ASP A 708 51.43 15.69 20.07
C ASP A 708 50.94 14.30 20.48
N ILE A 709 50.56 13.48 19.49
CA ILE A 709 50.16 12.11 19.79
C ILE A 709 51.26 11.39 20.56
N ASN A 710 52.50 11.53 20.09
CA ASN A 710 53.62 10.84 20.71
C ASN A 710 53.79 11.27 22.16
N GLU A 711 53.78 12.59 22.40
CA GLU A 711 54.06 13.06 23.76
C GLU A 711 52.90 12.73 24.69
N ALA A 712 51.65 12.78 24.19
CA ALA A 712 50.52 12.33 24.98
C ALA A 712 50.58 10.83 25.24
N ALA A 713 51.20 10.07 24.33
CA ALA A 713 51.43 8.66 24.58
C ALA A 713 52.40 8.45 25.74
N LYS A 714 53.53 9.15 25.70
CA LYS A 714 54.44 9.14 26.85
C LYS A 714 53.70 9.48 28.13
N GLN A 715 52.89 10.54 28.09
CA GLN A 715 52.09 10.96 29.24
C GLN A 715 51.20 9.84 29.75
N LEU A 716 50.51 9.14 28.85
CA LEU A 716 49.63 8.06 29.29
C LEU A 716 50.42 6.91 29.89
N ILE A 717 51.58 6.59 29.31
CA ILE A 717 52.40 5.51 29.85
C ILE A 717 52.83 5.83 31.27
N THR A 718 53.27 7.06 31.53
CA THR A 718 53.81 7.37 32.85
C THR A 718 52.72 7.48 33.91
N HIS A 719 51.51 7.92 33.52
CA HIS A 719 50.44 8.12 34.48
C HIS A 719 49.47 6.94 34.54
N CYS A 720 49.89 5.77 34.05
CA CYS A 720 49.08 4.56 34.17
C CYS A 720 49.37 3.87 35.50
N PRO A 721 48.35 3.47 36.25
CA PRO A 721 48.56 2.99 37.64
C PRO A 721 49.25 1.62 37.74
N CYS A 722 49.52 0.93 36.65
CA CYS A 722 49.96 -0.46 36.77
C CYS A 722 51.46 -0.56 37.09
N HIS A 723 51.85 -1.74 37.54
CA HIS A 723 53.25 -2.13 37.64
C HIS A 723 53.70 -2.72 36.31
N ASP A 724 54.65 -2.05 35.64
CA ASP A 724 55.29 -2.50 34.40
C ASP A 724 54.38 -2.48 33.18
N GLY A 725 53.13 -2.94 33.30
CA GLY A 725 52.23 -2.86 32.16
C GLY A 725 50.85 -3.45 32.35
N CYS A 726 49.83 -2.81 31.75
CA CYS A 726 48.45 -3.28 31.79
C CYS A 726 47.81 -3.15 30.41
N PRO A 727 46.62 -3.75 30.19
CA PRO A 727 45.98 -3.67 28.86
C PRO A 727 45.39 -2.30 28.53
N SER A 728 45.63 -1.29 29.36
CA SER A 728 45.27 0.07 29.01
C SER A 728 46.44 0.91 28.55
N CYS A 729 47.66 0.36 28.56
CA CYS A 729 48.83 1.11 28.10
C CYS A 729 49.68 0.26 27.16
N ILE A 730 50.76 -0.34 27.67
CA ILE A 730 51.65 -1.13 26.80
C ILE A 730 51.26 -2.60 26.72
N GLY A 731 50.16 -3.00 27.36
CA GLY A 731 49.57 -4.30 27.07
C GLY A 731 50.24 -5.54 27.62
N THR A 732 50.89 -5.44 28.77
CA THR A 732 51.20 -6.58 29.65
C THR A 732 51.65 -7.84 28.90
N GLU A 733 52.60 -7.67 27.97
CA GLU A 733 53.08 -8.84 27.24
C GLU A 733 54.50 -8.57 26.73
N ILE A 734 55.32 -7.94 27.57
CA ILE A 734 56.73 -7.74 27.30
C ILE A 734 57.52 -8.49 28.36
N GLU A 735 58.55 -9.19 27.95
CA GLU A 735 59.10 -10.30 28.72
C GLU A 735 60.43 -9.96 29.38
N GLY A 736 60.55 -8.70 29.83
CA GLY A 736 61.63 -8.30 30.69
C GLY A 736 61.11 -7.38 31.78
N ILE A 737 61.99 -7.04 32.71
CA ILE A 737 61.62 -6.09 33.75
C ILE A 737 61.73 -4.67 33.19
N LYS A 738 61.00 -3.76 33.82
CA LYS A 738 61.01 -2.33 33.48
C LYS A 738 60.74 -2.14 31.99
N ALA A 739 59.65 -2.74 31.53
CA ALA A 739 59.26 -2.61 30.12
C ALA A 739 58.78 -1.20 29.81
N LYS A 740 58.09 -0.58 30.77
CA LYS A 740 57.65 0.81 30.59
C LYS A 740 58.83 1.72 30.24
N GLU A 741 59.98 1.51 30.87
CA GLU A 741 61.11 2.41 30.65
C GLU A 741 61.64 2.27 29.22
N ARG A 742 61.75 1.04 28.72
CA ARG A 742 62.19 0.80 27.36
C ARG A 742 61.21 1.39 26.34
N ILE A 743 59.91 1.17 26.57
CA ILE A 743 58.89 1.75 25.71
C ILE A 743 59.01 3.27 25.68
N LEU A 744 59.12 3.89 26.86
CA LEU A 744 59.26 5.34 26.95
C LEU A 744 60.52 5.83 26.25
N GLN A 745 61.62 5.06 26.30
CA GLN A 745 62.82 5.46 25.60
C GLN A 745 62.63 5.42 24.08
N LEU A 746 61.95 4.38 23.59
CA LEU A 746 61.64 4.37 22.16
C LEU A 746 60.78 5.57 21.78
N LEU A 747 59.82 5.93 22.64
CA LEU A 747 59.01 7.11 22.36
C LEU A 747 59.86 8.37 22.38
N ASP A 748 60.92 8.38 23.20
CA ASP A 748 61.84 9.50 23.21
C ASP A 748 62.56 9.61 21.88
N GLN A 749 63.06 8.49 21.38
CA GLN A 749 63.79 8.52 20.10
C GLN A 749 62.85 8.86 18.95
N MET A 750 61.55 8.60 19.11
CA MET A 750 60.59 9.05 18.10
C MET A 750 60.26 10.52 18.24
N SER A 751 60.55 11.12 19.39
CA SER A 751 60.20 12.51 19.64
C SER A 751 61.44 13.37 19.71
N LYS B 6 -53.23 26.19 -1.64
CA LYS B 6 -53.57 24.97 -2.38
C LYS B 6 -52.55 23.86 -2.07
N SER B 7 -53.02 22.62 -1.98
CA SER B 7 -52.15 21.48 -1.69
C SER B 7 -52.44 20.34 -2.68
N LEU B 8 -51.99 19.13 -2.33
CA LEU B 8 -51.86 18.08 -3.34
C LEU B 8 -53.19 17.45 -3.72
N THR B 9 -54.05 17.14 -2.74
CA THR B 9 -55.31 16.49 -3.07
C THR B 9 -56.20 17.42 -3.89
N GLU B 10 -56.20 18.70 -3.56
CA GLU B 10 -56.94 19.68 -4.34
C GLU B 10 -56.39 19.75 -5.76
N LEU B 11 -55.06 19.65 -5.89
CA LEU B 11 -54.44 19.69 -7.20
C LEU B 11 -54.80 18.49 -8.04
N ILE B 12 -54.88 17.29 -7.43
CA ILE B 12 -55.35 16.13 -8.16
C ILE B 12 -56.79 16.33 -8.62
N SER B 13 -57.65 16.88 -7.76
CA SER B 13 -59.03 17.13 -8.17
C SER B 13 -59.09 18.10 -9.35
N ASP B 14 -58.35 19.20 -9.24
CA ASP B 14 -58.35 20.22 -10.28
C ASP B 14 -57.89 19.64 -11.61
N LEU B 15 -56.83 18.82 -11.58
CA LEU B 15 -56.40 18.15 -12.80
C LEU B 15 -57.46 17.17 -13.29
N LYS B 16 -58.08 16.43 -12.38
CA LYS B 16 -59.05 15.40 -12.75
C LYS B 16 -60.17 16.00 -13.57
N GLY B 17 -60.55 17.23 -13.26
CA GLY B 17 -61.66 17.79 -14.01
C GLY B 17 -61.24 18.52 -15.26
N ASN B 18 -60.44 19.56 -15.12
CA ASN B 18 -60.36 20.60 -16.15
C ASN B 18 -59.48 20.23 -17.34
N GLU B 19 -58.17 20.11 -17.10
CA GLU B 19 -57.18 20.34 -18.16
C GLU B 19 -56.99 19.12 -19.06
N ASN B 20 -57.87 19.00 -20.04
CA ASN B 20 -57.63 18.23 -21.27
C ASN B 20 -57.25 16.77 -21.01
N VAL B 21 -57.67 16.20 -19.89
CA VAL B 21 -57.37 14.79 -19.64
C VAL B 21 -58.10 13.93 -20.65
N VAL B 22 -57.42 12.93 -21.19
CA VAL B 22 -58.02 12.04 -22.17
C VAL B 22 -58.15 10.60 -21.67
N ASN B 23 -57.34 10.20 -20.70
CA ASN B 23 -57.50 8.90 -20.07
C ASN B 23 -56.92 9.03 -18.68
N TRP B 24 -57.58 8.38 -17.71
CA TRP B 24 -57.18 8.39 -16.32
C TRP B 24 -57.12 6.96 -15.84
N HIS B 25 -55.98 6.57 -15.27
CA HIS B 25 -55.71 5.18 -14.92
C HIS B 25 -55.33 5.15 -13.44
N GLU B 26 -56.17 4.51 -12.64
CA GLU B 26 -55.97 4.43 -11.21
C GLU B 26 -55.35 3.10 -10.85
N ILE B 27 -54.15 3.13 -10.28
CA ILE B 27 -53.50 1.94 -9.76
C ILE B 27 -53.83 1.86 -8.28
N GLU B 28 -54.53 0.79 -7.91
CA GLU B 28 -55.09 0.67 -6.58
C GLU B 28 -53.98 0.49 -5.54
N PRO B 29 -54.20 0.97 -4.32
CA PRO B 29 -53.19 0.76 -3.27
C PRO B 29 -53.08 -0.71 -2.91
N ARG B 30 -51.90 -1.08 -2.42
CA ARG B 30 -51.64 -2.43 -1.95
C ARG B 30 -51.01 -2.32 -0.57
N GLU B 31 -51.72 -2.81 0.45
CA GLU B 31 -51.15 -2.82 1.79
C GLU B 31 -50.09 -3.91 1.86
N ALA B 32 -49.08 -3.67 2.69
CA ALA B 32 -47.92 -4.56 2.74
C ALA B 32 -48.36 -6.01 2.89
N LYS B 33 -47.57 -6.90 2.31
CA LYS B 33 -47.68 -8.33 2.56
C LYS B 33 -46.39 -8.80 3.19
N THR B 34 -46.51 -9.67 4.20
CA THR B 34 -45.42 -9.88 5.16
C THR B 34 -45.35 -11.34 5.57
N ARG B 35 -44.15 -11.76 5.97
CA ARG B 35 -43.86 -13.03 6.62
C ARG B 35 -42.97 -12.73 7.81
N PRO B 36 -42.89 -13.64 8.78
CA PRO B 36 -42.06 -13.37 9.96
C PRO B 36 -40.58 -13.48 9.64
N MET B 37 -39.78 -12.77 10.44
CA MET B 37 -38.34 -12.86 10.32
C MET B 37 -37.88 -14.26 10.69
N PRO B 38 -37.10 -14.93 9.84
CA PRO B 38 -36.67 -16.30 10.15
C PRO B 38 -35.93 -16.37 11.49
N GLU B 39 -36.19 -17.43 12.26
CA GLU B 39 -35.52 -17.59 13.53
C GLU B 39 -34.03 -17.86 13.36
N SER B 40 -33.66 -18.56 12.29
CA SER B 40 -32.27 -18.93 12.06
C SER B 40 -31.36 -17.73 11.85
N ILE B 41 -31.91 -16.53 11.74
CA ILE B 41 -31.12 -15.33 11.50
C ILE B 41 -30.26 -15.00 12.72
N ASP B 42 -29.06 -14.46 12.45
CA ASP B 42 -28.19 -14.02 13.53
C ASP B 42 -28.84 -12.86 14.29
N GLU B 43 -28.68 -12.89 15.61
CA GLU B 43 -29.38 -11.94 16.47
C GLU B 43 -28.86 -10.52 16.27
N ARG B 44 -27.55 -10.36 16.03
CA ARG B 44 -26.99 -9.04 15.81
C ARG B 44 -27.65 -8.35 14.62
N ILE B 45 -27.85 -9.10 13.55
CA ILE B 45 -28.47 -8.53 12.35
C ILE B 45 -29.97 -8.38 12.53
N LYS B 46 -30.63 -9.27 13.26
CA LYS B 46 -32.03 -9.01 13.59
C LYS B 46 -32.17 -7.68 14.34
N ALA B 47 -31.22 -7.36 15.22
CA ALA B 47 -31.27 -6.06 15.91
C ALA B 47 -31.08 -4.90 14.94
N ALA B 48 -30.14 -5.03 14.02
CA ALA B 48 -29.95 -3.99 13.01
C ALA B 48 -31.20 -3.84 12.13
N LEU B 49 -31.85 -4.96 11.81
CA LEU B 49 -33.05 -4.83 10.99
C LEU B 49 -34.15 -4.15 11.79
N SER B 50 -34.18 -4.36 13.11
CA SER B 50 -35.09 -3.60 13.96
C SER B 50 -34.76 -2.11 13.93
N LYS B 51 -33.47 -1.75 13.89
CA LYS B 51 -33.14 -0.32 13.88
C LYS B 51 -33.69 0.34 12.63
N ARG B 52 -33.54 -0.29 11.46
CA ARG B 52 -34.08 0.39 10.27
C ARG B 52 -35.61 0.40 10.28
N GLY B 53 -36.24 -0.50 11.02
CA GLY B 53 -37.69 -0.53 11.11
C GLY B 53 -38.23 -1.86 10.62
N ILE B 54 -37.34 -2.83 10.47
CA ILE B 54 -37.66 -4.14 9.91
C ILE B 54 -37.71 -5.13 11.07
N ASP B 55 -38.92 -5.44 11.55
CA ASP B 55 -39.09 -6.50 12.53
C ASP B 55 -39.61 -7.78 11.89
N GLU B 56 -40.58 -7.67 11.00
CA GLU B 56 -40.99 -8.76 10.13
C GLU B 56 -40.53 -8.44 8.71
N LEU B 57 -40.42 -9.47 7.89
CA LEU B 57 -39.85 -9.33 6.57
C LEU B 57 -40.96 -9.29 5.51
N TYR B 58 -40.65 -8.72 4.34
CA TYR B 58 -41.66 -8.72 3.29
C TYR B 58 -41.74 -10.08 2.62
N THR B 59 -42.80 -10.28 1.84
CA THR B 59 -42.98 -11.56 1.16
C THR B 59 -41.84 -11.83 0.18
N HIS B 60 -41.47 -10.84 -0.62
CA HIS B 60 -40.39 -11.06 -1.59
C HIS B 60 -39.04 -11.22 -0.89
N GLN B 61 -38.81 -10.46 0.19
CA GLN B 61 -37.58 -10.62 0.95
C GLN B 61 -37.51 -12.00 1.60
N TYR B 62 -38.63 -12.46 2.17
CA TYR B 62 -38.66 -13.77 2.80
C TYR B 62 -38.41 -14.87 1.77
N SER B 63 -39.09 -14.79 0.62
CA SER B 63 -38.89 -15.78 -0.44
C SER B 63 -37.44 -15.78 -0.92
N ALA B 64 -36.86 -14.60 -1.12
CA ALA B 64 -35.47 -14.51 -1.52
C ALA B 64 -34.58 -15.25 -0.52
N PHE B 65 -34.72 -14.94 0.77
CA PHE B 65 -33.88 -15.57 1.77
C PHE B 65 -34.06 -17.08 1.77
N GLN B 66 -35.31 -17.54 1.80
CA GLN B 66 -35.56 -18.97 1.95
C GLN B 66 -35.05 -19.73 0.74
N TYR B 67 -35.37 -19.26 -0.47
CA TYR B 67 -34.90 -19.93 -1.68
C TYR B 67 -33.38 -19.97 -1.75
N VAL B 68 -32.72 -18.83 -1.49
CA VAL B 68 -31.26 -18.80 -1.68
C VAL B 68 -30.56 -19.62 -0.59
N GLN B 69 -31.08 -19.61 0.63
CA GLN B 69 -30.46 -20.43 1.68
C GLN B 69 -30.60 -21.91 1.40
N LYS B 70 -31.54 -22.29 0.54
CA LYS B 70 -31.67 -23.66 0.05
C LYS B 70 -30.91 -23.88 -1.25
N GLY B 71 -30.00 -22.95 -1.60
CA GLY B 71 -29.10 -23.13 -2.73
C GLY B 71 -29.68 -22.88 -4.10
N GLU B 72 -30.89 -22.34 -4.20
CA GLU B 72 -31.48 -22.03 -5.49
C GLU B 72 -31.16 -20.59 -5.89
N SER B 73 -30.77 -20.40 -7.14
CA SER B 73 -30.50 -19.07 -7.66
C SER B 73 -31.82 -18.37 -7.96
N ILE B 74 -31.87 -17.07 -7.67
CA ILE B 74 -33.12 -16.33 -7.76
C ILE B 74 -32.94 -15.05 -8.57
N VAL B 75 -34.04 -14.61 -9.17
CA VAL B 75 -34.15 -13.28 -9.78
C VAL B 75 -35.44 -12.64 -9.30
N THR B 76 -35.30 -11.53 -8.57
CA THR B 76 -36.41 -10.87 -7.91
C THR B 76 -36.73 -9.57 -8.65
N VAL B 77 -38.01 -9.36 -8.96
CA VAL B 77 -38.41 -8.13 -9.62
C VAL B 77 -39.02 -7.20 -8.58
N THR B 78 -38.17 -6.57 -7.78
CA THR B 78 -38.64 -5.63 -6.77
C THR B 78 -38.43 -4.21 -7.26
N PRO B 79 -39.50 -3.48 -7.57
CA PRO B 79 -39.36 -2.10 -8.07
C PRO B 79 -38.78 -1.09 -7.09
N THR B 80 -39.19 0.16 -7.27
CA THR B 80 -38.71 1.25 -6.44
C THR B 80 -39.25 1.16 -5.01
N ALA B 81 -38.36 1.43 -4.04
CA ALA B 81 -38.71 1.52 -2.63
C ALA B 81 -39.44 0.27 -2.13
N SER B 82 -38.98 -0.91 -2.58
CA SER B 82 -39.56 -2.18 -2.15
C SER B 82 -38.57 -3.01 -1.36
N GLY B 83 -37.52 -2.40 -0.81
CA GLY B 83 -36.48 -3.13 -0.11
C GLY B 83 -35.74 -4.08 -1.02
N LYS B 84 -35.35 -3.61 -2.20
CA LYS B 84 -34.60 -4.45 -3.13
C LYS B 84 -33.30 -4.92 -2.49
N THR B 85 -32.54 -3.99 -1.89
CA THR B 85 -31.19 -4.32 -1.44
C THR B 85 -31.22 -5.44 -0.42
N LEU B 86 -32.19 -5.42 0.49
CA LEU B 86 -32.21 -6.40 1.58
C LEU B 86 -32.34 -7.82 1.06
N CYS B 87 -32.99 -7.99 -0.10
CA CYS B 87 -33.18 -9.33 -0.66
C CYS B 87 -31.87 -10.08 -0.82
N TYR B 88 -30.81 -9.37 -1.23
CA TYR B 88 -29.50 -9.99 -1.32
C TYR B 88 -28.57 -9.65 -0.17
N ASN B 89 -28.85 -8.56 0.57
CA ASN B 89 -27.99 -8.22 1.70
C ASN B 89 -28.22 -9.15 2.88
N LEU B 90 -29.47 -9.60 3.08
CA LEU B 90 -29.73 -10.49 4.22
C LEU B 90 -29.06 -11.85 4.03
N PRO B 91 -29.19 -12.52 2.87
CA PRO B 91 -28.43 -13.77 2.70
C PRO B 91 -26.93 -13.59 2.90
N VAL B 92 -26.36 -12.55 2.30
CA VAL B 92 -24.92 -12.35 2.34
C VAL B 92 -24.46 -12.07 3.77
N LEU B 93 -25.09 -11.08 4.42
CA LEU B 93 -24.69 -10.72 5.77
C LEU B 93 -24.93 -11.86 6.74
N GLN B 94 -26.03 -12.60 6.55
CA GLN B 94 -26.28 -13.82 7.32
C GLN B 94 -25.12 -14.79 7.19
N SER B 95 -24.75 -15.13 5.95
CA SER B 95 -23.72 -16.13 5.72
C SER B 95 -22.36 -15.66 6.20
N ILE B 96 -22.12 -14.35 6.18
CA ILE B 96 -20.85 -13.82 6.69
C ILE B 96 -20.82 -13.89 8.21
N ALA B 97 -21.95 -13.57 8.86
CA ALA B 97 -22.01 -13.67 10.31
C ALA B 97 -21.88 -15.10 10.80
N GLN B 98 -22.35 -16.07 10.01
CA GLN B 98 -22.16 -17.48 10.37
C GLN B 98 -20.69 -17.89 10.35
N ASP B 99 -20.11 -17.98 9.17
CA ASP B 99 -18.73 -18.44 8.98
C ASP B 99 -17.94 -17.32 8.30
N GLU B 100 -16.99 -16.75 9.03
CA GLU B 100 -16.23 -15.59 8.57
C GLU B 100 -15.34 -15.86 7.35
N THR B 101 -15.25 -17.10 6.88
CA THR B 101 -14.45 -17.36 5.68
C THR B 101 -15.16 -16.98 4.39
N ASN B 102 -16.46 -16.70 4.44
CA ASN B 102 -17.24 -16.49 3.23
C ASN B 102 -16.99 -15.10 2.63
N ARG B 103 -17.26 -15.00 1.32
CA ARG B 103 -17.06 -13.76 0.57
C ARG B 103 -18.12 -13.68 -0.52
N ALA B 104 -18.28 -12.49 -1.10
CA ALA B 104 -19.31 -12.28 -2.11
C ALA B 104 -18.92 -11.17 -3.09
N LEU B 105 -19.25 -11.39 -4.37
CA LEU B 105 -19.13 -10.38 -5.42
C LEU B 105 -20.47 -9.70 -5.65
N TYR B 106 -20.44 -8.37 -5.72
CA TYR B 106 -21.57 -7.57 -6.15
C TYR B 106 -21.25 -7.01 -7.52
N LEU B 107 -22.11 -7.30 -8.50
CA LEU B 107 -21.95 -6.84 -9.87
C LEU B 107 -22.93 -5.69 -10.11
N PHE B 108 -22.39 -4.49 -10.30
CA PHE B 108 -23.25 -3.34 -10.51
C PHE B 108 -22.98 -2.71 -11.88
N PRO B 109 -24.02 -2.30 -12.60
CA PRO B 109 -23.81 -1.75 -13.94
C PRO B 109 -23.02 -0.45 -13.95
N THR B 110 -22.97 0.28 -12.85
CA THR B 110 -22.22 1.53 -12.76
C THR B 110 -21.39 1.57 -11.47
N LYS B 111 -20.41 2.48 -11.47
CA LYS B 111 -19.60 2.69 -10.27
C LYS B 111 -20.40 3.37 -9.16
N ALA B 112 -21.31 4.27 -9.53
CA ALA B 112 -22.08 5.02 -8.54
C ALA B 112 -22.89 4.08 -7.65
N LEU B 113 -23.60 3.14 -8.28
CA LEU B 113 -24.37 2.18 -7.49
C LEU B 113 -23.46 1.33 -6.63
N ALA B 114 -22.24 1.04 -7.11
CA ALA B 114 -21.27 0.33 -6.29
C ALA B 114 -20.95 1.10 -5.02
N GLN B 115 -20.67 2.41 -5.16
CA GLN B 115 -20.37 3.23 -4.00
C GLN B 115 -21.55 3.33 -3.05
N ASP B 116 -22.75 3.51 -3.60
CA ASP B 116 -23.94 3.65 -2.75
C ASP B 116 -24.19 2.36 -1.97
N GLN B 117 -24.03 1.20 -2.61
CA GLN B 117 -24.21 -0.05 -1.90
C GLN B 117 -23.11 -0.27 -0.87
N LYS B 118 -21.88 0.15 -1.15
CA LYS B 118 -20.84 0.11 -0.14
C LYS B 118 -21.23 0.92 1.08
N SER B 119 -21.77 2.13 0.86
CA SER B 119 -22.22 2.97 1.97
C SER B 119 -23.29 2.27 2.80
N GLU B 120 -24.31 1.72 2.13
CA GLU B 120 -25.38 1.03 2.86
C GLU B 120 -24.84 -0.16 3.65
N LEU B 121 -23.95 -0.94 3.03
CA LEU B 121 -23.37 -2.08 3.73
C LEU B 121 -22.55 -1.66 4.93
N ASN B 122 -21.81 -0.55 4.82
CA ASN B 122 -21.03 -0.08 5.96
C ASN B 122 -21.94 0.34 7.11
N GLU B 123 -23.05 1.03 6.80
CA GLU B 123 -23.98 1.41 7.86
C GLU B 123 -24.59 0.18 8.54
N ILE B 124 -25.06 -0.78 7.73
CA ILE B 124 -25.68 -1.97 8.31
C ILE B 124 -24.66 -2.77 9.12
N ILE B 125 -23.41 -2.80 8.68
CA ILE B 125 -22.38 -3.51 9.43
C ILE B 125 -22.09 -2.82 10.76
N ASP B 126 -22.02 -1.49 10.76
CA ASP B 126 -21.83 -0.78 12.02
C ASP B 126 -22.96 -1.09 13.00
N GLU B 127 -24.20 -1.14 12.50
CA GLU B 127 -25.30 -1.55 13.39
C GLU B 127 -25.18 -3.01 13.80
N MET B 128 -24.58 -3.85 12.95
CA MET B 128 -24.29 -5.23 13.32
C MET B 128 -23.25 -5.29 14.43
N GLY B 129 -22.18 -4.52 14.32
CA GLY B 129 -21.13 -4.52 15.31
C GLY B 129 -20.00 -5.48 15.01
N ILE B 130 -20.00 -6.11 13.82
CA ILE B 130 -19.01 -7.10 13.43
C ILE B 130 -17.92 -6.42 12.62
N ASP B 131 -16.66 -6.85 12.81
CA ASP B 131 -15.54 -6.32 12.06
C ASP B 131 -15.49 -7.01 10.70
N ILE B 132 -16.40 -6.58 9.82
CA ILE B 132 -16.45 -7.02 8.42
C ILE B 132 -16.32 -5.79 7.53
N LYS B 133 -15.49 -5.91 6.49
CA LYS B 133 -15.29 -4.80 5.56
C LYS B 133 -15.75 -5.17 4.16
N SER B 134 -16.28 -4.17 3.46
CA SER B 134 -16.75 -4.30 2.08
C SER B 134 -16.14 -3.17 1.27
N PHE B 135 -15.49 -3.54 0.16
CA PHE B 135 -14.78 -2.60 -0.69
C PHE B 135 -15.35 -2.60 -2.10
N THR B 136 -15.17 -1.47 -2.79
CA THR B 136 -15.40 -1.40 -4.23
C THR B 136 -14.07 -1.49 -4.96
N TYR B 137 -14.04 -2.28 -6.03
CA TYR B 137 -12.85 -2.44 -6.86
C TYR B 137 -13.24 -2.12 -8.30
N ASP B 138 -13.79 -0.92 -8.50
CA ASP B 138 -14.16 -0.47 -9.84
C ASP B 138 -12.95 0.25 -10.46
N GLY B 139 -13.18 0.99 -11.54
CA GLY B 139 -12.10 1.72 -12.17
C GLY B 139 -11.58 2.86 -11.31
N ASP B 140 -12.46 3.46 -10.52
CA ASP B 140 -12.06 4.62 -9.72
C ASP B 140 -11.34 4.22 -8.45
N THR B 141 -11.24 2.93 -8.15
CA THR B 141 -10.43 2.47 -7.03
C THR B 141 -8.97 2.79 -7.32
N SER B 142 -8.34 3.58 -6.47
CA SER B 142 -6.97 4.01 -6.71
C SER B 142 -6.03 2.81 -6.70
N PRO B 143 -5.02 2.79 -7.57
CA PRO B 143 -4.16 1.59 -7.68
C PRO B 143 -3.44 1.22 -6.40
N ALA B 144 -3.28 2.15 -5.45
CA ALA B 144 -2.60 1.82 -4.20
C ALA B 144 -3.49 0.93 -3.33
N ILE B 145 -4.76 1.31 -3.15
CA ILE B 145 -5.66 0.60 -2.26
C ILE B 145 -6.09 -0.76 -2.80
N ARG B 146 -5.84 -1.02 -4.09
CA ARG B 146 -6.32 -2.24 -4.71
C ARG B 146 -5.75 -3.48 -4.01
N GLN B 147 -4.50 -3.41 -3.55
CA GLN B 147 -3.93 -4.55 -2.83
C GLN B 147 -4.69 -4.83 -1.54
N LYS B 148 -5.00 -3.78 -0.78
CA LYS B 148 -5.81 -3.94 0.42
C LYS B 148 -7.16 -4.54 0.08
N VAL B 149 -7.81 -4.02 -0.95
CA VAL B 149 -9.14 -4.51 -1.33
C VAL B 149 -9.07 -5.99 -1.70
N ARG B 150 -8.06 -6.39 -2.46
CA ARG B 150 -7.90 -7.79 -2.82
C ARG B 150 -7.74 -8.65 -1.58
N LYS B 151 -6.87 -8.23 -0.65
CA LYS B 151 -6.53 -9.09 0.48
C LYS B 151 -7.68 -9.23 1.47
N ALA B 152 -8.26 -8.11 1.89
CA ALA B 152 -9.09 -8.08 3.09
C ALA B 152 -10.60 -8.09 2.83
N GLY B 153 -11.04 -7.62 1.67
CA GLY B 153 -12.47 -7.36 1.47
C GLY B 153 -13.31 -8.62 1.49
N HIS B 154 -14.28 -8.68 2.41
CA HIS B 154 -15.24 -9.78 2.41
C HIS B 154 -16.21 -9.65 1.27
N ILE B 155 -16.67 -8.43 1.00
CA ILE B 155 -17.57 -8.13 -0.10
C ILE B 155 -16.84 -7.23 -1.07
N VAL B 156 -16.82 -7.64 -2.34
CA VAL B 156 -16.13 -6.87 -3.38
C VAL B 156 -17.18 -6.43 -4.39
N ILE B 157 -17.25 -5.13 -4.62
CA ILE B 157 -18.31 -4.53 -5.43
C ILE B 157 -17.64 -3.92 -6.66
N THR B 158 -17.94 -4.48 -7.84
CA THR B 158 -17.23 -4.07 -9.05
C THR B 158 -18.24 -3.95 -10.19
N ASN B 159 -17.72 -4.01 -11.40
CA ASN B 159 -18.48 -4.00 -12.64
C ASN B 159 -18.36 -5.34 -13.32
N PRO B 160 -19.26 -5.67 -14.27
CA PRO B 160 -18.90 -6.71 -15.23
C PRO B 160 -17.67 -6.32 -16.02
N ASP B 161 -17.55 -5.02 -16.29
CA ASP B 161 -16.41 -4.46 -17.02
C ASP B 161 -15.10 -4.71 -16.27
N MET B 162 -15.07 -4.41 -14.97
CA MET B 162 -13.85 -4.61 -14.20
C MET B 162 -13.61 -6.07 -13.84
N LEU B 163 -14.65 -6.90 -13.81
CA LEU B 163 -14.45 -8.34 -13.68
C LEU B 163 -13.79 -8.90 -14.94
N HIS B 164 -14.26 -8.44 -16.10
CA HIS B 164 -13.61 -8.75 -17.38
C HIS B 164 -12.15 -8.30 -17.41
N SER B 165 -11.91 -7.00 -17.21
CA SER B 165 -10.64 -6.40 -17.56
C SER B 165 -9.55 -6.61 -16.51
N ALA B 166 -9.91 -6.84 -15.25
CA ALA B 166 -8.86 -6.92 -14.23
C ALA B 166 -9.00 -8.10 -13.28
N ILE B 167 -10.21 -8.42 -12.83
CA ILE B 167 -10.37 -9.43 -11.78
C ILE B 167 -10.17 -10.83 -12.36
N LEU B 168 -10.88 -11.15 -13.45
CA LEU B 168 -10.79 -12.49 -14.00
C LEU B 168 -9.39 -12.83 -14.52
N PRO B 169 -8.71 -11.97 -15.29
CA PRO B 169 -7.37 -12.34 -15.76
C PRO B 169 -6.33 -12.55 -14.67
N HIS B 170 -6.49 -11.91 -13.51
CA HIS B 170 -5.53 -12.07 -12.42
C HIS B 170 -6.16 -12.85 -11.27
N HIS B 171 -6.83 -13.95 -11.59
CA HIS B 171 -7.46 -14.77 -10.57
C HIS B 171 -6.45 -15.33 -9.57
N THR B 172 -5.19 -15.51 -9.98
CA THR B 172 -4.16 -15.95 -9.04
C THR B 172 -3.91 -14.92 -7.94
N LYS B 173 -4.09 -13.63 -8.23
CA LYS B 173 -3.87 -12.59 -7.23
C LYS B 173 -5.05 -12.35 -6.31
N TRP B 174 -6.13 -13.12 -6.46
CA TRP B 174 -7.25 -13.06 -5.52
C TRP B 174 -7.30 -14.36 -4.73
N VAL B 175 -7.85 -15.40 -5.35
CA VAL B 175 -7.90 -16.77 -4.83
C VAL B 175 -8.78 -16.91 -3.60
N SER B 176 -8.41 -16.23 -2.51
CA SER B 176 -9.17 -16.34 -1.27
C SER B 176 -10.64 -16.05 -1.49
N LEU B 177 -10.93 -15.02 -2.29
CA LEU B 177 -12.31 -14.72 -2.65
C LEU B 177 -12.91 -15.88 -3.43
N PHE B 178 -12.17 -16.40 -4.40
CA PHE B 178 -12.73 -17.40 -5.30
C PHE B 178 -12.85 -18.76 -4.62
N GLU B 179 -11.94 -19.10 -3.72
CA GLU B 179 -12.02 -20.38 -3.03
C GLU B 179 -13.17 -20.42 -2.03
N ASN B 180 -13.48 -19.29 -1.39
CA ASN B 180 -14.58 -19.23 -0.44
C ASN B 180 -15.67 -18.26 -0.91
N LEU B 181 -16.20 -18.48 -2.10
CA LEU B 181 -17.23 -17.63 -2.68
C LEU B 181 -18.58 -18.32 -2.59
N LYS B 182 -19.51 -17.73 -1.83
CA LYS B 182 -20.84 -18.30 -1.64
C LYS B 182 -21.94 -17.59 -2.38
N TYR B 183 -21.87 -16.26 -2.54
CA TYR B 183 -22.94 -15.51 -3.18
C TYR B 183 -22.38 -14.62 -4.28
N ILE B 184 -23.19 -14.45 -5.34
CA ILE B 184 -22.90 -13.52 -6.43
C ILE B 184 -24.16 -12.71 -6.68
N VAL B 185 -24.07 -11.40 -6.50
CA VAL B 185 -25.21 -10.50 -6.65
C VAL B 185 -25.09 -9.76 -7.96
N ILE B 186 -26.20 -9.67 -8.69
CA ILE B 186 -26.25 -8.94 -9.97
C ILE B 186 -27.40 -7.95 -9.92
N ASP B 187 -27.08 -6.65 -9.85
CA ASP B 187 -28.10 -5.63 -9.74
C ASP B 187 -28.49 -5.14 -11.13
N GLU B 188 -29.76 -4.79 -11.29
CA GLU B 188 -30.35 -4.36 -12.55
C GLU B 188 -30.01 -5.33 -13.68
N LEU B 189 -30.47 -6.56 -13.50
CA LEU B 189 -30.27 -7.62 -14.48
C LEU B 189 -30.66 -7.18 -15.88
N HIS B 190 -31.73 -6.39 -16.00
CA HIS B 190 -32.23 -6.00 -17.30
C HIS B 190 -31.24 -5.16 -18.09
N THR B 191 -30.36 -4.43 -17.40
CA THR B 191 -29.40 -3.59 -18.12
C THR B 191 -28.38 -4.40 -18.91
N TYR B 192 -28.20 -5.68 -18.58
CA TYR B 192 -27.31 -6.56 -19.34
C TYR B 192 -28.14 -7.31 -20.39
N ARG B 193 -28.54 -6.57 -21.41
CA ARG B 193 -29.29 -7.11 -22.54
C ARG B 193 -28.61 -6.72 -23.84
N GLY B 194 -29.12 -7.26 -24.95
CA GLY B 194 -28.56 -6.95 -26.24
C GLY B 194 -27.15 -7.50 -26.42
N VAL B 195 -26.34 -6.76 -27.18
CA VAL B 195 -24.96 -7.17 -27.42
C VAL B 195 -24.14 -7.04 -26.14
N PHE B 196 -24.40 -5.98 -25.38
CA PHE B 196 -23.77 -5.83 -24.06
C PHE B 196 -24.11 -7.01 -23.16
N GLY B 197 -25.36 -7.45 -23.17
CA GLY B 197 -25.73 -8.63 -22.40
C GLY B 197 -25.08 -9.89 -22.91
N SER B 198 -24.94 -10.00 -24.24
CA SER B 198 -24.20 -11.13 -24.81
C SER B 198 -22.78 -11.17 -24.27
N HIS B 199 -22.14 -10.00 -24.18
CA HIS B 199 -20.80 -9.92 -23.60
C HIS B 199 -20.81 -10.36 -22.14
N VAL B 200 -21.74 -9.80 -21.36
CA VAL B 200 -21.79 -10.06 -19.92
C VAL B 200 -22.04 -11.54 -19.65
N ALA B 201 -22.79 -12.20 -20.53
CA ALA B 201 -23.01 -13.64 -20.39
C ALA B 201 -21.70 -14.40 -20.37
N ASN B 202 -20.82 -14.13 -21.34
CA ASN B 202 -19.54 -14.82 -21.40
C ASN B 202 -18.61 -14.38 -20.27
N VAL B 203 -18.75 -13.13 -19.81
CA VAL B 203 -18.02 -12.74 -18.61
C VAL B 203 -18.40 -13.63 -17.44
N ILE B 204 -19.69 -13.90 -17.29
CA ILE B 204 -20.16 -14.79 -16.23
C ILE B 204 -19.71 -16.22 -16.49
N ARG B 205 -19.60 -16.61 -17.76
CA ARG B 205 -19.08 -17.95 -18.07
C ARG B 205 -17.65 -18.11 -17.57
N ARG B 206 -16.80 -17.12 -17.85
CA ARG B 206 -15.42 -17.15 -17.37
C ARG B 206 -15.36 -17.08 -15.85
N LEU B 207 -16.24 -16.28 -15.25
CA LEU B 207 -16.34 -16.25 -13.79
C LEU B 207 -16.70 -17.62 -13.23
N LYS B 208 -17.69 -18.29 -13.83
CA LYS B 208 -18.10 -19.61 -13.41
C LYS B 208 -16.96 -20.61 -13.51
N ARG B 209 -16.20 -20.56 -14.60
CA ARG B 209 -15.12 -21.52 -14.75
C ARG B 209 -14.01 -21.25 -13.72
N ILE B 210 -13.72 -19.99 -13.43
CA ILE B 210 -12.74 -19.68 -12.39
C ILE B 210 -13.22 -20.19 -11.03
N CYS B 211 -14.52 -19.99 -10.74
CA CYS B 211 -15.05 -20.42 -9.45
C CYS B 211 -15.09 -21.94 -9.33
N ARG B 212 -15.29 -22.65 -10.44
CA ARG B 212 -15.22 -24.11 -10.38
C ARG B 212 -13.78 -24.58 -10.23
N PHE B 213 -12.84 -23.90 -10.90
CA PHE B 213 -11.43 -24.23 -10.76
C PHE B 213 -10.98 -24.07 -9.31
N TYR B 214 -11.39 -22.98 -8.66
CA TYR B 214 -10.92 -22.71 -7.31
C TYR B 214 -11.70 -23.47 -6.23
N GLY B 215 -12.71 -24.25 -6.60
CA GLY B 215 -13.37 -25.10 -5.63
C GLY B 215 -14.41 -24.43 -4.77
N SER B 216 -15.40 -23.80 -5.41
CA SER B 216 -16.55 -23.22 -4.73
C SER B 216 -17.64 -22.88 -5.74
N ASP B 217 -18.84 -23.41 -5.53
CA ASP B 217 -19.97 -23.14 -6.41
C ASP B 217 -20.89 -22.12 -5.74
N PRO B 218 -20.86 -20.86 -6.13
CA PRO B 218 -21.70 -19.85 -5.48
C PRO B 218 -23.10 -19.84 -6.07
N VAL B 219 -23.98 -19.10 -5.40
CA VAL B 219 -25.39 -19.00 -5.78
C VAL B 219 -25.69 -17.56 -6.18
N PHE B 220 -26.54 -17.40 -7.20
CA PHE B 220 -26.77 -16.11 -7.85
C PHE B 220 -28.06 -15.48 -7.34
N ILE B 221 -27.94 -14.21 -6.92
CA ILE B 221 -29.09 -13.40 -6.53
C ILE B 221 -29.13 -12.21 -7.49
N CYS B 222 -30.16 -12.15 -8.32
CA CYS B 222 -30.28 -11.08 -9.30
C CYS B 222 -31.49 -10.22 -8.98
N THR B 223 -31.36 -8.92 -9.20
CA THR B 223 -32.50 -8.01 -9.11
C THR B 223 -32.78 -7.45 -10.51
N SER B 224 -34.02 -7.52 -10.94
CA SER B 224 -34.40 -7.05 -12.26
C SER B 224 -35.58 -6.10 -12.15
N ALA B 225 -35.70 -5.23 -13.15
CA ALA B 225 -36.88 -4.37 -13.28
C ALA B 225 -37.99 -5.15 -13.98
N THR B 226 -39.08 -4.48 -14.31
CA THR B 226 -40.24 -5.14 -14.91
C THR B 226 -39.99 -5.31 -16.40
N ILE B 227 -39.27 -6.37 -16.73
CA ILE B 227 -39.13 -6.88 -18.09
C ILE B 227 -39.92 -8.18 -18.17
N ALA B 228 -40.39 -8.51 -19.37
CA ALA B 228 -41.32 -9.62 -19.51
C ALA B 228 -40.68 -10.96 -19.16
N ASN B 229 -39.38 -11.11 -19.36
CA ASN B 229 -38.69 -12.38 -19.16
C ASN B 229 -37.51 -12.22 -18.21
N PRO B 230 -37.78 -11.98 -16.93
CA PRO B 230 -36.68 -11.81 -15.97
C PRO B 230 -36.03 -13.14 -15.60
N LYS B 231 -36.84 -14.16 -15.33
CA LYS B 231 -36.29 -15.49 -15.08
C LYS B 231 -35.58 -16.03 -16.31
N GLU B 232 -36.13 -15.77 -17.49
CA GLU B 232 -35.55 -16.26 -18.73
C GLU B 232 -34.19 -15.61 -18.99
N LEU B 233 -34.14 -14.28 -18.92
CA LEU B 233 -32.87 -13.57 -19.07
C LEU B 233 -31.87 -13.99 -18.01
N GLY B 234 -32.35 -14.20 -16.78
CA GLY B 234 -31.45 -14.62 -15.72
C GLY B 234 -30.81 -15.97 -15.99
N GLU B 235 -31.61 -16.94 -16.44
CA GLU B 235 -31.06 -18.26 -16.74
C GLU B 235 -30.14 -18.20 -17.97
N GLN B 236 -30.58 -17.52 -19.03
CA GLN B 236 -29.77 -17.40 -20.24
C GLN B 236 -28.47 -16.66 -20.00
N LEU B 237 -28.40 -15.83 -18.95
CA LEU B 237 -27.25 -15.00 -18.65
C LEU B 237 -26.30 -15.63 -17.63
N THR B 238 -26.83 -16.35 -16.64
CA THR B 238 -26.03 -16.95 -15.58
C THR B 238 -25.56 -18.37 -15.88
N GLY B 239 -26.34 -19.12 -16.63
CA GLY B 239 -26.02 -20.53 -16.82
C GLY B 239 -26.39 -21.41 -15.66
N LYS B 240 -27.15 -20.90 -14.71
CA LYS B 240 -27.70 -21.66 -13.60
C LYS B 240 -29.22 -21.63 -13.66
N PRO B 241 -29.90 -22.59 -13.01
CA PRO B 241 -31.37 -22.57 -12.98
C PRO B 241 -31.89 -21.47 -12.04
N MET B 242 -32.78 -20.63 -12.56
CA MET B 242 -33.29 -19.47 -11.84
C MET B 242 -34.72 -19.66 -11.36
N ARG B 243 -34.98 -19.25 -10.12
CA ARG B 243 -36.31 -19.26 -9.53
C ARG B 243 -36.77 -17.82 -9.34
N LEU B 244 -37.95 -17.49 -9.87
CA LEU B 244 -38.40 -16.12 -10.03
C LEU B 244 -39.29 -15.68 -8.86
N VAL B 245 -39.18 -14.41 -8.50
CA VAL B 245 -39.94 -13.80 -7.42
C VAL B 245 -40.88 -12.73 -7.97
N ASP B 246 -42.19 -13.02 -8.00
CA ASP B 246 -43.20 -12.10 -8.50
C ASP B 246 -43.78 -11.20 -7.42
N ASP B 247 -44.23 -11.79 -6.31
CA ASP B 247 -45.05 -11.10 -5.33
C ASP B 247 -44.36 -9.90 -4.70
N ASN B 248 -44.76 -8.71 -5.13
CA ASN B 248 -44.25 -7.49 -4.49
C ASN B 248 -44.99 -7.32 -3.18
N GLY B 249 -44.26 -7.45 -2.07
CA GLY B 249 -44.86 -7.31 -0.76
C GLY B 249 -44.59 -5.96 -0.15
N ALA B 250 -44.34 -5.00 -0.97
CA ALA B 250 -44.06 -3.72 -0.37
C ALA B 250 -45.35 -2.92 -0.23
N PRO B 251 -45.43 -2.01 0.75
CA PRO B 251 -46.64 -1.21 0.90
C PRO B 251 -46.65 -0.11 -0.15
N SER B 252 -47.76 0.00 -0.87
CA SER B 252 -47.91 1.01 -1.91
C SER B 252 -49.21 1.76 -1.67
N GLY B 253 -49.28 2.97 -2.24
CA GLY B 253 -50.44 3.81 -2.14
C GLY B 253 -51.13 3.97 -3.49
N ARG B 254 -52.33 4.55 -3.45
CA ARG B 254 -53.05 4.88 -4.68
C ARG B 254 -52.17 5.70 -5.60
N LYS B 255 -52.21 5.38 -6.89
CA LYS B 255 -51.39 6.06 -7.88
C LYS B 255 -52.24 6.45 -9.07
N HIS B 256 -52.30 7.76 -9.36
CA HIS B 256 -53.02 8.25 -10.52
C HIS B 256 -52.04 8.44 -11.67
N PHE B 257 -52.36 7.84 -12.81
CA PHE B 257 -51.51 7.87 -14.00
C PHE B 257 -52.40 8.37 -15.14
N VAL B 258 -52.20 9.61 -15.55
CA VAL B 258 -53.13 10.33 -16.42
C VAL B 258 -52.42 10.71 -17.70
N PHE B 259 -53.13 10.60 -18.82
CA PHE B 259 -52.62 11.01 -20.12
C PHE B 259 -53.12 12.42 -20.43
N TYR B 260 -52.21 13.31 -20.76
CA TYR B 260 -52.49 14.72 -20.97
C TYR B 260 -52.24 15.09 -22.43
N ASN B 261 -53.08 15.98 -22.96
CA ASN B 261 -52.99 16.40 -24.36
C ASN B 261 -53.10 17.92 -24.43
N PRO B 262 -52.07 18.62 -24.91
CA PRO B 262 -52.10 20.09 -24.95
C PRO B 262 -53.29 20.62 -25.75
N PRO B 263 -53.71 21.85 -25.49
CA PRO B 263 -54.87 22.41 -26.20
C PRO B 263 -54.61 22.57 -27.69
N ILE B 264 -55.70 22.82 -28.41
CA ILE B 264 -55.69 22.87 -29.87
C ILE B 264 -55.47 24.29 -30.36
N VAL B 265 -54.58 24.44 -31.35
CA VAL B 265 -54.42 25.67 -32.12
C VAL B 265 -54.70 25.26 -33.57
N ASN B 266 -55.89 25.60 -34.07
CA ASN B 266 -56.36 25.00 -35.33
C ASN B 266 -55.41 25.29 -36.49
N LYS B 267 -55.55 24.52 -37.54
CA LYS B 267 -54.65 24.55 -38.69
C LYS B 267 -54.46 25.94 -39.27
N ILE B 271 -52.78 21.27 -34.95
CA ILE B 271 -51.51 21.84 -34.53
C ILE B 271 -51.55 22.20 -33.06
N ARG B 272 -51.19 21.24 -32.20
CA ARG B 272 -51.36 21.38 -30.76
C ARG B 272 -50.23 22.19 -30.15
N ARG B 273 -50.44 22.60 -28.89
CA ARG B 273 -49.45 23.35 -28.15
C ARG B 273 -48.22 22.48 -27.87
N SER B 274 -47.09 23.15 -27.67
CA SER B 274 -45.87 22.46 -27.28
C SER B 274 -46.09 21.72 -25.97
N ALA B 275 -45.67 20.45 -25.93
CA ALA B 275 -45.69 19.73 -24.66
C ALA B 275 -44.79 20.41 -23.61
N THR B 276 -43.73 21.08 -24.07
CA THR B 276 -42.82 21.75 -23.14
C THR B 276 -43.54 22.83 -22.33
N ALA B 277 -44.35 23.64 -23.00
CA ALA B 277 -45.04 24.73 -22.31
C ALA B 277 -46.02 24.20 -21.28
N GLU B 278 -46.80 23.18 -21.64
CA GLU B 278 -47.75 22.60 -20.71
C GLU B 278 -47.04 21.93 -19.53
N VAL B 279 -45.91 21.26 -19.78
CA VAL B 279 -45.15 20.66 -18.69
C VAL B 279 -44.66 21.74 -17.73
N ASN B 280 -44.10 22.82 -18.28
CA ASN B 280 -43.69 23.95 -17.44
C ASN B 280 -44.87 24.47 -16.61
N GLU B 281 -46.03 24.61 -17.23
CA GLU B 281 -47.16 25.23 -16.53
C GLU B 281 -47.70 24.31 -15.43
N LEU B 282 -47.73 23.00 -15.67
CA LEU B 282 -48.21 22.09 -14.64
C LEU B 282 -47.21 21.97 -13.50
N ALA B 283 -45.94 21.72 -13.82
CA ALA B 283 -44.92 21.62 -12.80
C ALA B 283 -44.76 22.91 -12.01
N LYS B 284 -45.07 24.06 -12.62
CA LYS B 284 -45.07 25.32 -11.88
C LYS B 284 -46.01 25.25 -10.68
N GLU B 285 -47.28 24.94 -10.95
CA GLU B 285 -48.27 24.86 -9.86
C GLU B 285 -47.94 23.74 -8.90
N PHE B 286 -47.33 22.65 -9.38
CA PHE B 286 -47.05 21.54 -8.47
C PHE B 286 -45.91 21.89 -7.52
N LEU B 287 -44.88 22.58 -8.00
CA LEU B 287 -43.75 22.94 -7.16
C LEU B 287 -44.05 24.15 -6.28
N LYS B 288 -44.93 25.06 -6.75
CA LYS B 288 -45.32 26.19 -5.93
C LYS B 288 -45.96 25.73 -4.63
N ASN B 289 -46.72 24.64 -4.67
CA ASN B 289 -47.34 24.06 -3.49
C ASN B 289 -46.43 23.07 -2.77
N LYS B 290 -45.12 23.13 -3.04
CA LYS B 290 -44.12 22.33 -2.34
C LYS B 290 -44.44 20.83 -2.44
N VAL B 291 -44.70 20.39 -3.66
CA VAL B 291 -44.96 18.97 -3.95
C VAL B 291 -43.73 18.44 -4.68
N GLN B 292 -43.12 17.41 -4.11
CA GLN B 292 -41.87 16.90 -4.68
C GLN B 292 -42.14 16.32 -6.06
N THR B 293 -41.47 16.86 -7.08
CA THR B 293 -41.83 16.58 -8.46
C THR B 293 -40.60 16.26 -9.30
N ILE B 294 -40.69 15.18 -10.07
CA ILE B 294 -39.71 14.82 -11.08
C ILE B 294 -40.30 15.06 -12.45
N VAL B 295 -39.49 15.63 -13.35
CA VAL B 295 -39.91 15.93 -14.72
C VAL B 295 -38.90 15.29 -15.66
N PHE B 296 -39.33 14.25 -16.37
CA PHE B 296 -38.51 13.58 -17.36
C PHE B 296 -38.66 14.27 -18.70
N ALA B 297 -37.54 14.43 -19.40
CA ALA B 297 -37.51 15.08 -20.69
C ALA B 297 -36.83 14.20 -21.74
N ARG B 298 -37.15 14.51 -23.00
CA ARG B 298 -36.73 13.67 -24.13
C ARG B 298 -35.22 13.63 -24.25
N SER B 299 -34.58 14.80 -24.30
CA SER B 299 -33.16 14.95 -24.56
C SER B 299 -32.52 15.90 -23.56
N ARG B 300 -31.19 15.96 -23.57
CA ARG B 300 -30.47 16.82 -22.64
C ARG B 300 -30.85 18.29 -22.83
N VAL B 301 -30.93 18.73 -24.07
CA VAL B 301 -31.26 20.12 -24.35
C VAL B 301 -32.64 20.46 -23.82
N ARG B 302 -33.61 19.56 -24.03
CA ARG B 302 -34.95 19.79 -23.50
C ARG B 302 -34.95 19.78 -21.99
N VAL B 303 -34.09 18.96 -21.37
CA VAL B 303 -33.93 18.99 -19.91
C VAL B 303 -33.54 20.40 -19.46
N GLU B 304 -32.51 20.97 -20.08
CA GLU B 304 -32.05 22.29 -19.67
C GLU B 304 -33.10 23.37 -19.95
N ILE B 305 -33.82 23.24 -21.07
CA ILE B 305 -34.85 24.22 -21.40
C ILE B 305 -35.96 24.21 -20.35
N ILE B 306 -36.47 23.01 -20.04
CA ILE B 306 -37.53 22.90 -19.03
C ILE B 306 -37.03 23.38 -17.67
N LEU B 307 -35.79 23.06 -17.32
CA LEU B 307 -35.22 23.57 -16.08
C LEU B 307 -35.25 25.09 -16.06
N SER B 308 -34.78 25.72 -17.14
CA SER B 308 -34.71 27.17 -17.18
C SER B 308 -36.09 27.78 -16.98
N HIS B 309 -37.08 27.30 -17.74
CA HIS B 309 -38.41 27.89 -17.65
C HIS B 309 -39.04 27.66 -16.28
N ILE B 310 -38.93 26.43 -15.76
CA ILE B 310 -39.49 26.12 -14.45
C ILE B 310 -38.83 26.97 -13.37
N GLN B 311 -37.51 27.12 -13.43
CA GLN B 311 -36.82 27.92 -12.44
C GLN B 311 -37.29 29.37 -12.47
N GLU B 312 -37.48 29.93 -13.68
CA GLU B 312 -38.00 31.29 -13.76
C GLU B 312 -39.43 31.38 -13.23
N LEU B 313 -40.25 30.36 -13.45
CA LEU B 313 -41.64 30.44 -13.01
C LEU B 313 -41.79 30.21 -11.51
N VAL B 314 -40.89 29.45 -10.90
CA VAL B 314 -41.00 29.08 -9.49
C VAL B 314 -40.12 29.94 -8.60
N LYS B 315 -39.19 30.71 -9.19
CA LYS B 315 -38.27 31.54 -8.44
C LYS B 315 -39.01 32.50 -7.51
N LYS B 316 -40.27 32.83 -7.84
CA LYS B 316 -41.02 33.81 -7.06
C LYS B 316 -41.36 33.29 -5.67
N GLU B 317 -41.73 32.02 -5.55
CA GLU B 317 -42.24 31.50 -4.28
C GLU B 317 -41.32 30.49 -3.59
N ILE B 318 -40.60 29.67 -4.35
CA ILE B 318 -39.82 28.59 -3.76
C ILE B 318 -38.31 28.86 -3.80
N GLY B 319 -37.81 29.53 -4.82
CA GLY B 319 -36.41 29.87 -4.90
C GLY B 319 -35.73 29.23 -6.10
N THR B 320 -34.45 29.56 -6.24
CA THR B 320 -33.67 29.10 -7.40
C THR B 320 -33.18 27.68 -7.21
N LYS B 321 -32.71 27.35 -6.01
CA LYS B 321 -31.98 26.11 -5.77
C LYS B 321 -32.88 25.01 -5.24
N SER B 322 -34.19 25.21 -5.32
CA SER B 322 -35.16 24.20 -4.93
C SER B 322 -35.49 23.26 -6.08
N ILE B 323 -35.13 23.64 -7.31
CA ILE B 323 -35.38 22.88 -8.50
C ILE B 323 -34.04 22.71 -9.19
N ARG B 324 -33.62 21.46 -9.33
CA ARG B 324 -32.31 21.13 -9.88
C ARG B 324 -32.48 20.25 -11.10
N GLY B 325 -31.43 20.20 -11.92
CA GLY B 325 -31.42 19.35 -13.09
C GLY B 325 -30.57 18.11 -12.88
N TYR B 326 -30.73 17.17 -13.80
CA TYR B 326 -29.99 15.92 -13.74
C TYR B 326 -29.73 15.46 -15.17
N ARG B 327 -28.46 15.35 -15.52
CA ARG B 327 -28.02 14.79 -16.80
C ARG B 327 -26.73 14.02 -16.56
N GLY B 328 -26.43 13.11 -17.49
CA GLY B 328 -25.27 12.25 -17.31
C GLY B 328 -23.94 12.98 -17.46
N GLY B 329 -23.93 14.06 -18.24
CA GLY B 329 -22.72 14.84 -18.41
C GLY B 329 -22.29 15.63 -17.19
N TYR B 330 -23.12 15.67 -16.15
CA TYR B 330 -22.78 16.41 -14.95
C TYR B 330 -21.57 15.81 -14.25
N LEU B 331 -20.96 16.60 -13.37
CA LEU B 331 -19.85 16.12 -12.58
C LEU B 331 -20.33 15.05 -11.61
N PRO B 332 -19.47 14.10 -11.25
CA PRO B 332 -19.86 13.09 -10.25
C PRO B 332 -20.39 13.70 -8.97
N LYS B 333 -19.60 14.54 -8.29
CA LYS B 333 -20.04 15.15 -7.03
C LYS B 333 -21.35 15.90 -7.18
N GLU B 334 -21.54 16.59 -8.30
CA GLU B 334 -22.77 17.33 -8.52
C GLU B 334 -23.98 16.42 -8.47
N ARG B 335 -23.96 15.35 -9.27
CA ARG B 335 -25.13 14.49 -9.30
C ARG B 335 -25.25 13.63 -8.04
N ARG B 336 -24.14 13.32 -7.37
CA ARG B 336 -24.24 12.66 -6.07
C ARG B 336 -24.97 13.54 -5.08
N GLU B 337 -24.68 14.84 -5.09
CA GLU B 337 -25.40 15.76 -4.22
C GLU B 337 -26.86 15.89 -4.63
N ILE B 338 -27.13 15.88 -5.94
CA ILE B 338 -28.53 15.96 -6.38
C ILE B 338 -29.30 14.73 -5.91
N GLU B 339 -28.68 13.56 -5.99
CA GLU B 339 -29.29 12.32 -5.48
C GLU B 339 -29.54 12.42 -3.99
N ARG B 340 -28.52 12.85 -3.24
CA ARG B 340 -28.66 13.00 -1.79
C ARG B 340 -29.80 13.95 -1.45
N GLY B 341 -29.92 15.05 -2.19
CA GLY B 341 -30.94 16.04 -1.87
C GLY B 341 -32.34 15.58 -2.22
N LEU B 342 -32.50 14.93 -3.38
CA LEU B 342 -33.78 14.30 -3.71
C LEU B 342 -34.15 13.25 -2.67
N ARG B 343 -33.14 12.54 -2.13
CA ARG B 343 -33.37 11.52 -1.12
C ARG B 343 -33.89 12.13 0.17
N GLU B 344 -33.17 13.14 0.70
CA GLU B 344 -33.50 13.70 2.01
C GLU B 344 -34.72 14.61 1.99
N GLY B 345 -35.15 15.06 0.81
CA GLY B 345 -36.36 15.84 0.71
C GLY B 345 -36.18 17.34 0.77
N ASP B 346 -34.97 17.83 0.58
CA ASP B 346 -34.72 19.27 0.52
C ASP B 346 -34.60 19.78 -0.91
N ILE B 347 -34.81 18.92 -1.90
CA ILE B 347 -34.94 19.32 -3.30
C ILE B 347 -36.35 18.99 -3.74
N LEU B 348 -37.16 20.02 -4.00
CA LEU B 348 -38.56 19.78 -4.34
C LEU B 348 -38.71 19.25 -5.76
N GLY B 349 -37.98 19.82 -6.71
CA GLY B 349 -38.13 19.42 -8.10
C GLY B 349 -36.80 19.08 -8.75
N VAL B 350 -36.86 18.11 -9.65
CA VAL B 350 -35.71 17.74 -10.46
C VAL B 350 -36.17 17.52 -11.89
N VAL B 351 -35.43 18.10 -12.83
CA VAL B 351 -35.69 17.94 -14.27
C VAL B 351 -34.56 17.10 -14.84
N SER B 352 -34.88 15.91 -15.33
CA SER B 352 -33.89 14.90 -15.60
C SER B 352 -34.05 14.30 -16.99
N THR B 353 -32.94 13.79 -17.51
CA THR B 353 -32.96 12.90 -18.66
C THR B 353 -33.45 11.53 -18.19
N ASN B 354 -33.40 10.54 -19.08
CA ASN B 354 -33.71 9.19 -18.66
C ASN B 354 -32.68 8.61 -17.71
N ALA B 355 -31.63 9.37 -17.38
CA ALA B 355 -30.60 8.89 -16.46
C ALA B 355 -31.18 8.46 -15.12
N LEU B 356 -32.38 8.89 -14.78
CA LEU B 356 -33.02 8.53 -13.53
C LEU B 356 -33.99 7.36 -13.66
N GLU B 357 -34.02 6.71 -14.82
CA GLU B 357 -34.61 5.38 -14.90
C GLU B 357 -33.72 4.35 -14.23
N LEU B 358 -32.40 4.50 -14.38
CA LEU B 358 -31.45 3.68 -13.64
C LEU B 358 -31.75 3.74 -12.16
N GLY B 359 -31.69 2.58 -11.50
CA GLY B 359 -32.15 2.47 -10.14
C GLY B 359 -31.22 3.04 -9.08
N VAL B 360 -30.87 4.32 -9.20
CA VAL B 360 -30.22 5.01 -8.09
C VAL B 360 -31.27 5.39 -7.06
N ASP B 361 -30.86 5.46 -5.80
CA ASP B 361 -31.79 5.77 -4.71
C ASP B 361 -31.94 7.28 -4.60
N ILE B 362 -33.00 7.81 -5.21
CA ILE B 362 -33.44 9.17 -4.97
C ILE B 362 -34.74 9.20 -4.16
N GLY B 363 -35.11 8.07 -3.57
CA GLY B 363 -36.35 7.97 -2.82
C GLY B 363 -37.56 7.93 -3.74
N GLN B 364 -38.69 8.34 -3.18
CA GLN B 364 -39.96 8.37 -3.89
C GLN B 364 -40.43 9.80 -4.04
N LEU B 365 -40.95 10.12 -5.22
CA LEU B 365 -41.50 11.43 -5.52
C LEU B 365 -43.00 11.43 -5.30
N GLN B 366 -43.58 12.63 -5.30
CA GLN B 366 -45.02 12.78 -5.19
C GLN B 366 -45.69 12.95 -6.55
N VAL B 367 -45.08 13.72 -7.44
CA VAL B 367 -45.59 13.89 -8.80
C VAL B 367 -44.48 13.56 -9.79
N CYS B 368 -44.84 12.82 -10.84
CA CYS B 368 -43.97 12.57 -11.98
C CYS B 368 -44.62 13.13 -13.22
N VAL B 369 -43.83 13.82 -14.04
CA VAL B 369 -44.28 14.40 -15.29
C VAL B 369 -43.38 13.88 -16.40
N MET B 370 -43.97 13.37 -17.47
CA MET B 370 -43.25 12.84 -18.62
C MET B 370 -43.55 13.75 -19.81
N THR B 371 -42.56 14.51 -20.30
CA THR B 371 -42.84 15.34 -21.47
C THR B 371 -42.70 14.50 -22.74
N GLY B 372 -43.67 13.61 -22.93
CA GLY B 372 -43.69 12.70 -24.05
C GLY B 372 -43.34 11.28 -23.64
N TYR B 373 -43.82 10.34 -24.44
CA TYR B 373 -43.54 8.93 -24.21
C TYR B 373 -42.03 8.70 -24.22
N PRO B 374 -41.48 8.06 -23.19
CA PRO B 374 -40.02 7.82 -23.17
C PRO B 374 -39.52 7.06 -24.38
N GLY B 375 -40.40 6.38 -25.12
CA GLY B 375 -40.02 5.65 -26.32
C GLY B 375 -40.29 4.16 -26.25
N SER B 376 -40.40 3.61 -25.05
CA SER B 376 -40.73 2.20 -24.87
C SER B 376 -41.61 2.05 -23.64
N VAL B 377 -42.45 1.01 -23.65
CA VAL B 377 -43.36 0.76 -22.55
C VAL B 377 -42.57 0.59 -21.24
N ALA B 378 -41.49 -0.19 -21.30
CA ALA B 378 -40.68 -0.40 -20.10
C ALA B 378 -40.13 0.92 -19.58
N SER B 379 -39.66 1.79 -20.49
CA SER B 379 -39.13 3.08 -20.07
C SER B 379 -40.23 3.95 -19.46
N ALA B 380 -41.42 3.93 -20.04
CA ALA B 380 -42.53 4.69 -19.49
C ALA B 380 -42.85 4.23 -18.07
N TRP B 381 -42.92 2.92 -17.86
CA TRP B 381 -43.23 2.41 -16.53
C TRP B 381 -42.09 2.66 -15.56
N GLN B 382 -40.85 2.71 -16.05
CA GLN B 382 -39.73 3.06 -15.18
C GLN B 382 -39.85 4.50 -14.69
N GLN B 383 -40.07 5.43 -15.62
CA GLN B 383 -40.22 6.83 -15.25
C GLN B 383 -41.44 7.04 -14.35
N ALA B 384 -42.52 6.31 -14.60
CA ALA B 384 -43.73 6.47 -13.81
C ALA B 384 -43.53 5.92 -12.40
N GLY B 385 -42.96 4.72 -12.27
CA GLY B 385 -42.71 4.11 -10.98
C GLY B 385 -41.73 4.88 -10.11
N ARG B 386 -41.12 5.93 -10.65
CA ARG B 386 -40.22 6.77 -9.87
C ARG B 386 -40.99 7.66 -8.90
N ALA B 387 -42.31 7.73 -9.00
CA ALA B 387 -43.14 8.47 -8.07
C ALA B 387 -44.13 7.51 -7.41
N GLY B 388 -44.42 7.77 -6.14
CA GLY B 388 -45.40 6.97 -5.42
C GLY B 388 -44.95 6.64 -4.00
N ARG B 389 -45.64 7.19 -3.02
CA ARG B 389 -45.31 6.92 -1.63
C ARG B 389 -45.94 5.61 -1.16
N ARG B 390 -45.40 5.07 -0.06
CA ARG B 390 -46.01 3.90 0.57
C ARG B 390 -47.43 4.23 0.98
N HIS B 391 -47.60 5.38 1.64
CA HIS B 391 -48.86 5.87 2.17
C HIS B 391 -49.36 7.04 1.33
N GLY B 392 -50.67 7.12 1.18
CA GLY B 392 -51.27 8.20 0.45
C GLY B 392 -51.21 8.00 -1.06
N GLU B 393 -51.55 9.06 -1.78
CA GLU B 393 -51.64 9.02 -3.23
C GLU B 393 -50.49 9.77 -3.90
N SER B 394 -50.31 9.45 -5.19
CA SER B 394 -49.29 10.05 -6.04
C SER B 394 -49.87 10.23 -7.43
N LEU B 395 -49.22 11.07 -8.23
CA LEU B 395 -49.75 11.47 -9.53
C LEU B 395 -48.68 11.38 -10.61
N ILE B 396 -49.06 10.83 -11.75
CA ILE B 396 -48.16 10.67 -12.89
C ILE B 396 -48.86 11.22 -14.13
N ILE B 397 -48.38 12.36 -14.62
CA ILE B 397 -48.93 13.02 -15.79
C ILE B 397 -47.97 12.79 -16.96
N MET B 398 -48.48 12.20 -18.03
CA MET B 398 -47.72 12.07 -19.28
C MET B 398 -48.28 13.08 -20.26
N VAL B 399 -47.58 14.19 -20.43
CA VAL B 399 -48.03 15.24 -21.34
C VAL B 399 -47.55 14.86 -22.73
N ALA B 400 -48.47 14.33 -23.54
CA ALA B 400 -48.12 13.93 -24.90
C ALA B 400 -47.70 15.16 -25.72
N ASN B 401 -46.85 14.92 -26.71
CA ASN B 401 -46.33 15.97 -27.57
C ASN B 401 -46.88 15.81 -28.99
N SER B 402 -46.18 16.41 -29.95
CA SER B 402 -46.54 16.33 -31.37
C SER B 402 -45.74 15.19 -31.98
N THR B 403 -46.32 13.99 -31.97
CA THR B 403 -45.65 12.81 -32.52
C THR B 403 -46.69 11.79 -32.94
N PRO B 404 -46.52 11.13 -34.09
CA PRO B 404 -47.46 10.04 -34.44
C PRO B 404 -47.56 8.95 -33.38
N ILE B 405 -46.45 8.55 -32.77
CA ILE B 405 -46.50 7.52 -31.74
C ILE B 405 -47.21 8.05 -30.49
N ASP B 406 -46.91 9.28 -30.09
CA ASP B 406 -47.54 9.84 -28.90
C ASP B 406 -49.02 10.11 -29.14
N GLN B 407 -49.36 10.66 -30.30
CA GLN B 407 -50.77 10.88 -30.60
C GLN B 407 -51.53 9.58 -30.75
N TYR B 408 -50.85 8.50 -31.14
CA TYR B 408 -51.52 7.20 -31.14
C TYR B 408 -51.73 6.69 -29.72
N ILE B 409 -50.70 6.82 -28.87
CA ILE B 409 -50.84 6.44 -27.46
C ILE B 409 -51.99 7.19 -26.83
N VAL B 410 -52.15 8.47 -27.16
CA VAL B 410 -53.22 9.26 -26.56
C VAL B 410 -54.58 8.83 -27.12
N ARG B 411 -54.68 8.63 -28.45
CA ARG B 411 -55.95 8.22 -29.02
C ARG B 411 -56.38 6.84 -28.57
N HIS B 412 -55.43 5.97 -28.21
CA HIS B 412 -55.72 4.59 -27.83
C HIS B 412 -54.92 4.21 -26.58
N PRO B 413 -55.36 4.65 -25.41
CA PRO B 413 -54.62 4.31 -24.18
C PRO B 413 -54.63 2.82 -23.87
N GLU B 414 -55.64 2.09 -24.36
CA GLU B 414 -55.65 0.64 -24.20
C GLU B 414 -54.45 0.02 -24.90
N TYR B 415 -53.99 0.64 -26.00
CA TYR B 415 -52.81 0.10 -26.68
C TYR B 415 -51.60 0.10 -25.76
N PHE B 416 -51.40 1.19 -25.00
CA PHE B 416 -50.28 1.24 -24.07
C PHE B 416 -50.51 0.28 -22.90
N PHE B 417 -51.70 0.33 -22.30
CA PHE B 417 -51.93 -0.46 -21.10
C PHE B 417 -52.14 -1.95 -21.38
N ASN B 418 -52.15 -2.37 -22.64
CA ASN B 418 -52.21 -3.79 -22.98
C ASN B 418 -50.85 -4.37 -23.35
N ARG B 419 -49.94 -3.57 -23.89
CA ARG B 419 -48.60 -4.07 -24.22
C ARG B 419 -47.85 -4.31 -22.93
N SER B 420 -47.59 -5.58 -22.61
CA SER B 420 -46.75 -5.90 -21.46
C SER B 420 -45.30 -5.52 -21.79
N PRO B 421 -44.52 -5.10 -20.80
CA PRO B 421 -43.19 -4.54 -21.09
C PRO B 421 -42.32 -5.52 -21.86
N GLU B 422 -41.34 -4.95 -22.56
CA GLU B 422 -40.60 -5.67 -23.57
C GLU B 422 -39.75 -6.79 -22.97
N SER B 423 -39.34 -7.72 -23.83
CA SER B 423 -38.46 -8.80 -23.43
C SER B 423 -37.01 -8.40 -23.68
N ALA B 424 -36.12 -8.94 -22.85
CA ALA B 424 -34.68 -8.72 -23.00
C ALA B 424 -34.11 -9.92 -23.76
N ARG B 425 -33.49 -9.65 -24.90
CA ARG B 425 -32.97 -10.69 -25.77
C ARG B 425 -31.47 -10.51 -25.91
N ILE B 426 -30.72 -11.58 -25.64
CA ILE B 426 -29.27 -11.58 -25.83
C ILE B 426 -28.91 -12.77 -26.69
N ASN B 427 -27.76 -12.64 -27.36
CA ASN B 427 -27.18 -13.70 -28.17
C ASN B 427 -25.83 -14.03 -27.56
N PRO B 428 -25.80 -14.85 -26.52
CA PRO B 428 -24.52 -15.15 -25.87
C PRO B 428 -23.57 -15.94 -26.76
N GLU B 429 -24.08 -16.52 -27.85
CA GLU B 429 -23.29 -17.25 -28.81
C GLU B 429 -23.03 -16.46 -30.09
N ASN B 430 -22.98 -15.14 -29.99
CA ASN B 430 -22.50 -14.32 -31.09
C ASN B 430 -21.06 -14.71 -31.38
N LEU B 431 -20.76 -14.94 -32.66
CA LEU B 431 -19.46 -15.49 -33.02
C LEU B 431 -18.32 -14.56 -32.59
N ILE B 432 -18.41 -13.28 -32.93
CA ILE B 432 -17.35 -12.32 -32.61
C ILE B 432 -17.13 -12.24 -31.10
N ILE B 433 -18.23 -12.03 -30.37
CA ILE B 433 -18.16 -11.87 -28.92
C ILE B 433 -17.65 -13.15 -28.26
N LEU B 434 -18.14 -14.29 -28.74
CA LEU B 434 -17.74 -15.56 -28.15
C LEU B 434 -16.26 -15.82 -28.41
N VAL B 435 -15.75 -15.40 -29.57
CA VAL B 435 -14.33 -15.56 -29.85
C VAL B 435 -13.48 -14.69 -28.93
N ASP B 436 -13.86 -13.40 -28.80
CA ASP B 436 -13.16 -12.53 -27.86
C ASP B 436 -13.10 -13.16 -26.48
N HIS B 437 -14.22 -13.69 -26.02
CA HIS B 437 -14.23 -14.18 -24.64
C HIS B 437 -13.59 -15.56 -24.51
N LEU B 438 -13.57 -16.36 -25.58
CA LEU B 438 -12.79 -17.58 -25.54
C LEU B 438 -11.31 -17.29 -25.38
N LYS B 439 -10.79 -16.33 -26.16
CA LYS B 439 -9.38 -16.00 -26.01
C LYS B 439 -9.09 -15.42 -24.62
N CYS B 440 -9.97 -14.55 -24.11
CA CYS B 440 -9.76 -14.02 -22.76
C CYS B 440 -9.75 -15.14 -21.72
N ALA B 441 -10.74 -16.05 -21.80
CA ALA B 441 -10.81 -17.15 -20.85
C ALA B 441 -9.60 -18.06 -20.94
N ALA B 442 -9.13 -18.33 -22.16
CA ALA B 442 -7.96 -19.16 -22.34
C ALA B 442 -6.73 -18.51 -21.73
N TYR B 443 -6.61 -17.19 -21.87
CA TYR B 443 -5.52 -16.50 -21.19
C TYR B 443 -5.65 -16.64 -19.68
N GLU B 444 -6.88 -16.62 -19.17
CA GLU B 444 -7.10 -16.83 -17.74
C GLU B 444 -6.73 -18.25 -17.34
N LEU B 445 -7.36 -19.25 -17.98
CA LEU B 445 -7.06 -20.66 -17.77
C LEU B 445 -7.25 -21.42 -19.08
N PRO B 446 -6.39 -22.39 -19.37
CA PRO B 446 -6.53 -23.16 -20.62
C PRO B 446 -7.78 -24.03 -20.68
N PHE B 447 -8.36 -24.12 -21.89
CA PHE B 447 -9.58 -24.88 -22.15
C PHE B 447 -9.26 -26.30 -22.60
N ARG B 448 -9.71 -27.28 -21.82
CA ARG B 448 -9.76 -28.65 -22.31
C ARG B 448 -10.73 -28.70 -23.49
N ALA B 449 -10.37 -29.45 -24.54
CA ALA B 449 -11.12 -29.40 -25.79
C ALA B 449 -12.56 -29.85 -25.60
N ASP B 450 -12.77 -30.86 -24.75
CA ASP B 450 -14.12 -31.39 -24.53
C ASP B 450 -15.01 -30.40 -23.78
N GLU B 451 -14.42 -29.53 -22.96
CA GLU B 451 -15.18 -28.65 -22.08
C GLU B 451 -16.12 -27.76 -22.89
N GLU B 452 -17.34 -27.61 -22.39
CA GLU B 452 -18.35 -26.80 -23.08
C GLU B 452 -18.29 -25.35 -22.63
N PHE B 453 -18.73 -24.47 -23.51
CA PHE B 453 -18.85 -23.04 -23.23
C PHE B 453 -20.29 -22.68 -23.61
N GLY B 454 -21.18 -22.76 -22.63
CA GLY B 454 -22.59 -22.55 -22.88
C GLY B 454 -23.34 -23.66 -23.59
N ALA B 455 -23.68 -23.43 -24.87
CA ALA B 455 -24.58 -24.31 -25.60
C ALA B 455 -23.96 -25.68 -25.84
N MET B 456 -22.85 -25.74 -26.56
CA MET B 456 -22.26 -27.00 -26.98
C MET B 456 -20.76 -26.87 -26.94
N GLU B 457 -20.07 -27.99 -27.15
CA GLU B 457 -18.61 -27.98 -27.18
C GLU B 457 -18.13 -27.00 -28.24
N VAL B 458 -17.02 -26.33 -27.96
CA VAL B 458 -16.58 -25.22 -28.79
C VAL B 458 -15.29 -25.59 -29.52
N SER B 459 -15.06 -26.89 -29.72
CA SER B 459 -13.85 -27.32 -30.40
C SER B 459 -13.78 -26.79 -31.82
N ASP B 460 -14.93 -26.53 -32.46
CA ASP B 460 -14.91 -25.99 -33.82
C ASP B 460 -14.30 -24.60 -33.84
N ILE B 461 -14.77 -23.71 -32.96
CA ILE B 461 -14.24 -22.35 -32.89
C ILE B 461 -12.80 -22.35 -32.37
N LEU B 462 -12.48 -23.27 -31.47
CA LEU B 462 -11.12 -23.37 -30.96
C LEU B 462 -10.16 -23.89 -32.03
N GLU B 463 -10.61 -24.82 -32.87
CA GLU B 463 -9.82 -25.23 -34.02
C GLU B 463 -9.65 -24.08 -35.00
N TYR B 464 -10.69 -23.28 -35.23
CA TYR B 464 -10.54 -22.09 -36.07
C TYR B 464 -9.48 -21.15 -35.51
N LEU B 465 -9.45 -20.98 -34.19
CA LEU B 465 -8.46 -20.10 -33.58
C LEU B 465 -7.06 -20.71 -33.62
N GLN B 466 -6.96 -22.03 -33.50
CA GLN B 466 -5.67 -22.71 -33.65
C GLN B 466 -5.13 -22.56 -35.07
N GLU B 467 -6.01 -22.77 -36.06
CA GLU B 467 -5.70 -22.49 -37.46
C GLU B 467 -5.22 -21.05 -37.63
N GLU B 468 -5.74 -20.12 -36.85
CA GLU B 468 -5.33 -18.74 -36.99
C GLU B 468 -4.19 -18.47 -36.02
N ALA B 469 -3.56 -17.32 -36.17
CA ALA B 469 -2.40 -17.02 -35.33
C ALA B 469 -2.72 -16.82 -33.82
N VAL B 470 -3.89 -17.06 -33.23
CA VAL B 470 -4.22 -16.52 -31.90
C VAL B 470 -4.00 -17.54 -30.78
N LEU B 471 -4.26 -18.84 -31.01
CA LEU B 471 -4.10 -19.82 -29.95
C LEU B 471 -3.10 -20.92 -30.28
N HIS B 472 -2.45 -21.39 -29.20
CA HIS B 472 -1.47 -22.47 -29.21
C HIS B 472 -1.94 -23.62 -28.32
N ARG B 473 -1.64 -24.85 -28.75
CA ARG B 473 -1.98 -26.06 -27.98
C ARG B 473 -0.73 -26.69 -27.39
N ASN B 474 -0.67 -26.77 -26.06
CA ASN B 474 0.33 -27.55 -25.35
C ASN B 474 -0.41 -28.63 -24.57
N GLY B 475 -0.08 -29.89 -24.84
CA GLY B 475 -0.83 -30.99 -24.24
C GLY B 475 -2.23 -31.06 -24.83
N GLU B 476 -3.21 -31.28 -23.97
CA GLU B 476 -4.60 -31.41 -24.42
C GLU B 476 -5.45 -30.24 -23.91
N ARG B 477 -4.94 -29.02 -24.08
CA ARG B 477 -5.61 -27.80 -23.66
C ARG B 477 -5.02 -26.65 -24.47
N TYR B 478 -5.86 -25.69 -24.86
CA TYR B 478 -5.45 -24.61 -25.75
C TYR B 478 -5.03 -23.39 -24.94
N HIS B 479 -3.82 -22.90 -25.19
CA HIS B 479 -3.26 -21.77 -24.48
C HIS B 479 -3.23 -20.50 -25.33
N TRP B 480 -3.17 -19.36 -24.64
CA TRP B 480 -2.95 -18.06 -25.27
C TRP B 480 -1.53 -18.02 -25.82
N ALA B 481 -1.38 -17.58 -27.06
CA ALA B 481 -0.11 -17.70 -27.79
C ALA B 481 0.59 -16.36 -28.00
N SER B 482 0.60 -15.52 -26.97
CA SER B 482 1.34 -14.27 -27.00
C SER B 482 1.54 -13.80 -25.57
N GLU B 483 2.34 -12.76 -25.39
CA GLU B 483 2.35 -12.00 -24.15
C GLU B 483 1.82 -10.59 -24.35
N SER B 484 0.94 -10.43 -25.35
CA SER B 484 -0.04 -9.36 -25.33
C SER B 484 -1.13 -9.71 -24.33
N PHE B 485 -1.96 -8.72 -24.01
CA PHE B 485 -3.03 -8.89 -23.04
C PHE B 485 -4.38 -8.79 -23.73
N PRO B 486 -5.15 -9.88 -23.82
CA PRO B 486 -6.36 -9.84 -24.68
C PRO B 486 -7.42 -8.90 -24.15
N ALA B 487 -7.60 -8.82 -22.83
CA ALA B 487 -8.62 -7.98 -22.24
C ALA B 487 -8.36 -6.49 -22.41
N SER B 488 -7.16 -6.10 -22.83
CA SER B 488 -6.81 -4.68 -22.88
C SER B 488 -7.43 -3.97 -24.08
N ASN B 489 -7.64 -4.67 -25.19
CA ASN B 489 -8.22 -4.07 -26.39
C ASN B 489 -9.70 -4.38 -26.55
N ILE B 490 -10.32 -5.05 -25.58
CA ILE B 490 -11.72 -5.46 -25.67
C ILE B 490 -12.55 -4.61 -24.72
N SER B 491 -13.57 -3.95 -25.27
CA SER B 491 -14.53 -3.15 -24.51
C SER B 491 -15.87 -3.88 -24.53
N LEU B 492 -16.43 -4.16 -23.35
CA LEU B 492 -17.70 -4.89 -23.29
C LEU B 492 -18.84 -4.13 -23.94
N ARG B 493 -18.70 -2.81 -24.10
CA ARG B 493 -19.71 -2.01 -24.76
C ARG B 493 -19.01 -1.02 -25.68
N SER B 494 -19.58 -0.78 -26.86
CA SER B 494 -19.06 0.26 -27.73
C SER B 494 -19.29 1.61 -27.07
N ALA B 495 -18.21 2.35 -26.86
CA ALA B 495 -18.31 3.64 -26.21
C ALA B 495 -17.15 4.51 -26.68
N SER B 496 -17.05 5.70 -26.11
CA SER B 496 -16.15 6.71 -26.61
C SER B 496 -14.72 6.45 -26.11
N GLN B 497 -13.77 7.18 -26.71
CA GLN B 497 -12.40 7.25 -26.20
C GLN B 497 -12.49 7.62 -24.73
N GLU B 498 -12.59 8.91 -24.47
CA GLU B 498 -13.45 9.40 -23.42
C GLU B 498 -14.42 10.38 -24.04
N ASN B 499 -14.61 11.46 -23.34
CA ASN B 499 -15.61 12.43 -23.65
C ASN B 499 -14.91 13.77 -23.74
N VAL B 500 -15.46 14.70 -24.54
CA VAL B 500 -14.78 15.99 -24.60
C VAL B 500 -14.93 16.64 -23.24
N VAL B 501 -13.81 16.91 -22.59
CA VAL B 501 -13.84 17.46 -21.24
C VAL B 501 -14.15 18.94 -21.37
N ILE B 502 -15.20 19.39 -20.70
CA ILE B 502 -15.63 20.77 -20.81
C ILE B 502 -14.89 21.56 -19.73
N VAL B 503 -14.06 22.49 -20.17
CA VAL B 503 -13.15 23.22 -19.29
C VAL B 503 -13.59 24.68 -19.28
N ASP B 504 -13.59 25.27 -18.08
CA ASP B 504 -13.95 26.67 -17.89
C ASP B 504 -12.67 27.39 -17.52
N GLN B 505 -12.12 28.11 -18.50
CA GLN B 505 -11.18 29.19 -18.23
C GLN B 505 -11.97 30.48 -18.44
N SER B 506 -12.27 31.16 -17.34
CA SER B 506 -12.79 32.51 -17.36
C SER B 506 -11.79 33.46 -16.72
N ASP B 507 -11.46 33.24 -15.45
CA ASP B 507 -10.21 33.71 -14.89
C ASP B 507 -9.25 32.54 -14.95
N ILE B 508 -8.03 32.78 -15.42
CA ILE B 508 -7.04 31.71 -15.54
C ILE B 508 -6.52 31.29 -14.16
N ALA B 509 -6.93 32.00 -13.11
CA ALA B 509 -6.55 31.61 -11.76
C ALA B 509 -7.23 30.31 -11.35
N ASN B 510 -8.53 30.17 -11.62
CA ASN B 510 -9.30 28.97 -11.26
C ASN B 510 -10.00 28.43 -12.50
N VAL B 511 -9.26 27.65 -13.28
CA VAL B 511 -9.79 26.97 -14.46
C VAL B 511 -10.22 25.57 -14.04
N ARG B 512 -11.49 25.23 -14.26
CA ARG B 512 -11.99 23.97 -13.71
C ARG B 512 -12.83 23.20 -14.73
N ILE B 513 -12.78 21.87 -14.59
CA ILE B 513 -13.57 20.97 -15.41
C ILE B 513 -15.00 21.00 -14.90
N ILE B 514 -15.96 21.29 -15.78
CA ILE B 514 -17.35 21.42 -15.37
C ILE B 514 -18.26 20.31 -15.88
N GLY B 515 -17.82 19.49 -16.82
CA GLY B 515 -18.68 18.44 -17.33
C GLY B 515 -18.14 17.80 -18.59
N GLU B 516 -18.92 16.85 -19.11
CA GLU B 516 -18.58 16.09 -20.31
C GLU B 516 -19.82 15.95 -21.19
N MET B 517 -19.59 15.60 -22.46
CA MET B 517 -20.66 15.42 -23.46
C MET B 517 -20.11 14.63 -24.64
N ASP B 518 -20.64 13.41 -24.87
CA ASP B 518 -19.92 12.41 -25.67
C ASP B 518 -19.49 12.95 -27.03
N ARG B 519 -18.32 12.48 -27.47
CA ARG B 519 -17.62 13.03 -28.62
C ARG B 519 -18.56 13.20 -29.81
N PHE B 520 -19.33 12.15 -30.13
CA PHE B 520 -20.20 12.21 -31.28
C PHE B 520 -21.27 13.28 -31.10
N SER B 521 -21.81 13.41 -29.88
CA SER B 521 -22.78 14.47 -29.63
C SER B 521 -22.11 15.83 -29.49
N ALA B 522 -20.90 15.88 -28.93
CA ALA B 522 -20.17 17.13 -28.82
C ALA B 522 -19.88 17.72 -30.19
N MET B 523 -19.88 16.86 -31.21
CA MET B 523 -19.65 17.31 -32.58
C MET B 523 -20.64 18.41 -32.96
N THR B 524 -21.90 18.25 -32.59
CA THR B 524 -22.91 19.24 -32.96
C THR B 524 -23.44 20.05 -31.78
N LEU B 525 -23.16 19.62 -30.55
CA LEU B 525 -23.71 20.28 -29.39
C LEU B 525 -22.67 21.13 -28.65
N LEU B 526 -21.39 20.98 -28.99
CA LEU B 526 -20.28 21.77 -28.45
C LEU B 526 -19.39 22.28 -29.57
N HIS B 527 -20.01 22.79 -30.64
CA HIS B 527 -19.23 23.36 -31.74
C HIS B 527 -18.59 24.67 -31.31
N ASP B 528 -17.80 25.26 -32.20
CA ASP B 528 -16.82 26.25 -31.79
C ASP B 528 -17.42 27.55 -31.26
N GLU B 529 -18.73 27.78 -31.40
CA GLU B 529 -19.35 28.88 -30.67
C GLU B 529 -20.73 28.51 -30.15
N ALA B 530 -20.95 27.24 -29.82
CA ALA B 530 -22.21 26.81 -29.25
C ALA B 530 -22.43 27.43 -27.87
N ILE B 531 -23.67 27.34 -27.40
CA ILE B 531 -24.02 27.67 -26.03
C ILE B 531 -24.33 26.37 -25.30
N TYR B 532 -23.56 26.08 -24.26
CA TYR B 532 -23.72 24.88 -23.46
C TYR B 532 -24.37 25.25 -22.13
N LEU B 533 -25.43 24.53 -21.77
CA LEU B 533 -26.19 24.77 -20.56
C LEU B 533 -25.91 23.66 -19.56
N HIS B 534 -25.27 24.02 -18.44
CA HIS B 534 -24.92 23.08 -17.38
C HIS B 534 -25.75 23.45 -16.16
N GLU B 535 -26.84 22.72 -15.95
CA GLU B 535 -27.83 23.01 -14.92
C GLU B 535 -28.18 24.49 -14.89
N GLY B 536 -28.72 24.96 -16.01
CA GLY B 536 -29.10 26.35 -16.14
C GLY B 536 -27.96 27.34 -16.28
N VAL B 537 -26.71 26.92 -16.07
CA VAL B 537 -25.60 27.85 -16.22
C VAL B 537 -25.23 27.95 -17.68
N GLN B 538 -25.13 29.18 -18.19
CA GLN B 538 -24.87 29.42 -19.60
C GLN B 538 -23.36 29.54 -19.82
N TYR B 539 -22.86 28.79 -20.80
CA TYR B 539 -21.47 28.84 -21.22
C TYR B 539 -21.44 29.02 -22.73
N GLN B 540 -20.41 29.66 -23.24
CA GLN B 540 -20.16 29.71 -24.67
C GLN B 540 -18.84 29.02 -24.96
N VAL B 541 -18.87 28.06 -25.89
CA VAL B 541 -17.66 27.37 -26.31
C VAL B 541 -16.75 28.37 -27.03
N GLU B 542 -15.59 28.63 -26.44
CA GLU B 542 -14.59 29.40 -27.18
C GLU B 542 -13.98 28.56 -28.28
N LYS B 543 -13.61 27.31 -27.97
CA LYS B 543 -13.03 26.45 -29.00
C LYS B 543 -13.12 24.99 -28.62
N LEU B 544 -13.43 24.14 -29.60
CA LEU B 544 -13.48 22.69 -29.41
C LEU B 544 -12.23 22.07 -30.02
N ASP B 545 -11.34 21.57 -29.17
CA ASP B 545 -10.15 20.83 -29.60
C ASP B 545 -10.59 19.37 -29.77
N TRP B 546 -10.86 18.99 -31.02
CA TRP B 546 -11.35 17.64 -31.31
C TRP B 546 -10.27 16.60 -31.07
N ASP B 547 -9.04 16.87 -31.50
CA ASP B 547 -7.98 15.87 -31.44
C ASP B 547 -7.68 15.44 -30.00
N HIS B 548 -7.73 16.38 -29.06
CA HIS B 548 -7.40 16.10 -27.68
C HIS B 548 -8.62 15.98 -26.78
N LYS B 549 -9.82 15.94 -27.36
CA LYS B 549 -11.08 15.80 -26.63
C LYS B 549 -11.18 16.83 -25.50
N LYS B 550 -11.18 18.10 -25.89
CA LYS B 550 -11.36 19.18 -24.92
C LYS B 550 -12.26 20.24 -25.51
N ALA B 551 -13.02 20.92 -24.65
CA ALA B 551 -13.93 21.98 -25.08
C ALA B 551 -13.75 23.16 -24.14
N TYR B 552 -13.06 24.20 -24.61
CA TYR B 552 -12.75 25.37 -23.80
C TYR B 552 -13.90 26.36 -23.95
N VAL B 553 -14.52 26.70 -22.81
CA VAL B 553 -15.71 27.54 -22.75
C VAL B 553 -15.51 28.63 -21.71
N ARG B 554 -16.34 29.67 -21.79
CA ARG B 554 -16.35 30.75 -20.81
C ARG B 554 -17.79 31.08 -20.44
N LYS B 555 -17.94 31.77 -19.31
CA LYS B 555 -19.26 32.05 -18.75
C LYS B 555 -19.86 33.27 -19.42
N VAL B 556 -21.06 33.11 -19.96
CA VAL B 556 -21.75 34.20 -20.64
C VAL B 556 -23.22 34.17 -20.24
N ASP B 557 -23.88 35.33 -20.35
CA ASP B 557 -25.33 35.40 -20.19
C ASP B 557 -25.87 35.91 -21.52
N VAL B 558 -26.30 34.98 -22.36
CA VAL B 558 -26.90 35.29 -23.65
C VAL B 558 -28.24 34.56 -23.69
N GLU B 559 -29.31 35.32 -23.90
CA GLU B 559 -30.65 34.77 -23.71
C GLU B 559 -31.13 34.04 -24.97
N TYR B 560 -30.34 33.04 -25.36
CA TYR B 560 -30.69 32.11 -26.44
C TYR B 560 -29.83 30.86 -26.28
N TYR B 561 -30.07 29.88 -27.15
CA TYR B 561 -29.34 28.61 -27.13
C TYR B 561 -29.16 28.10 -28.55
N THR B 562 -28.13 27.27 -28.73
CA THR B 562 -27.74 26.78 -30.05
C THR B 562 -28.18 25.33 -30.23
N ASP B 563 -28.53 24.98 -31.48
CA ASP B 563 -28.88 23.60 -31.79
C ASP B 563 -28.47 23.26 -33.22
N ALA B 564 -27.88 22.07 -33.40
CA ALA B 564 -27.44 21.62 -34.72
C ALA B 564 -27.94 20.19 -34.98
N ASN B 565 -28.10 19.87 -36.26
CA ASN B 565 -28.57 18.56 -36.70
C ASN B 565 -27.58 17.95 -37.69
N LEU B 566 -27.54 16.62 -37.73
CA LEU B 566 -26.56 15.87 -38.50
C LEU B 566 -27.22 15.22 -39.71
N ALA B 567 -26.77 15.60 -40.91
CA ALA B 567 -27.20 14.96 -42.15
C ALA B 567 -26.39 13.68 -42.35
N VAL B 568 -27.08 12.54 -42.39
CA VAL B 568 -26.42 11.24 -42.47
C VAL B 568 -26.58 10.65 -43.87
N GLN B 569 -25.49 10.08 -44.38
CA GLN B 569 -25.48 9.29 -45.60
C GLN B 569 -24.72 8.00 -45.34
N LEU B 570 -24.87 7.04 -46.25
CA LEU B 570 -24.33 5.71 -46.00
C LEU B 570 -23.87 5.03 -47.29
N LYS B 571 -22.65 4.47 -47.28
CA LYS B 571 -22.15 3.70 -48.41
C LYS B 571 -21.62 2.32 -48.03
N ILE B 575 -20.91 -4.49 -52.52
CA ILE B 575 -20.53 -5.48 -53.52
C ILE B 575 -19.70 -6.57 -52.83
N ASP B 576 -20.26 -7.19 -51.79
CA ASP B 576 -19.47 -8.22 -51.13
C ASP B 576 -20.17 -9.57 -51.00
N LYS B 577 -21.49 -9.60 -50.78
CA LYS B 577 -22.23 -10.84 -50.73
C LYS B 577 -23.64 -10.65 -51.28
N THR B 578 -24.18 -11.69 -51.90
CA THR B 578 -25.58 -11.68 -52.35
C THR B 578 -26.11 -13.10 -52.56
N ASP B 590 -19.43 -3.91 -47.14
CA ASP B 590 -18.76 -2.83 -46.41
C ASP B 590 -19.57 -1.54 -46.49
N VAL B 591 -19.86 -0.93 -45.34
CA VAL B 591 -20.55 0.35 -45.32
C VAL B 591 -19.91 1.26 -44.27
N THR B 592 -20.14 2.57 -44.43
CA THR B 592 -19.72 3.58 -43.47
C THR B 592 -20.85 4.59 -43.30
N VAL B 593 -21.19 4.91 -42.06
CA VAL B 593 -22.20 5.92 -41.77
C VAL B 593 -21.49 7.24 -41.52
N ASN B 594 -21.94 8.28 -42.23
CA ASN B 594 -21.35 9.61 -42.21
C ASN B 594 -22.40 10.62 -41.83
N ALA B 595 -22.11 11.45 -40.84
CA ALA B 595 -22.97 12.55 -40.45
C ALA B 595 -22.21 13.85 -40.68
N LEU B 596 -22.80 14.76 -41.46
CA LEU B 596 -22.05 15.95 -41.88
C LEU B 596 -22.43 17.15 -41.03
N PRO B 597 -21.50 17.71 -40.24
CA PRO B 597 -21.79 18.94 -39.52
C PRO B 597 -21.99 20.11 -40.47
N THR B 598 -23.23 20.60 -40.54
CA THR B 598 -23.61 21.65 -41.46
C THR B 598 -23.79 22.93 -40.66
N ILE B 599 -25.02 23.35 -40.38
CA ILE B 599 -25.28 24.65 -39.77
C ILE B 599 -26.00 24.45 -38.44
N PHE B 600 -25.74 25.36 -37.51
CA PHE B 600 -26.47 25.41 -36.25
C PHE B 600 -27.32 26.67 -36.19
N LYS B 601 -28.36 26.60 -35.37
CA LYS B 601 -29.36 27.65 -35.23
C LYS B 601 -29.30 28.26 -33.84
N LYS B 602 -29.48 29.58 -33.79
CA LYS B 602 -29.64 30.32 -32.55
C LYS B 602 -31.13 30.51 -32.30
N ILE B 603 -31.59 30.12 -31.12
CA ILE B 603 -33.01 30.17 -30.77
C ILE B 603 -33.16 30.84 -29.42
N LYS B 604 -34.00 31.87 -29.35
CA LYS B 604 -34.24 32.55 -28.09
C LYS B 604 -34.94 31.60 -27.12
N MET B 605 -34.48 31.59 -25.87
CA MET B 605 -34.96 30.60 -24.90
C MET B 605 -36.45 30.77 -24.62
N THR B 606 -36.94 32.01 -24.54
CA THR B 606 -38.32 32.23 -24.10
C THR B 606 -39.33 31.99 -25.22
N THR B 607 -39.03 32.41 -26.45
CA THR B 607 -40.00 32.35 -27.54
C THR B 607 -39.78 31.18 -28.49
N PHE B 608 -38.60 30.55 -28.45
CA PHE B 608 -38.28 29.39 -29.29
C PHE B 608 -38.30 29.71 -30.79
N GLU B 609 -37.81 30.89 -31.16
CA GLU B 609 -37.78 31.32 -32.55
C GLU B 609 -36.35 31.56 -33.01
N ASN B 610 -36.12 31.33 -34.30
CA ASN B 610 -34.77 31.44 -34.87
C ASN B 610 -34.33 32.90 -34.95
N ILE B 611 -33.15 33.19 -34.39
CA ILE B 611 -32.65 34.56 -34.30
C ILE B 611 -31.24 34.65 -34.91
N GLY B 612 -30.77 33.57 -35.52
CA GLY B 612 -29.45 33.59 -36.13
C GLY B 612 -29.03 32.20 -36.57
N SER B 613 -27.87 32.16 -37.23
CA SER B 613 -27.32 30.91 -37.74
C SER B 613 -25.80 30.96 -37.66
N GLY B 614 -25.17 29.78 -37.72
CA GLY B 614 -23.73 29.71 -37.70
C GLY B 614 -23.13 28.42 -38.25
N PRO B 615 -21.86 28.48 -38.66
CA PRO B 615 -21.20 27.32 -39.26
C PRO B 615 -20.56 26.39 -38.22
N ILE B 616 -20.39 25.14 -38.63
CA ILE B 616 -19.70 24.10 -37.84
C ILE B 616 -18.69 23.39 -38.74
N HIS B 617 -17.39 23.66 -38.52
CA HIS B 617 -16.29 23.12 -39.31
C HIS B 617 -15.61 21.99 -38.52
N LEU B 618 -16.04 20.76 -38.75
CA LEU B 618 -15.55 19.61 -38.01
C LEU B 618 -15.06 18.47 -38.90
N PRO B 619 -14.32 17.52 -38.33
CA PRO B 619 -13.69 16.47 -39.16
C PRO B 619 -14.66 15.51 -39.80
N GLU B 620 -15.84 15.30 -39.20
CA GLU B 620 -16.89 14.49 -39.81
C GLU B 620 -16.43 13.04 -39.98
N GLU B 621 -15.99 12.44 -38.89
CA GLU B 621 -15.43 11.10 -38.94
C GLU B 621 -16.56 10.08 -38.97
N GLU B 622 -16.41 9.09 -39.83
CA GLU B 622 -17.44 8.11 -40.16
C GLU B 622 -17.21 6.78 -39.45
N LEU B 623 -18.31 6.09 -39.19
CA LEU B 623 -18.24 4.77 -38.54
C LEU B 623 -18.24 3.69 -39.61
N HIS B 624 -17.25 2.80 -39.55
CA HIS B 624 -17.06 1.74 -40.53
C HIS B 624 -17.67 0.47 -39.98
N THR B 625 -18.58 -0.15 -40.72
CA THR B 625 -19.26 -1.34 -40.21
C THR B 625 -19.80 -2.15 -41.39
N SER B 626 -20.34 -3.32 -41.06
CA SER B 626 -20.97 -4.21 -42.03
C SER B 626 -22.48 -3.97 -42.06
N ALA B 627 -23.09 -4.37 -43.18
CA ALA B 627 -24.52 -4.18 -43.34
C ALA B 627 -25.10 -5.32 -44.16
N ALA B 628 -26.41 -5.50 -44.02
CA ALA B 628 -27.18 -6.35 -44.91
C ALA B 628 -28.12 -5.47 -45.73
N TRP B 629 -28.23 -5.79 -47.02
CA TRP B 629 -29.08 -5.03 -47.94
C TRP B 629 -29.27 -5.82 -49.22
N LEU B 630 -30.37 -5.51 -49.91
CA LEU B 630 -30.63 -5.93 -51.28
C LEU B 630 -31.79 -5.09 -51.80
N GLU B 631 -31.80 -4.88 -53.12
CA GLU B 631 -32.77 -3.97 -53.72
C GLU B 631 -33.86 -4.72 -54.50
N THR B 643 -46.30 6.94 -51.67
CA THR B 643 -45.21 6.63 -52.59
C THR B 643 -44.33 5.47 -52.13
N LEU B 644 -43.44 5.08 -53.03
CA LEU B 644 -42.55 3.96 -52.74
C LEU B 644 -41.74 4.27 -51.47
N GLU B 645 -41.37 5.53 -51.30
CA GLU B 645 -40.66 5.99 -50.11
C GLU B 645 -41.37 5.57 -48.84
N GLN B 646 -42.65 5.88 -48.78
CA GLN B 646 -43.33 5.71 -47.51
C GLN B 646 -43.62 4.24 -47.26
N LEU B 647 -44.04 3.46 -48.27
CA LEU B 647 -44.21 2.05 -47.88
C LEU B 647 -42.86 1.41 -47.56
N LEU B 648 -41.77 1.93 -48.09
CA LEU B 648 -40.45 1.35 -47.84
C LEU B 648 -39.95 1.73 -46.43
N LEU B 649 -40.16 2.98 -46.01
CA LEU B 649 -39.99 3.36 -44.61
C LEU B 649 -40.80 2.46 -43.68
N GLY B 650 -42.05 2.19 -44.04
CA GLY B 650 -42.85 1.30 -43.25
C GLY B 650 -42.21 -0.07 -43.10
N ILE B 651 -41.69 -0.61 -44.21
CA ILE B 651 -40.95 -1.86 -44.15
C ILE B 651 -39.78 -1.72 -43.19
N SER B 652 -39.09 -0.58 -43.21
CA SER B 652 -37.95 -0.38 -42.32
C SER B 652 -38.37 -0.48 -40.86
N ASN B 653 -39.49 0.15 -40.49
CA ASN B 653 -39.96 0.08 -39.11
C ASN B 653 -40.32 -1.35 -38.72
N VAL B 654 -41.05 -2.06 -39.59
CA VAL B 654 -41.43 -3.43 -39.25
C VAL B 654 -40.18 -4.31 -39.13
N LEU B 655 -39.18 -4.06 -39.97
CA LEU B 655 -37.91 -4.75 -39.83
C LEU B 655 -37.25 -4.44 -38.49
N GLN B 656 -37.31 -3.19 -38.05
CA GLN B 656 -36.76 -2.87 -36.73
C GLN B 656 -37.46 -3.62 -35.61
N HIS B 657 -38.75 -3.94 -35.79
CA HIS B 657 -39.38 -4.81 -34.78
C HIS B 657 -38.96 -6.27 -34.92
N ILE B 658 -38.94 -6.80 -36.14
CA ILE B 658 -38.75 -8.24 -36.32
C ILE B 658 -37.28 -8.64 -36.13
N VAL B 659 -36.36 -7.82 -36.63
CA VAL B 659 -34.95 -8.22 -36.62
C VAL B 659 -34.43 -8.45 -35.22
N PRO B 660 -34.55 -7.52 -34.26
CA PRO B 660 -34.03 -7.81 -32.91
C PRO B 660 -34.61 -9.07 -32.29
N VAL B 661 -35.87 -9.37 -32.57
CA VAL B 661 -36.53 -10.53 -31.98
C VAL B 661 -35.88 -11.82 -32.46
N TYR B 662 -35.72 -11.98 -33.78
CA TYR B 662 -35.15 -13.23 -34.28
C TYR B 662 -33.66 -13.36 -33.98
N ILE B 663 -32.88 -12.28 -34.14
CA ILE B 663 -31.44 -12.44 -34.05
C ILE B 663 -30.97 -12.20 -32.62
N MET B 664 -31.93 -12.28 -31.67
CA MET B 664 -31.75 -11.97 -30.25
C MET B 664 -30.77 -10.84 -29.95
N CYS B 665 -31.21 -9.59 -30.14
CA CYS B 665 -30.40 -8.44 -29.80
C CYS B 665 -31.33 -7.34 -29.30
N ASP B 666 -30.74 -6.20 -28.97
CA ASP B 666 -31.51 -5.04 -28.54
C ASP B 666 -31.87 -4.17 -29.73
N ARG B 667 -32.89 -3.33 -29.55
CA ARG B 667 -33.33 -2.47 -30.64
C ARG B 667 -32.25 -1.48 -31.06
N ASN B 668 -31.36 -1.11 -30.13
CA ASN B 668 -30.29 -0.16 -30.40
C ASN B 668 -29.01 -0.82 -30.90
N ASP B 669 -28.95 -2.15 -30.91
CA ASP B 669 -27.79 -2.86 -31.41
C ASP B 669 -27.77 -2.98 -32.93
N VAL B 670 -28.81 -2.52 -33.62
CA VAL B 670 -28.87 -2.59 -35.08
C VAL B 670 -29.81 -1.50 -35.59
N HIS B 671 -29.35 -0.72 -36.56
CA HIS B 671 -30.17 0.32 -37.16
C HIS B 671 -30.62 -0.10 -38.54
N VAL B 672 -31.84 0.28 -38.91
CA VAL B 672 -32.42 -0.03 -40.21
C VAL B 672 -32.85 1.28 -40.86
N VAL B 673 -32.12 1.70 -41.88
CA VAL B 673 -32.43 2.93 -42.60
C VAL B 673 -32.81 2.57 -44.03
N SER B 674 -33.83 3.24 -44.56
CA SER B 674 -34.31 3.00 -45.90
C SER B 674 -34.05 4.22 -46.78
N GLN B 675 -33.66 3.99 -48.03
CA GLN B 675 -33.39 5.07 -48.95
C GLN B 675 -33.94 4.75 -50.32
N ILE B 676 -34.57 5.76 -50.92
CA ILE B 676 -35.27 5.61 -52.19
C ILE B 676 -34.31 5.79 -53.36
N LYS B 677 -33.23 6.53 -53.17
CA LYS B 677 -32.28 6.85 -54.23
C LYS B 677 -30.90 6.52 -53.67
N ALA B 678 -30.58 5.24 -53.66
CA ALA B 678 -29.26 4.77 -53.22
C ALA B 678 -28.17 5.37 -54.11
N ALA B 679 -27.02 5.64 -53.48
CA ALA B 679 -25.96 6.34 -54.21
C ALA B 679 -25.25 5.43 -55.22
N HIS B 680 -25.00 4.16 -54.87
CA HIS B 680 -24.14 3.32 -55.68
C HIS B 680 -24.89 2.56 -56.78
N THR B 681 -26.19 2.35 -56.65
CA THR B 681 -26.97 1.72 -57.70
C THR B 681 -28.11 2.58 -58.23
N GLY B 682 -28.71 3.41 -57.39
CA GLY B 682 -29.88 4.18 -57.76
C GLY B 682 -31.21 3.50 -57.48
N LEU B 683 -31.20 2.19 -57.21
CA LEU B 683 -32.43 1.47 -56.92
C LEU B 683 -32.73 1.57 -55.42
N PRO B 684 -34.00 1.74 -55.05
CA PRO B 684 -34.34 1.82 -53.62
C PRO B 684 -33.84 0.61 -52.84
N THR B 685 -33.31 0.88 -51.64
CA THR B 685 -32.66 -0.14 -50.83
C THR B 685 -32.91 0.15 -49.35
N ILE B 686 -32.96 -0.93 -48.58
CA ILE B 686 -33.06 -0.85 -47.12
C ILE B 686 -31.79 -1.44 -46.54
N PHE B 687 -31.07 -0.64 -45.76
CA PHE B 687 -29.83 -1.05 -45.13
C PHE B 687 -30.08 -1.39 -43.68
N LEU B 688 -29.45 -2.47 -43.22
CA LEU B 688 -29.43 -2.84 -41.81
C LEU B 688 -27.97 -2.90 -41.41
N TYR B 689 -27.53 -2.00 -40.54
CA TYR B 689 -26.14 -1.96 -40.11
C TYR B 689 -26.07 -2.10 -38.60
N ASP B 690 -25.19 -3.01 -38.16
CA ASP B 690 -24.91 -3.20 -36.74
C ASP B 690 -24.03 -2.08 -36.22
N HIS B 691 -24.08 -1.88 -34.90
CA HIS B 691 -23.72 -0.61 -34.29
C HIS B 691 -22.25 -0.50 -33.89
N TYR B 692 -21.59 -1.60 -33.55
CA TYR B 692 -20.19 -1.51 -33.11
C TYR B 692 -19.25 -1.16 -34.27
N PRO B 693 -18.15 -0.47 -33.98
CA PRO B 693 -17.17 -0.16 -35.05
C PRO B 693 -16.68 -1.42 -35.75
N GLY B 694 -16.18 -2.39 -35.00
CA GLY B 694 -15.97 -3.70 -35.58
C GLY B 694 -17.33 -4.29 -35.86
N GLY B 695 -17.56 -4.71 -37.10
CA GLY B 695 -18.83 -5.30 -37.43
C GLY B 695 -19.09 -6.54 -36.59
N ILE B 696 -20.13 -6.50 -35.77
CA ILE B 696 -20.37 -7.56 -34.79
C ILE B 696 -21.38 -8.59 -35.31
N GLY B 697 -21.61 -8.63 -36.62
CA GLY B 697 -22.28 -9.78 -37.20
C GLY B 697 -23.77 -9.78 -37.10
N LEU B 698 -24.39 -8.69 -36.64
CA LEU B 698 -25.85 -8.65 -36.60
C LEU B 698 -26.41 -8.54 -38.02
N ALA B 699 -25.84 -7.63 -38.83
CA ALA B 699 -26.29 -7.51 -40.20
C ALA B 699 -25.99 -8.77 -41.00
N GLU B 700 -24.84 -9.40 -40.75
CA GLU B 700 -24.52 -10.66 -41.41
C GLU B 700 -25.57 -11.72 -41.09
N GLU B 701 -25.94 -11.85 -39.81
CA GLU B 701 -26.96 -12.82 -39.41
C GLU B 701 -28.34 -12.46 -39.98
N VAL B 702 -28.61 -11.17 -40.15
CA VAL B 702 -29.86 -10.74 -40.80
C VAL B 702 -29.89 -11.23 -42.24
N PHE B 703 -28.80 -11.02 -42.98
CA PHE B 703 -28.70 -11.54 -44.34
C PHE B 703 -28.83 -13.05 -44.37
N LYS B 704 -28.15 -13.73 -43.44
CA LYS B 704 -28.05 -15.19 -43.46
C LYS B 704 -29.40 -15.86 -43.25
N ARG B 705 -30.11 -15.49 -42.19
CA ARG B 705 -31.42 -16.08 -41.88
C ARG B 705 -32.57 -15.25 -42.44
N PHE B 706 -32.36 -14.53 -43.55
CA PHE B 706 -33.30 -13.50 -43.96
C PHE B 706 -34.67 -14.05 -44.32
N SER B 707 -34.76 -15.31 -44.74
CA SER B 707 -36.07 -15.87 -45.06
C SER B 707 -36.98 -15.86 -43.84
N ASP B 708 -36.44 -16.25 -42.68
CA ASP B 708 -37.23 -16.24 -41.45
C ASP B 708 -37.68 -14.83 -41.08
N ILE B 709 -36.74 -13.87 -41.09
CA ILE B 709 -37.09 -12.47 -40.80
C ILE B 709 -38.16 -11.99 -41.76
N ASN B 710 -37.99 -12.24 -43.06
CA ASN B 710 -38.94 -11.74 -44.04
C ASN B 710 -40.34 -12.30 -43.80
N GLU B 711 -40.47 -13.63 -43.70
CA GLU B 711 -41.80 -14.21 -43.64
C GLU B 711 -42.46 -14.01 -42.28
N ALA B 712 -41.71 -14.11 -41.19
CA ALA B 712 -42.30 -13.79 -39.89
C ALA B 712 -42.62 -12.31 -39.78
N ALA B 713 -41.88 -11.46 -40.50
CA ALA B 713 -42.26 -10.06 -40.56
C ALA B 713 -43.61 -9.91 -41.22
N LYS B 714 -43.77 -10.51 -42.41
CA LYS B 714 -45.08 -10.52 -43.08
C LYS B 714 -46.17 -10.98 -42.13
N GLN B 715 -45.90 -12.02 -41.35
CA GLN B 715 -46.86 -12.45 -40.33
C GLN B 715 -47.23 -11.28 -39.41
N LEU B 716 -46.22 -10.51 -38.98
CA LEU B 716 -46.51 -9.41 -38.07
C LEU B 716 -47.30 -8.29 -38.77
N ILE B 717 -46.97 -7.97 -40.03
CA ILE B 717 -47.73 -6.92 -40.71
C ILE B 717 -49.19 -7.32 -40.84
N THR B 718 -49.44 -8.54 -41.32
CA THR B 718 -50.82 -8.90 -41.63
C THR B 718 -51.63 -9.26 -40.38
N HIS B 719 -51.01 -9.82 -39.34
CA HIS B 719 -51.71 -10.28 -38.15
C HIS B 719 -51.66 -9.28 -36.99
N CYS B 720 -51.42 -8.00 -37.28
CA CYS B 720 -51.44 -7.00 -36.20
C CYS B 720 -52.89 -6.62 -35.90
N PRO B 721 -53.30 -6.60 -34.63
CA PRO B 721 -54.73 -6.47 -34.32
C PRO B 721 -55.34 -5.12 -34.67
N CYS B 722 -54.53 -4.11 -34.95
CA CYS B 722 -55.06 -2.77 -35.14
C CYS B 722 -55.48 -2.55 -36.59
N HIS B 723 -56.25 -1.48 -36.79
CA HIS B 723 -56.47 -0.97 -38.13
C HIS B 723 -55.28 -0.07 -38.49
N ASP B 724 -55.22 0.34 -39.75
CA ASP B 724 -54.04 0.93 -40.39
C ASP B 724 -52.71 0.56 -39.71
N GLY B 725 -52.08 1.51 -39.04
CA GLY B 725 -50.76 1.30 -38.48
C GLY B 725 -50.71 1.63 -37.00
N CYS B 726 -49.85 0.90 -36.31
CA CYS B 726 -49.56 1.11 -34.88
C CYS B 726 -48.05 1.11 -34.72
N PRO B 727 -47.53 1.54 -33.53
CA PRO B 727 -46.06 1.59 -33.38
C PRO B 727 -45.42 0.22 -33.27
N SER B 728 -46.21 -0.82 -33.50
CA SER B 728 -45.70 -2.16 -33.72
C SER B 728 -45.67 -2.50 -35.21
N CYS B 729 -46.08 -1.56 -36.06
CA CYS B 729 -46.08 -1.72 -37.50
C CYS B 729 -45.43 -0.48 -38.12
N ILE B 730 -46.25 0.43 -38.66
CA ILE B 730 -45.73 1.65 -39.26
C ILE B 730 -46.52 2.85 -38.74
N GLY B 731 -46.30 4.02 -39.33
CA GLY B 731 -47.15 5.16 -39.06
C GLY B 731 -47.92 5.65 -40.27
N THR B 732 -48.10 4.77 -41.25
CA THR B 732 -48.83 5.07 -42.49
C THR B 732 -48.26 6.27 -43.24
N LYS B 738 -54.55 6.23 -48.07
CA LYS B 738 -53.41 5.35 -47.80
C LYS B 738 -53.88 4.01 -47.19
N ALA B 739 -53.58 2.92 -47.89
CA ALA B 739 -53.94 1.58 -47.47
C ALA B 739 -52.70 0.84 -46.99
N LYS B 740 -52.93 -0.32 -46.38
CA LYS B 740 -51.89 -1.05 -45.65
C LYS B 740 -51.49 -2.36 -46.32
N GLU B 741 -52.43 -3.00 -47.02
CA GLU B 741 -52.12 -4.17 -47.85
C GLU B 741 -50.93 -3.91 -48.76
N ARG B 742 -50.72 -2.65 -49.17
CA ARG B 742 -49.58 -2.31 -50.02
C ARG B 742 -48.28 -2.79 -49.41
N ILE B 743 -48.10 -2.57 -48.09
CA ILE B 743 -46.91 -3.08 -47.40
C ILE B 743 -46.81 -4.58 -47.62
N LEU B 744 -47.91 -5.29 -47.35
CA LEU B 744 -47.96 -6.73 -47.52
C LEU B 744 -47.64 -7.13 -48.94
N GLN B 745 -47.95 -6.27 -49.90
CA GLN B 745 -47.60 -6.53 -51.29
C GLN B 745 -46.08 -6.61 -51.45
N LEU B 746 -45.38 -5.56 -51.04
CA LEU B 746 -43.99 -5.42 -51.48
C LEU B 746 -43.12 -6.51 -50.87
N LEU B 747 -43.43 -6.94 -49.65
CA LEU B 747 -42.66 -8.00 -49.00
C LEU B 747 -42.72 -9.31 -49.76
N ASP B 748 -43.75 -9.53 -50.57
CA ASP B 748 -43.80 -10.76 -51.37
C ASP B 748 -42.60 -10.87 -52.30
N GLN B 749 -42.28 -9.78 -52.99
CA GLN B 749 -41.17 -9.76 -53.94
C GLN B 749 -39.80 -9.84 -53.26
#